data_7EXQ
#
_entry.id   7EXQ
#
_cell.length_a   97.710
_cell.length_b   104.101
_cell.length_c   182.420
_cell.angle_alpha   90.000
_cell.angle_beta   90.000
_cell.angle_gamma   90.000
#
_symmetry.space_group_name_H-M   'P 21 21 21'
#
loop_
_entity.id
_entity.type
_entity.pdbx_description
1 polymer 'Probable galactinol--sucrose galactosyltransferase 6'
2 branched beta-D-fructofuranose-(2-1)-alpha-D-glucopyranose
3 non-polymer beta-D-galactopyranose
4 water water
#
_entity_poly.entity_id   1
_entity_poly.type   'polypeptide(L)'
_entity_poly.pdbx_seq_one_letter_code
;MTIKPAVRISDGNLIIKNRTILTGVPDNVITTSASEAGPVEGVFVGAVFNKEESKHIVPIGTLRNSRFMSCFRFKLWWMA
QRMGEMGRDIPYETQFLLVESNDGSHLESDGANGVECNQKVYTVFLPLIEGSFRSCLQGNVNDEVELCLESGDVDTKRSS
FTHSLYIHAGTDPFQTITDAIRTVKLHLNSFRQRHEKKLPGIVDYFGWCTWDAFYQEVTQEGVEAGLKSLAAGGTPPKFV
IIDDGWQSVERDATVEAGDEKKESPIFRLTGIKENEKFKKKDDPNVGIKNIVKIAKEKHGLRYVYVWHAITGYWGGVRPG
EEYGSVMKYPNMSKGVVENDPTWKTDVMTLQGLGLVSPKKVYKFYNELHSYLADAGVDGVKVAVQCVLETLGGGLGGRVE
LTRQFHQALDSSVAKNFPDNGCIACMSHNTDALYCSKQAAVIRASDDFYPRDPVSHTIHIASVAYNSVFLGEFMQPDWDM
FHSVHPAAEYHASARAISGGPLYVSDSPGKHNFELLRKLVLPDGSILRARLPGRPTRDCLFADPARDGVSLLKIWNMNKY
TGVLGVYNCQGAAWSSTERKNIFHQTKTDSLTGSIRGRDVHSISEASTDPTTWNGDCAVYSQSRGELIVMPYNVSLPVSL
KIREHEIFTVSPISHLVDGVSFAPIGLVNMYNSGGAIEGLRYEAEKMKVVMEVKGCGKFGSYSSVKPKRCVVESNEIAFE
YDSSSGLVTFELDKMPIENKRFHLIQVEL
;
_entity_poly.pdbx_strand_id   B,A
#
# COMPACT_ATOMS: atom_id res chain seq x y z
N PRO A 5 -33.95 -8.26 25.43
CA PRO A 5 -33.23 -8.78 24.24
C PRO A 5 -33.04 -7.81 23.04
N ALA A 6 -33.79 -6.70 22.97
CA ALA A 6 -33.46 -5.48 22.16
C ALA A 6 -33.90 -5.46 20.69
N VAL A 7 -33.55 -6.51 19.94
CA VAL A 7 -34.04 -6.73 18.59
C VAL A 7 -34.57 -8.16 18.51
N ARG A 8 -35.89 -8.29 18.39
CA ARG A 8 -36.58 -9.55 18.66
C ARG A 8 -37.95 -9.64 18.00
N ILE A 9 -38.37 -10.89 17.81
CA ILE A 9 -39.64 -11.20 17.19
C ILE A 9 -40.47 -11.84 18.28
N SER A 10 -41.65 -11.27 18.52
CA SER A 10 -42.54 -11.72 19.57
C SER A 10 -43.97 -11.49 19.10
N ASP A 11 -44.78 -12.55 19.25
CA ASP A 11 -46.12 -12.55 18.73
C ASP A 11 -45.93 -12.38 17.21
N GLY A 12 -46.67 -11.53 16.52
CA GLY A 12 -46.38 -11.40 15.06
C GLY A 12 -45.30 -10.39 14.60
N ASN A 13 -44.51 -9.86 15.53
CA ASN A 13 -43.99 -8.52 15.40
C ASN A 13 -42.47 -8.45 15.48
N LEU A 14 -41.83 -7.70 14.59
CA LEU A 14 -40.41 -7.36 14.82
C LEU A 14 -40.35 -6.17 15.80
N ILE A 15 -39.80 -6.41 16.98
CA ILE A 15 -39.71 -5.34 18.00
C ILE A 15 -38.27 -4.83 18.19
N ILE A 16 -38.14 -3.51 18.23
CA ILE A 16 -36.88 -2.80 18.34
C ILE A 16 -36.94 -1.84 19.53
N LYS A 17 -36.25 -2.13 20.62
CA LYS A 17 -36.22 -1.27 21.81
C LYS A 17 -37.67 -0.87 22.21
N ASN A 18 -38.48 -1.89 22.46
CA ASN A 18 -39.92 -1.74 22.80
C ASN A 18 -40.73 -0.93 21.80
N ARG A 19 -40.34 -0.95 20.53
CA ARG A 19 -41.13 -0.31 19.48
C ARG A 19 -41.35 -1.32 18.40
N THR A 20 -42.57 -1.40 17.91
CA THR A 20 -42.92 -2.32 16.84
C THR A 20 -42.55 -1.71 15.47
N ILE A 21 -41.66 -2.37 14.72
CA ILE A 21 -41.27 -1.82 13.42
C ILE A 21 -41.99 -2.54 12.31
N LEU A 22 -42.12 -3.85 12.44
CA LEU A 22 -42.88 -4.65 11.47
C LEU A 22 -43.89 -5.53 12.21
N THR A 23 -45.06 -5.70 11.59
CA THR A 23 -46.08 -6.64 12.05
C THR A 23 -46.22 -7.73 11.01
N GLY A 24 -46.71 -8.88 11.45
CA GLY A 24 -47.09 -9.95 10.54
C GLY A 24 -45.86 -10.62 9.94
N VAL A 25 -44.88 -10.84 10.80
CA VAL A 25 -43.68 -11.50 10.40
C VAL A 25 -44.08 -12.93 10.32
N PRO A 26 -44.03 -13.55 9.15
CA PRO A 26 -44.46 -14.94 9.04
C PRO A 26 -43.56 -15.93 9.79
N ASP A 27 -44.09 -17.14 9.99
CA ASP A 27 -43.50 -18.17 10.85
C ASP A 27 -42.20 -18.70 10.28
N ASN A 28 -42.08 -18.80 8.96
CA ASN A 28 -40.84 -19.30 8.35
C ASN A 28 -39.62 -18.34 8.38
N VAL A 29 -39.79 -17.10 8.84
CA VAL A 29 -38.68 -16.16 8.99
C VAL A 29 -37.97 -16.41 10.29
N ILE A 30 -36.72 -16.90 10.23
CA ILE A 30 -35.92 -17.24 11.43
C ILE A 30 -34.86 -16.19 11.75
N THR A 31 -34.59 -15.98 13.04
CA THR A 31 -33.56 -15.07 13.47
C THR A 31 -32.50 -15.73 14.30
N THR A 32 -31.29 -15.17 14.25
CA THR A 32 -30.24 -15.45 15.25
C THR A 32 -29.32 -14.26 15.49
N SER A 33 -28.88 -14.16 16.74
CA SER A 33 -27.89 -13.19 17.21
C SER A 33 -26.57 -13.83 17.64
N ALA A 34 -26.49 -15.17 17.53
CA ALA A 34 -25.26 -15.92 17.88
C ALA A 34 -24.12 -15.56 16.95
N SER A 35 -22.93 -15.45 17.48
CA SER A 35 -21.78 -15.27 16.64
C SER A 35 -20.59 -15.91 17.29
N GLU A 36 -19.65 -16.30 16.47
CA GLU A 36 -18.21 -16.18 16.73
C GLU A 36 -17.82 -15.45 18.10
N ALA A 37 -18.32 -14.22 18.37
CA ALA A 37 -17.86 -13.34 19.49
C ALA A 37 -18.71 -12.93 20.80
N GLY A 38 -19.78 -13.59 21.24
CA GLY A 38 -20.84 -14.20 20.47
C GLY A 38 -22.00 -13.21 20.43
N PRO A 39 -22.83 -13.13 21.49
CA PRO A 39 -24.05 -12.32 21.39
C PRO A 39 -23.87 -10.90 20.76
N VAL A 40 -24.60 -10.68 19.67
CA VAL A 40 -24.44 -9.54 18.74
C VAL A 40 -25.67 -8.67 18.97
N GLU A 41 -25.57 -7.34 18.92
CA GLU A 41 -26.73 -6.44 19.29
C GLU A 41 -27.74 -6.10 18.16
N GLY A 42 -28.04 -7.09 17.36
CA GLY A 42 -29.03 -6.96 16.32
C GLY A 42 -29.35 -8.39 16.00
N VAL A 43 -29.73 -8.66 14.77
CA VAL A 43 -30.23 -9.96 14.41
C VAL A 43 -29.95 -10.26 12.93
N PHE A 44 -29.40 -11.42 12.69
CA PHE A 44 -29.30 -11.93 11.36
C PHE A 44 -30.60 -12.60 11.07
N VAL A 45 -31.07 -12.44 9.84
CA VAL A 45 -32.37 -12.93 9.49
C VAL A 45 -32.23 -13.79 8.27
N GLY A 46 -32.93 -14.91 8.27
CA GLY A 46 -33.10 -15.72 7.06
C GLY A 46 -34.48 -16.35 7.08
N ALA A 47 -34.66 -17.45 6.34
CA ALA A 47 -35.95 -18.09 6.26
C ALA A 47 -35.76 -19.50 5.75
N VAL A 48 -36.77 -20.37 5.89
CA VAL A 48 -36.69 -21.72 5.27
C VAL A 48 -37.89 -21.88 4.35
N PHE A 49 -37.64 -22.38 3.16
CA PHE A 49 -38.65 -22.59 2.14
C PHE A 49 -38.81 -24.08 1.99
N ASN A 50 -39.86 -24.43 1.27
CA ASN A 50 -40.16 -25.83 1.02
C ASN A 50 -39.27 -26.36 -0.06
N LYS A 51 -39.12 -25.54 -1.12
CA LYS A 51 -38.48 -25.92 -2.37
C LYS A 51 -37.04 -25.34 -2.52
N GLU A 52 -36.19 -26.13 -3.16
CA GLU A 52 -34.85 -25.74 -3.59
C GLU A 52 -35.01 -24.84 -4.80
N GLU A 53 -34.59 -23.57 -4.72
CA GLU A 53 -34.71 -22.66 -5.87
C GLU A 53 -33.51 -21.72 -6.06
N SER A 54 -33.35 -21.22 -7.29
CA SER A 54 -32.36 -20.19 -7.62
C SER A 54 -32.82 -18.76 -7.33
N LYS A 55 -34.12 -18.58 -7.02
CA LYS A 55 -34.72 -17.30 -6.67
C LYS A 55 -35.84 -17.53 -5.63
N HIS A 56 -35.87 -16.74 -4.54
CA HIS A 56 -36.92 -16.76 -3.52
C HIS A 56 -37.32 -15.31 -3.12
N ILE A 57 -38.62 -15.07 -2.92
CA ILE A 57 -39.16 -13.83 -2.36
C ILE A 57 -39.77 -14.26 -1.04
N VAL A 58 -39.46 -13.59 0.07
CA VAL A 58 -40.12 -13.88 1.35
C VAL A 58 -40.46 -12.59 2.10
N PRO A 59 -41.72 -12.48 2.58
CA PRO A 59 -42.05 -11.31 3.42
C PRO A 59 -41.35 -11.28 4.77
N ILE A 60 -40.71 -10.17 5.14
CA ILE A 60 -40.11 -10.05 6.50
C ILE A 60 -41.12 -9.52 7.51
N GLY A 61 -42.05 -8.72 7.02
CA GLY A 61 -43.13 -8.19 7.83
C GLY A 61 -43.74 -7.00 7.11
N THR A 62 -44.62 -6.29 7.80
CA THR A 62 -45.40 -5.23 7.26
C THR A 62 -44.89 -3.94 7.89
N LEU A 63 -44.53 -2.97 7.06
CA LEU A 63 -44.02 -1.68 7.52
C LEU A 63 -45.05 -0.58 7.18
N ARG A 64 -45.53 0.13 8.20
CA ARG A 64 -46.52 1.21 8.04
C ARG A 64 -46.22 2.26 9.08
N ASN A 65 -46.33 3.53 8.73
CA ASN A 65 -46.23 4.63 9.72
C ASN A 65 -44.82 4.82 10.30
N SER A 66 -43.80 4.47 9.53
CA SER A 66 -42.41 4.58 10.00
C SER A 66 -41.60 5.22 8.87
N ARG A 67 -41.01 6.38 9.09
CA ARG A 67 -40.21 7.04 8.07
C ARG A 67 -38.95 6.22 7.79
N PHE A 68 -38.64 6.08 6.49
CA PHE A 68 -37.46 5.43 6.03
C PHE A 68 -36.72 6.22 4.94
N MET A 69 -35.43 5.90 4.77
CA MET A 69 -34.60 6.31 3.61
C MET A 69 -33.99 5.05 3.01
N SER A 70 -34.01 5.01 1.68
CA SER A 70 -33.53 3.84 0.95
C SER A 70 -32.61 4.24 -0.15
N CYS A 71 -31.61 3.40 -0.37
CA CYS A 71 -30.84 3.46 -1.60
C CYS A 71 -31.11 2.21 -2.37
N PHE A 72 -31.53 2.45 -3.60
CA PHE A 72 -32.02 1.43 -4.47
C PHE A 72 -31.34 1.66 -5.82
N ARG A 73 -31.17 0.56 -6.54
CA ARG A 73 -30.58 0.59 -7.86
C ARG A 73 -31.60 1.00 -8.91
N PHE A 74 -31.49 2.21 -9.44
CA PHE A 74 -32.32 2.60 -10.57
C PHE A 74 -31.81 2.11 -11.94
N LYS A 75 -30.53 1.78 -12.00
CA LYS A 75 -29.93 1.05 -13.10
C LYS A 75 -29.11 -0.06 -12.46
N LEU A 76 -28.76 -1.02 -13.26
CA LEU A 76 -27.86 -2.08 -12.86
C LEU A 76 -26.65 -1.57 -12.05
N TRP A 77 -26.10 -0.45 -12.51
CA TRP A 77 -24.82 0.04 -12.12
C TRP A 77 -24.92 0.96 -10.92
N TRP A 78 -26.06 1.59 -10.67
CA TRP A 78 -26.07 2.75 -9.80
C TRP A 78 -27.32 2.87 -8.92
N MET A 79 -27.17 3.51 -7.77
CA MET A 79 -28.22 3.69 -6.81
C MET A 79 -28.57 5.14 -6.84
N ALA A 80 -29.77 5.37 -6.32
CA ALA A 80 -30.24 6.67 -5.88
C ALA A 80 -31.15 6.50 -4.67
N GLN A 81 -31.72 7.60 -4.17
CA GLN A 81 -32.40 7.64 -2.89
C GLN A 81 -33.90 7.62 -3.08
N ARG A 82 -34.61 6.98 -2.17
CA ARG A 82 -36.07 7.13 -2.05
C ARG A 82 -36.46 7.12 -0.58
N MET A 83 -37.36 8.03 -0.18
CA MET A 83 -37.86 8.11 1.21
C MET A 83 -39.36 7.69 1.20
N GLY A 84 -39.93 7.48 2.37
CA GLY A 84 -41.29 7.06 2.47
C GLY A 84 -41.62 6.64 3.85
N GLU A 85 -42.88 6.25 4.02
CA GLU A 85 -43.45 5.83 5.29
C GLU A 85 -44.10 4.46 5.28
N MET A 86 -44.28 3.88 4.10
CA MET A 86 -45.07 2.70 3.94
C MET A 86 -44.24 1.70 3.14
N GLY A 87 -44.33 0.44 3.50
CA GLY A 87 -43.63 -0.58 2.75
C GLY A 87 -43.86 -0.55 1.24
N ARG A 88 -45.05 -0.18 0.81
CA ARG A 88 -45.34 -0.16 -0.61
C ARG A 88 -44.43 0.76 -1.40
N ASP A 89 -43.81 1.74 -0.69
CA ASP A 89 -42.90 2.74 -1.23
C ASP A 89 -41.40 2.32 -1.34
N ILE A 90 -41.04 1.17 -0.79
CA ILE A 90 -39.71 0.62 -0.87
C ILE A 90 -39.46 0.12 -2.29
N PRO A 91 -38.48 0.72 -3.02
CA PRO A 91 -38.30 0.32 -4.43
C PRO A 91 -37.83 -1.06 -4.57
N TYR A 92 -38.02 -1.60 -5.78
CA TYR A 92 -37.27 -2.80 -6.14
C TYR A 92 -35.75 -2.48 -6.03
N GLU A 93 -34.98 -3.47 -5.67
CA GLU A 93 -33.54 -3.44 -5.66
C GLU A 93 -33.03 -2.45 -4.61
N THR A 94 -33.71 -2.42 -3.49
CA THR A 94 -33.26 -1.66 -2.31
C THR A 94 -32.15 -2.42 -1.66
N GLN A 95 -30.98 -1.80 -1.60
CA GLN A 95 -29.78 -2.44 -1.07
C GLN A 95 -29.46 -1.94 0.32
N PHE A 96 -30.03 -0.80 0.70
CA PHE A 96 -29.83 -0.28 2.05
C PHE A 96 -31.06 0.46 2.50
N LEU A 97 -31.51 0.16 3.71
CA LEU A 97 -32.75 0.72 4.28
C LEU A 97 -32.57 1.19 5.71
N LEU A 98 -32.81 2.46 5.95
CA LEU A 98 -32.69 3.06 7.27
C LEU A 98 -34.06 3.56 7.79
N VAL A 99 -34.44 3.14 9.01
CA VAL A 99 -35.80 3.41 9.55
C VAL A 99 -35.69 4.19 10.85
N GLU A 100 -36.54 5.19 10.99
CA GLU A 100 -36.59 6.09 12.15
C GLU A 100 -37.83 5.76 12.97
N SER A 101 -37.72 5.81 14.28
CA SER A 101 -38.86 5.52 15.14
C SER A 101 -39.02 6.62 16.15
N ASN A 102 -40.22 7.23 16.16
CA ASN A 102 -40.56 8.35 17.06
C ASN A 102 -41.18 7.95 18.43
N LYS A 120 -35.63 8.44 20.44
CA LYS A 120 -35.51 8.36 18.97
C LYS A 120 -34.48 7.32 18.47
N VAL A 121 -34.97 6.33 17.73
CA VAL A 121 -34.20 5.15 17.41
C VAL A 121 -34.16 4.97 15.91
N TYR A 122 -33.02 4.47 15.43
CA TYR A 122 -32.78 4.29 13.99
C TYR A 122 -32.42 2.84 13.81
N THR A 123 -33.06 2.20 12.85
CA THR A 123 -32.81 0.79 12.54
C THR A 123 -32.24 0.71 11.14
N VAL A 124 -31.11 0.01 10.96
CA VAL A 124 -30.60 -0.32 9.60
C VAL A 124 -30.97 -1.74 9.21
N PHE A 125 -31.31 -1.92 7.93
CA PHE A 125 -31.57 -3.19 7.33
C PHE A 125 -30.56 -3.36 6.23
N LEU A 126 -29.74 -4.40 6.33
CA LEU A 126 -28.66 -4.68 5.43
C LEU A 126 -28.88 -6.01 4.75
N PRO A 127 -29.44 -5.98 3.57
CA PRO A 127 -29.58 -7.23 2.82
C PRO A 127 -28.21 -7.72 2.35
N LEU A 128 -27.90 -9.01 2.57
CA LEU A 128 -26.50 -9.53 2.46
C LEU A 128 -26.36 -10.55 1.37
N ILE A 129 -25.10 -10.85 1.07
CA ILE A 129 -24.72 -12.03 0.34
C ILE A 129 -24.56 -13.20 1.32
N GLU A 130 -25.09 -14.34 0.94
CA GLU A 130 -25.00 -15.56 1.73
C GLU A 130 -24.70 -16.72 0.79
N GLY A 131 -23.52 -17.31 0.92
CA GLY A 131 -23.12 -18.40 0.08
C GLY A 131 -23.08 -17.87 -1.34
N SER A 132 -23.86 -18.53 -2.22
CA SER A 132 -23.98 -18.19 -3.60
C SER A 132 -25.11 -17.19 -3.90
N PHE A 133 -25.78 -16.70 -2.88
CA PHE A 133 -26.97 -15.89 -3.03
C PHE A 133 -26.70 -14.48 -2.59
N ARG A 134 -27.32 -13.55 -3.30
CA ARG A 134 -27.34 -12.15 -2.97
C ARG A 134 -28.74 -11.75 -2.67
N SER A 135 -28.91 -10.96 -1.63
CA SER A 135 -30.22 -10.41 -1.29
C SER A 135 -30.38 -8.93 -1.54
N CYS A 136 -31.64 -8.56 -1.80
CA CYS A 136 -32.09 -7.17 -1.69
C CYS A 136 -33.48 -7.11 -1.09
N LEU A 137 -33.94 -5.89 -0.81
CA LEU A 137 -35.27 -5.65 -0.24
C LEU A 137 -36.09 -5.03 -1.32
N GLN A 138 -37.40 -5.20 -1.23
CA GLN A 138 -38.37 -4.61 -2.14
C GLN A 138 -39.70 -4.50 -1.39
N GLY A 139 -40.50 -3.47 -1.73
CA GLY A 139 -41.87 -3.31 -1.21
C GLY A 139 -42.95 -4.02 -2.03
N ASN A 140 -44.07 -4.42 -1.40
CA ASN A 140 -45.29 -4.80 -2.15
C ASN A 140 -46.48 -3.92 -1.76
N VAL A 141 -47.58 -4.06 -2.53
CA VAL A 141 -48.79 -3.23 -2.36
C VAL A 141 -49.49 -3.45 -1.01
N ASN A 142 -49.17 -4.56 -0.33
CA ASN A 142 -49.66 -4.84 1.00
C ASN A 142 -48.87 -4.20 2.10
N ASP A 143 -47.88 -3.38 1.73
CA ASP A 143 -46.90 -2.76 2.65
C ASP A 143 -45.88 -3.69 3.33
N GLU A 144 -45.72 -4.89 2.81
CA GLU A 144 -44.68 -5.79 3.32
C GLU A 144 -43.29 -5.45 2.73
N VAL A 145 -42.25 -5.68 3.53
CA VAL A 145 -40.88 -5.57 3.14
C VAL A 145 -40.49 -7.00 2.78
N GLU A 146 -40.16 -7.23 1.51
CA GLU A 146 -39.85 -8.58 0.99
C GLU A 146 -38.34 -8.70 0.85
N LEU A 147 -37.79 -9.84 1.25
CA LEU A 147 -36.42 -10.18 1.01
C LEU A 147 -36.36 -11.00 -0.28
N CYS A 148 -35.58 -10.51 -1.25
CA CYS A 148 -35.39 -11.14 -2.52
C CYS A 148 -33.99 -11.75 -2.56
N LEU A 149 -33.91 -13.08 -2.64
CA LEU A 149 -32.70 -13.85 -2.64
C LEU A 149 -32.47 -14.45 -4.05
N GLU A 150 -31.32 -14.18 -4.70
CA GLU A 150 -31.06 -14.71 -6.05
C GLU A 150 -29.62 -15.19 -6.16
N SER A 151 -29.43 -16.33 -6.84
CA SER A 151 -28.11 -16.88 -7.12
C SER A 151 -27.56 -16.39 -8.44
N GLY A 152 -28.44 -15.96 -9.33
CA GLY A 152 -28.08 -15.53 -10.65
C GLY A 152 -27.67 -16.69 -11.56
N ASP A 153 -27.99 -17.92 -11.17
CA ASP A 153 -27.66 -19.15 -11.94
C ASP A 153 -28.80 -20.22 -11.72
N VAL A 154 -29.46 -20.74 -12.77
CA VAL A 154 -30.54 -21.74 -12.56
C VAL A 154 -30.07 -23.05 -11.88
N ASP A 155 -28.78 -23.39 -12.02
CA ASP A 155 -28.17 -24.57 -11.40
C ASP A 155 -27.71 -24.39 -9.98
N THR A 156 -27.86 -23.18 -9.44
CA THR A 156 -27.38 -22.96 -8.11
C THR A 156 -28.64 -22.62 -7.33
N LYS A 157 -29.03 -23.58 -6.48
CA LYS A 157 -30.30 -23.53 -5.79
C LYS A 157 -30.09 -23.77 -4.33
N ARG A 158 -31.00 -23.25 -3.52
CA ARG A 158 -30.96 -23.44 -2.11
C ARG A 158 -32.36 -23.29 -1.51
N SER A 159 -32.61 -23.85 -0.32
CA SER A 159 -33.94 -23.83 0.34
C SER A 159 -34.00 -23.20 1.74
N SER A 160 -32.88 -23.14 2.43
CA SER A 160 -32.86 -22.34 3.63
C SER A 160 -31.67 -21.38 3.73
N PHE A 161 -31.82 -20.39 4.61
CA PHE A 161 -30.88 -19.30 4.79
C PHE A 161 -30.93 -18.81 6.22
N THR A 162 -29.82 -18.40 6.81
CA THR A 162 -29.78 -17.87 8.18
C THR A 162 -29.19 -16.46 8.33
N HIS A 163 -28.56 -15.92 7.28
CA HIS A 163 -27.71 -14.72 7.40
C HIS A 163 -27.83 -13.85 6.13
N SER A 164 -29.04 -13.71 5.60
CA SER A 164 -29.24 -13.01 4.34
C SER A 164 -29.66 -11.58 4.57
N LEU A 165 -29.83 -11.18 5.81
CA LEU A 165 -30.27 -9.84 6.17
C LEU A 165 -29.82 -9.61 7.55
N TYR A 166 -29.30 -8.41 7.82
CA TYR A 166 -28.92 -8.03 9.19
C TYR A 166 -29.65 -6.77 9.58
N ILE A 167 -30.18 -6.77 10.80
CA ILE A 167 -30.94 -5.66 11.37
C ILE A 167 -30.23 -5.21 12.65
N HIS A 168 -29.97 -3.89 12.77
CA HIS A 168 -29.37 -3.33 13.98
C HIS A 168 -29.96 -1.96 14.25
N ALA A 169 -30.05 -1.59 15.50
CA ALA A 169 -30.64 -0.34 15.90
C ALA A 169 -29.80 0.43 16.85
N GLY A 170 -29.92 1.76 16.84
CA GLY A 170 -29.10 2.60 17.72
C GLY A 170 -29.73 3.96 17.80
N THR A 171 -29.12 4.85 18.58
CA THR A 171 -29.59 6.22 18.76
C THR A 171 -28.83 7.27 17.94
N ASP A 172 -27.67 6.91 17.38
CA ASP A 172 -26.99 7.78 16.43
C ASP A 172 -27.13 7.07 15.03
N PRO A 173 -27.74 7.75 14.04
CA PRO A 173 -27.97 7.08 12.76
C PRO A 173 -26.70 6.65 12.02
N PHE A 174 -25.65 7.46 12.09
CA PHE A 174 -24.40 7.15 11.41
C PHE A 174 -23.61 6.06 12.12
N GLN A 175 -23.48 6.18 13.44
CA GLN A 175 -22.90 5.15 14.25
C GLN A 175 -23.64 3.81 14.13
N THR A 176 -24.95 3.84 14.05
CA THR A 176 -25.74 2.67 13.87
C THR A 176 -25.40 1.94 12.54
N ILE A 177 -25.27 2.70 11.46
CA ILE A 177 -24.84 2.10 10.20
C ILE A 177 -23.43 1.45 10.27
N THR A 178 -22.47 2.16 10.85
CA THR A 178 -21.09 1.69 10.95
C THR A 178 -21.00 0.41 11.78
N ASP A 179 -21.69 0.42 12.92
CA ASP A 179 -21.69 -0.71 13.85
C ASP A 179 -22.29 -1.92 13.20
N ALA A 180 -23.36 -1.74 12.42
CA ALA A 180 -23.96 -2.87 11.70
C ALA A 180 -23.05 -3.37 10.60
N ILE A 181 -22.35 -2.48 9.91
CA ILE A 181 -21.42 -2.92 8.87
C ILE A 181 -20.30 -3.71 9.50
N ARG A 182 -19.81 -3.26 10.65
CA ARG A 182 -18.70 -3.97 11.31
C ARG A 182 -19.11 -5.43 11.68
N THR A 183 -20.31 -5.56 12.25
CA THR A 183 -20.88 -6.84 12.62
C THR A 183 -21.03 -7.75 11.39
N VAL A 184 -21.43 -7.16 10.25
CA VAL A 184 -21.56 -7.92 9.02
C VAL A 184 -20.13 -8.35 8.60
N LYS A 185 -19.19 -7.41 8.61
CA LYS A 185 -17.78 -7.74 8.40
C LYS A 185 -17.24 -8.91 9.26
N LEU A 186 -17.51 -8.91 10.54
CA LEU A 186 -17.02 -9.97 11.45
C LEU A 186 -17.62 -11.32 11.11
N HIS A 187 -18.80 -11.33 10.50
CA HIS A 187 -19.41 -12.53 10.01
C HIS A 187 -18.81 -13.03 8.69
N LEU A 188 -18.74 -12.16 7.67
CA LEU A 188 -18.30 -12.62 6.34
C LEU A 188 -16.77 -12.68 6.17
N ASN A 189 -16.05 -11.76 6.84
CA ASN A 189 -14.62 -11.46 6.62
C ASN A 189 -14.15 -11.29 5.20
N SER A 190 -15.03 -10.83 4.35
CA SER A 190 -14.79 -10.82 2.93
C SER A 190 -14.61 -9.37 2.43
N PHE A 191 -14.60 -8.42 3.36
CA PHE A 191 -14.36 -7.02 3.00
C PHE A 191 -13.78 -6.33 4.22
N ARG A 192 -13.29 -5.13 4.00
CA ARG A 192 -12.82 -4.27 5.06
C ARG A 192 -13.54 -2.98 4.97
N GLN A 193 -13.58 -2.25 6.08
CA GLN A 193 -14.28 -0.99 6.17
C GLN A 193 -13.40 0.06 5.59
N ARG A 194 -14.01 1.18 5.20
CA ARG A 194 -13.32 2.24 4.52
C ARG A 194 -12.06 2.66 5.29
N HIS A 195 -12.16 2.79 6.59
CA HIS A 195 -11.11 3.42 7.38
C HIS A 195 -9.95 2.42 7.52
N GLU A 196 -10.14 1.13 7.19
CA GLU A 196 -9.11 0.12 7.32
C GLU A 196 -8.34 -0.08 6.03
N LYS A 197 -8.58 0.75 5.00
CA LYS A 197 -7.91 0.56 3.73
C LYS A 197 -7.01 1.74 3.38
N LYS A 198 -6.15 1.51 2.41
CA LYS A 198 -5.15 2.45 2.02
C LYS A 198 -5.69 3.30 0.90
N LEU A 199 -5.80 4.62 1.11
CA LEU A 199 -6.16 5.49 -0.01
C LEU A 199 -4.99 5.72 -0.97
N PRO A 200 -5.22 5.61 -2.28
CA PRO A 200 -4.17 6.02 -3.22
C PRO A 200 -3.91 7.51 -3.10
N GLY A 201 -2.70 7.90 -3.47
CA GLY A 201 -2.30 9.30 -3.31
C GLY A 201 -3.00 10.29 -4.24
N ILE A 202 -3.73 9.82 -5.26
CA ILE A 202 -4.46 10.76 -6.15
C ILE A 202 -5.47 11.64 -5.42
N VAL A 203 -6.00 11.15 -4.29
CA VAL A 203 -7.05 11.84 -3.58
C VAL A 203 -6.59 13.15 -2.95
N ASP A 204 -5.29 13.34 -2.78
CA ASP A 204 -4.79 14.65 -2.31
C ASP A 204 -4.38 15.65 -3.40
N TYR A 205 -4.63 15.29 -4.65
CA TYR A 205 -4.25 16.20 -5.73
C TYR A 205 -5.40 16.45 -6.68
N PHE A 206 -5.35 17.59 -7.36
CA PHE A 206 -6.21 17.88 -8.49
C PHE A 206 -5.89 16.95 -9.66
N GLY A 207 -6.94 16.47 -10.28
CA GLY A 207 -6.81 15.71 -11.50
C GLY A 207 -7.63 16.17 -12.69
N TRP A 208 -7.39 15.47 -13.82
CA TRP A 208 -8.10 15.72 -15.05
C TRP A 208 -8.36 14.37 -15.64
N CYS A 209 -9.59 14.20 -16.10
CA CYS A 209 -10.06 13.00 -16.78
C CYS A 209 -10.43 13.35 -18.21
N THR A 210 -10.01 12.54 -19.16
CA THR A 210 -10.25 12.81 -20.56
C THR A 210 -11.68 12.62 -21.08
N TRP A 211 -12.55 12.02 -20.28
CA TRP A 211 -13.82 11.50 -20.76
C TRP A 211 -14.67 12.54 -21.45
N ASP A 212 -15.11 13.58 -20.73
CA ASP A 212 -16.00 14.55 -21.35
C ASP A 212 -15.26 15.46 -22.30
N ALA A 213 -13.94 15.54 -22.20
CA ALA A 213 -13.10 16.29 -23.17
C ALA A 213 -13.08 15.75 -24.60
N PHE A 214 -12.89 14.43 -24.77
CA PHE A 214 -12.83 13.81 -26.12
C PHE A 214 -13.70 12.60 -26.32
N TYR A 215 -14.36 12.12 -25.27
CA TYR A 215 -14.98 10.80 -25.30
C TYR A 215 -13.98 9.78 -25.92
N GLN A 216 -14.44 8.86 -26.71
CA GLN A 216 -13.57 7.82 -27.24
C GLN A 216 -12.60 8.31 -28.26
N GLU A 217 -12.70 9.55 -28.74
CA GLU A 217 -11.74 10.08 -29.72
C GLU A 217 -10.42 10.46 -29.10
N VAL A 218 -10.25 10.31 -27.80
CA VAL A 218 -9.06 10.79 -27.09
C VAL A 218 -7.78 10.31 -27.80
N THR A 219 -6.75 11.16 -27.85
CA THR A 219 -5.44 10.84 -28.38
C THR A 219 -4.37 11.27 -27.37
N GLN A 220 -3.18 10.76 -27.58
CA GLN A 220 -2.09 11.17 -26.76
C GLN A 220 -1.88 12.67 -26.87
N GLU A 221 -2.15 13.29 -28.03
CA GLU A 221 -1.96 14.74 -28.19
C GLU A 221 -3.01 15.56 -27.41
N GLY A 222 -4.28 15.12 -27.47
CA GLY A 222 -5.29 15.67 -26.57
C GLY A 222 -4.92 15.60 -25.06
N VAL A 223 -4.32 14.51 -24.62
CA VAL A 223 -4.01 14.33 -23.22
C VAL A 223 -2.99 15.38 -22.85
N GLU A 224 -1.95 15.49 -23.67
CA GLU A 224 -0.95 16.53 -23.48
C GLU A 224 -1.52 17.91 -23.48
N ALA A 225 -2.34 18.25 -24.47
CA ALA A 225 -2.94 19.58 -24.54
C ALA A 225 -3.82 19.94 -23.30
N GLY A 226 -4.59 18.98 -22.80
CA GLY A 226 -5.42 19.26 -21.58
C GLY A 226 -4.61 19.56 -20.30
N LEU A 227 -3.50 18.83 -20.14
CA LEU A 227 -2.58 19.01 -19.05
C LEU A 227 -1.87 20.35 -19.15
N LYS A 228 -1.37 20.62 -20.34
CA LYS A 228 -0.73 21.92 -20.63
C LYS A 228 -1.65 23.10 -20.33
N SER A 229 -2.88 23.07 -20.84
CA SER A 229 -3.78 24.20 -20.64
C SER A 229 -4.17 24.43 -19.17
N LEU A 230 -4.36 23.38 -18.38
CA LEU A 230 -4.76 23.57 -17.00
C LEU A 230 -3.57 24.11 -16.17
N ALA A 231 -2.40 23.53 -16.30
CA ALA A 231 -1.20 24.04 -15.62
C ALA A 231 -0.88 25.51 -16.00
N ALA A 232 -1.21 25.89 -17.24
CA ALA A 232 -1.00 27.27 -17.76
C ALA A 232 -1.75 28.32 -16.96
N GLY A 233 -2.97 28.00 -16.53
CA GLY A 233 -3.68 28.96 -15.74
C GLY A 233 -3.35 28.99 -14.24
N GLY A 234 -2.39 28.19 -13.76
CA GLY A 234 -2.05 28.18 -12.33
C GLY A 234 -2.59 27.04 -11.49
N THR A 235 -3.33 26.10 -12.09
CA THR A 235 -3.99 24.98 -11.35
C THR A 235 -3.61 23.65 -11.95
N PRO A 236 -2.39 23.19 -11.67
CA PRO A 236 -1.80 22.09 -12.37
C PRO A 236 -2.29 20.77 -11.81
N PRO A 237 -2.83 19.93 -12.67
CA PRO A 237 -3.23 18.63 -12.18
C PRO A 237 -2.05 17.77 -11.88
N LYS A 238 -2.16 16.93 -10.88
CA LYS A 238 -1.06 16.03 -10.57
C LYS A 238 -1.39 14.59 -10.82
N PHE A 239 -2.65 14.35 -11.13
CA PHE A 239 -3.05 13.11 -11.78
C PHE A 239 -3.90 13.32 -13.00
N VAL A 240 -3.90 12.31 -13.85
CA VAL A 240 -4.71 12.23 -15.02
C VAL A 240 -5.32 10.84 -15.14
N ILE A 241 -6.55 10.81 -15.56
CA ILE A 241 -7.21 9.59 -16.00
C ILE A 241 -7.43 9.63 -17.51
N ILE A 242 -6.67 8.81 -18.20
CA ILE A 242 -6.85 8.57 -19.60
C ILE A 242 -8.05 7.66 -19.67
N ASP A 243 -9.18 8.23 -20.10
CA ASP A 243 -10.41 7.51 -20.03
C ASP A 243 -10.63 6.56 -21.26
N ASP A 244 -11.83 6.02 -21.36
CA ASP A 244 -12.22 5.12 -22.47
C ASP A 244 -11.82 5.74 -23.82
N GLY A 245 -11.06 4.97 -24.61
CA GLY A 245 -10.71 5.27 -25.98
C GLY A 245 -9.28 4.96 -26.32
N TRP A 246 -8.50 4.43 -25.37
CA TRP A 246 -7.08 4.25 -25.53
C TRP A 246 -6.74 2.82 -25.86
N GLN A 247 -7.68 1.92 -25.68
CA GLN A 247 -7.39 0.48 -25.79
C GLN A 247 -7.58 -0.05 -27.22
N SER A 248 -7.01 -1.24 -27.53
CA SER A 248 -7.16 -1.87 -28.86
C SER A 248 -8.42 -2.72 -28.85
N VAL A 249 -9.40 -2.19 -29.55
CA VAL A 249 -10.76 -2.73 -29.65
C VAL A 249 -11.27 -2.85 -31.11
N GLU A 250 -12.12 -3.86 -31.35
CA GLU A 250 -12.73 -4.09 -32.67
C GLU A 250 -14.17 -4.68 -32.63
N ARG A 251 -15.04 -4.20 -33.49
CA ARG A 251 -16.32 -4.84 -33.81
C ARG A 251 -16.06 -6.25 -34.32
N ASP A 252 -17.04 -7.12 -34.17
CA ASP A 252 -17.04 -8.45 -34.88
C ASP A 252 -17.04 -8.30 -36.43
N ALA A 253 -16.30 -9.17 -37.10
CA ALA A 253 -16.51 -9.53 -38.53
C ALA A 253 -17.96 -9.60 -38.98
N SER A 264 -25.95 -1.09 -34.37
CA SER A 264 -24.70 -0.36 -33.95
C SER A 264 -23.74 -1.27 -33.12
N PRO A 265 -22.79 -1.93 -33.80
CA PRO A 265 -22.12 -3.12 -33.26
C PRO A 265 -21.17 -2.85 -32.11
N ILE A 266 -21.15 -3.74 -31.13
CA ILE A 266 -20.36 -3.55 -29.93
C ILE A 266 -18.87 -3.85 -30.19
N PHE A 267 -17.97 -3.14 -29.51
CA PHE A 267 -16.52 -3.36 -29.58
C PHE A 267 -15.97 -4.28 -28.51
N ARG A 268 -15.00 -5.11 -28.87
CA ARG A 268 -14.40 -6.09 -27.94
C ARG A 268 -12.93 -5.88 -27.90
N LEU A 269 -12.31 -6.28 -26.80
CA LEU A 269 -10.89 -6.08 -26.63
C LEU A 269 -10.14 -7.09 -27.52
N THR A 270 -9.20 -6.59 -28.32
CA THR A 270 -8.38 -7.48 -29.18
C THR A 270 -6.93 -7.63 -28.80
N GLY A 271 -6.39 -6.70 -28.01
CA GLY A 271 -5.05 -6.83 -27.41
C GLY A 271 -5.00 -6.08 -26.08
N ILE A 272 -3.99 -6.32 -25.25
CA ILE A 272 -3.87 -5.57 -23.99
C ILE A 272 -3.17 -4.22 -24.17
N LYS A 273 -2.57 -3.94 -25.32
CA LYS A 273 -1.72 -2.77 -25.47
C LYS A 273 -2.54 -1.66 -26.05
N GLU A 274 -2.08 -0.41 -25.89
CA GLU A 274 -2.73 0.75 -26.49
C GLU A 274 -2.98 0.69 -28.03
N ASN A 275 -4.02 1.39 -28.48
CA ASN A 275 -4.23 1.61 -29.90
C ASN A 275 -3.24 2.67 -30.49
N GLU A 276 -3.36 2.83 -31.81
CA GLU A 276 -2.52 3.71 -32.65
C GLU A 276 -2.46 5.12 -32.11
N LYS A 277 -3.51 5.59 -31.44
CA LYS A 277 -3.54 6.98 -30.96
C LYS A 277 -2.56 7.30 -29.78
N PHE A 278 -1.93 6.27 -29.23
CA PHE A 278 -1.00 6.32 -28.06
C PHE A 278 0.30 5.54 -28.31
N LYS A 279 0.71 5.50 -29.57
CA LYS A 279 2.01 4.97 -29.98
C LYS A 279 2.76 6.18 -30.51
N LYS A 280 4.03 6.34 -30.11
CA LYS A 280 4.71 7.61 -30.42
C LYS A 280 4.94 7.84 -31.91
N LYS A 281 5.03 9.13 -32.27
CA LYS A 281 4.71 9.63 -33.63
C LYS A 281 5.76 9.36 -34.72
N ASP A 282 6.49 8.24 -34.60
CA ASP A 282 7.79 8.07 -35.27
C ASP A 282 8.44 6.73 -34.91
N ASP A 283 8.29 6.32 -33.65
CA ASP A 283 8.78 5.06 -33.12
C ASP A 283 7.56 4.24 -32.63
N PRO A 284 6.77 3.63 -33.55
CA PRO A 284 5.56 2.84 -33.21
C PRO A 284 5.70 1.63 -32.26
N ASN A 285 6.93 1.30 -31.83
CA ASN A 285 7.19 0.36 -30.72
C ASN A 285 7.16 0.94 -29.32
N VAL A 286 7.01 2.26 -29.18
CA VAL A 286 6.83 2.90 -27.87
C VAL A 286 5.36 3.28 -27.87
N GLY A 287 4.69 2.78 -26.85
CA GLY A 287 3.25 2.84 -26.76
C GLY A 287 2.86 3.85 -25.68
N ILE A 288 2.00 3.41 -24.76
CA ILE A 288 1.42 4.31 -23.80
C ILE A 288 2.49 4.97 -22.90
N LYS A 289 3.63 4.29 -22.68
CA LYS A 289 4.82 4.86 -22.05
C LYS A 289 5.15 6.27 -22.58
N ASN A 290 4.76 6.56 -23.81
CA ASN A 290 5.11 7.84 -24.43
C ASN A 290 4.40 8.97 -23.73
N ILE A 291 3.08 8.86 -23.68
CA ILE A 291 2.28 9.79 -22.98
C ILE A 291 2.49 9.79 -21.46
N VAL A 292 2.87 8.65 -20.86
CA VAL A 292 3.15 8.65 -19.47
C VAL A 292 4.38 9.55 -19.19
N LYS A 293 5.46 9.31 -19.91
CA LYS A 293 6.68 10.14 -19.75
C LYS A 293 6.45 11.64 -20.03
N ILE A 294 5.71 11.97 -21.08
CA ILE A 294 5.37 13.34 -21.35
C ILE A 294 4.59 13.91 -20.13
N ALA A 295 3.58 13.18 -19.63
CA ALA A 295 2.81 13.67 -18.49
C ALA A 295 3.70 13.91 -17.30
N LYS A 296 4.52 12.93 -17.00
CA LYS A 296 5.21 12.94 -15.72
C LYS A 296 6.49 13.76 -15.80
N GLU A 297 7.33 13.47 -16.80
CA GLU A 297 8.61 14.18 -16.99
C GLU A 297 8.48 15.56 -17.63
N LYS A 298 7.64 15.71 -18.63
CA LYS A 298 7.56 16.99 -19.28
C LYS A 298 6.60 17.86 -18.53
N HIS A 299 5.49 17.30 -18.03
CA HIS A 299 4.50 18.14 -17.36
C HIS A 299 4.37 18.04 -15.81
N GLY A 300 5.18 17.23 -15.18
CA GLY A 300 5.25 17.22 -13.71
C GLY A 300 4.07 16.56 -13.00
N LEU A 301 3.26 15.76 -13.70
CA LEU A 301 2.26 14.92 -13.05
C LEU A 301 2.91 13.85 -12.16
N ARG A 302 2.21 13.51 -11.08
CA ARG A 302 2.63 12.39 -10.22
C ARG A 302 2.05 11.03 -10.58
N TYR A 303 0.80 11.00 -11.05
CA TYR A 303 0.09 9.75 -11.23
C TYR A 303 -0.58 9.73 -12.59
N VAL A 304 -0.55 8.57 -13.27
CA VAL A 304 -1.34 8.37 -14.49
C VAL A 304 -2.18 7.10 -14.27
N TYR A 305 -3.49 7.25 -14.46
CA TYR A 305 -4.41 6.13 -14.43
C TYR A 305 -5.04 5.98 -15.82
N VAL A 306 -5.49 4.76 -16.09
CA VAL A 306 -6.22 4.43 -17.32
C VAL A 306 -7.47 3.66 -16.99
N TRP A 307 -8.43 3.74 -17.88
CA TRP A 307 -9.75 3.11 -17.79
C TRP A 307 -9.71 1.71 -18.43
N HIS A 308 -10.30 0.71 -17.79
CA HIS A 308 -10.77 -0.45 -18.54
C HIS A 308 -12.03 -0.99 -17.95
N ALA A 309 -12.72 -1.86 -18.68
CA ALA A 309 -13.90 -2.49 -18.15
C ALA A 309 -13.43 -3.60 -17.27
N ILE A 310 -14.25 -4.06 -16.36
CA ILE A 310 -13.90 -5.23 -15.60
C ILE A 310 -13.77 -6.47 -16.51
N THR A 311 -14.48 -6.45 -17.65
CA THR A 311 -14.42 -7.46 -18.74
C THR A 311 -13.46 -7.13 -19.88
N GLY A 312 -12.64 -6.13 -19.67
CA GLY A 312 -11.69 -5.65 -20.69
C GLY A 312 -12.28 -4.45 -21.42
N TYR A 313 -13.22 -4.70 -22.35
CA TYR A 313 -14.03 -3.62 -22.98
C TYR A 313 -15.49 -3.94 -22.75
N TRP A 314 -16.35 -3.03 -23.19
CA TRP A 314 -17.80 -3.14 -23.17
C TRP A 314 -18.29 -4.48 -23.74
N GLY A 315 -17.72 -4.95 -24.85
CA GLY A 315 -18.12 -6.25 -25.43
C GLY A 315 -17.23 -7.38 -24.96
N GLY A 316 -16.55 -7.16 -23.81
CA GLY A 316 -15.62 -8.09 -23.29
C GLY A 316 -14.32 -8.17 -24.04
N VAL A 317 -13.76 -9.39 -24.06
CA VAL A 317 -12.57 -9.72 -24.86
C VAL A 317 -12.93 -10.66 -26.03
N ARG A 318 -12.44 -10.37 -27.24
CA ARG A 318 -12.68 -11.21 -28.41
C ARG A 318 -12.45 -12.65 -28.08
N PRO A 319 -13.47 -13.49 -28.33
CA PRO A 319 -13.29 -14.91 -28.02
C PRO A 319 -12.03 -15.46 -28.61
N GLY A 320 -11.43 -16.40 -27.91
CA GLY A 320 -10.09 -16.87 -28.24
C GLY A 320 -9.54 -17.62 -27.07
N GLU A 321 -8.51 -18.41 -27.26
CA GLU A 321 -8.00 -19.29 -26.22
C GLU A 321 -7.06 -18.66 -25.23
N GLU A 322 -6.50 -17.53 -25.59
CA GLU A 322 -5.44 -16.94 -24.78
C GLU A 322 -5.96 -16.64 -23.35
N TYR A 323 -7.15 -16.06 -23.25
CA TYR A 323 -7.78 -15.75 -21.96
C TYR A 323 -9.06 -16.53 -21.74
N GLY A 324 -9.24 -17.59 -22.53
CA GLY A 324 -10.38 -18.48 -22.37
C GLY A 324 -11.66 -17.73 -22.57
N SER A 325 -11.67 -16.73 -23.45
CA SER A 325 -12.85 -15.92 -23.67
C SER A 325 -13.92 -16.58 -24.52
N VAL A 326 -15.15 -16.60 -24.00
CA VAL A 326 -16.30 -17.19 -24.67
C VAL A 326 -17.47 -16.18 -24.58
N MET A 327 -18.27 -16.11 -25.64
CA MET A 327 -19.54 -15.34 -25.70
C MET A 327 -20.52 -15.73 -24.61
N LYS A 328 -20.89 -14.71 -23.81
CA LYS A 328 -21.95 -14.80 -22.81
C LYS A 328 -22.92 -13.65 -22.99
N TYR A 329 -24.17 -13.92 -22.68
CA TYR A 329 -25.28 -13.02 -22.88
C TYR A 329 -25.83 -12.72 -21.47
N PRO A 330 -25.87 -11.41 -21.10
CA PRO A 330 -26.53 -11.00 -19.83
C PRO A 330 -27.92 -11.63 -19.57
N ASN A 331 -28.02 -12.23 -18.42
CA ASN A 331 -29.28 -12.70 -17.92
C ASN A 331 -30.01 -11.51 -17.25
N MET A 332 -31.30 -11.36 -17.54
CA MET A 332 -32.14 -10.31 -16.93
C MET A 332 -32.65 -10.79 -15.60
N SER A 333 -32.49 -9.99 -14.53
CA SER A 333 -33.16 -10.19 -13.26
C SER A 333 -34.31 -9.19 -13.16
N LYS A 334 -35.36 -9.62 -12.47
CA LYS A 334 -36.62 -8.92 -12.49
C LYS A 334 -36.54 -7.54 -11.87
N GLY A 335 -35.92 -7.45 -10.73
CA GLY A 335 -35.87 -6.14 -10.07
C GLY A 335 -35.08 -5.11 -10.87
N VAL A 336 -33.97 -5.54 -11.50
CA VAL A 336 -33.22 -4.64 -12.35
C VAL A 336 -34.04 -4.12 -13.53
N VAL A 337 -34.67 -5.03 -14.23
CA VAL A 337 -35.43 -4.69 -15.43
C VAL A 337 -36.72 -3.95 -15.09
N GLU A 338 -37.28 -4.20 -13.93
CA GLU A 338 -38.43 -3.44 -13.48
C GLU A 338 -38.05 -1.94 -13.35
N ASN A 339 -36.87 -1.63 -12.77
CA ASN A 339 -36.49 -0.22 -12.63
C ASN A 339 -35.83 0.35 -13.85
N ASP A 340 -35.11 -0.46 -14.60
CA ASP A 340 -34.55 0.01 -15.85
C ASP A 340 -34.91 -0.90 -17.04
N PRO A 341 -36.10 -0.68 -17.63
CA PRO A 341 -36.48 -1.50 -18.79
C PRO A 341 -35.52 -1.44 -19.97
N THR A 342 -34.76 -0.36 -20.20
CA THR A 342 -33.85 -0.29 -21.37
C THR A 342 -32.70 -1.34 -21.28
N TRP A 343 -32.41 -1.84 -20.09
CA TRP A 343 -31.38 -2.90 -19.96
C TRP A 343 -31.69 -4.19 -20.73
N LYS A 344 -32.97 -4.44 -20.98
CA LYS A 344 -33.41 -5.52 -21.86
C LYS A 344 -32.90 -5.45 -23.28
N THR A 345 -32.75 -4.25 -23.85
CA THR A 345 -32.33 -4.07 -25.21
C THR A 345 -31.01 -3.27 -25.28
N ASP A 346 -30.24 -3.24 -24.19
CA ASP A 346 -28.88 -2.76 -24.22
C ASP A 346 -28.01 -3.60 -25.15
N VAL A 347 -27.13 -2.88 -25.81
CA VAL A 347 -26.08 -3.43 -26.68
C VAL A 347 -25.30 -4.61 -26.03
N MET A 348 -25.06 -4.53 -24.72
CA MET A 348 -24.40 -5.65 -24.04
C MET A 348 -25.32 -6.86 -23.93
N THR A 349 -26.59 -6.60 -23.66
CA THR A 349 -27.58 -7.64 -23.48
C THR A 349 -27.81 -8.34 -24.85
N LEU A 350 -27.96 -7.58 -25.94
CA LEU A 350 -28.32 -8.19 -27.24
C LEU A 350 -27.11 -8.81 -27.97
N GLN A 351 -25.94 -8.19 -27.85
CA GLN A 351 -24.74 -8.64 -28.57
C GLN A 351 -23.75 -9.38 -27.75
N GLY A 352 -23.97 -9.40 -26.43
CA GLY A 352 -23.17 -10.20 -25.52
C GLY A 352 -21.77 -9.70 -25.26
N LEU A 353 -21.09 -10.43 -24.39
CA LEU A 353 -19.70 -10.11 -24.01
C LEU A 353 -18.84 -11.33 -24.18
N GLY A 354 -17.59 -11.08 -24.57
CA GLY A 354 -16.60 -12.10 -24.49
C GLY A 354 -16.04 -12.12 -23.10
N LEU A 355 -16.46 -13.07 -22.31
CA LEU A 355 -16.12 -13.16 -20.94
C LEU A 355 -14.93 -14.03 -20.84
N VAL A 356 -13.86 -13.44 -20.34
CA VAL A 356 -12.68 -14.15 -19.96
C VAL A 356 -13.07 -15.32 -18.99
N SER A 357 -12.37 -16.42 -19.11
CA SER A 357 -12.54 -17.53 -18.20
C SER A 357 -12.11 -17.18 -16.74
N PRO A 358 -12.83 -17.72 -15.77
CA PRO A 358 -12.34 -17.70 -14.38
C PRO A 358 -10.98 -18.33 -14.21
N LYS A 359 -10.69 -19.35 -14.99
CA LYS A 359 -9.38 -19.99 -14.99
C LYS A 359 -8.25 -19.03 -15.37
N LYS A 360 -8.52 -18.09 -16.26
CA LYS A 360 -7.50 -17.25 -16.84
C LYS A 360 -7.65 -15.76 -16.45
N VAL A 361 -8.56 -15.40 -15.55
CA VAL A 361 -8.87 -13.97 -15.31
C VAL A 361 -7.69 -13.25 -14.59
N TYR A 362 -6.98 -13.95 -13.70
CA TYR A 362 -5.79 -13.38 -13.09
C TYR A 362 -4.72 -13.12 -14.17
N LYS A 363 -4.51 -14.10 -15.04
CA LYS A 363 -3.55 -13.94 -16.10
C LYS A 363 -3.91 -12.71 -17.00
N PHE A 364 -5.17 -12.60 -17.32
CA PHE A 364 -5.60 -11.50 -18.12
C PHE A 364 -5.26 -10.16 -17.40
N TYR A 365 -5.64 -9.99 -16.16
CA TYR A 365 -5.42 -8.68 -15.50
C TYR A 365 -3.94 -8.41 -15.30
N ASN A 366 -3.20 -9.41 -14.84
CA ASN A 366 -1.75 -9.30 -14.61
C ASN A 366 -1.00 -8.93 -15.88
N GLU A 367 -1.38 -9.51 -17.00
CA GLU A 367 -0.72 -9.18 -18.23
C GLU A 367 -1.05 -7.78 -18.73
N LEU A 368 -2.31 -7.37 -18.64
CA LEU A 368 -2.66 -6.00 -18.89
C LEU A 368 -1.96 -5.02 -17.95
N HIS A 369 -2.01 -5.34 -16.66
CA HIS A 369 -1.52 -4.41 -15.66
C HIS A 369 0.01 -4.37 -15.54
N SER A 370 0.69 -5.49 -15.86
CA SER A 370 2.14 -5.52 -15.90
C SER A 370 2.58 -4.67 -17.07
N TYR A 371 1.94 -4.81 -18.18
CA TYR A 371 2.24 -3.89 -19.29
C TYR A 371 2.09 -2.40 -18.89
N LEU A 372 0.97 -2.05 -18.25
CA LEU A 372 0.68 -0.64 -17.89
C LEU A 372 1.67 -0.12 -16.88
N ALA A 373 1.98 -0.93 -15.88
CA ALA A 373 2.90 -0.52 -14.83
C ALA A 373 4.31 -0.41 -15.33
N ASP A 374 4.75 -1.30 -16.21
CA ASP A 374 6.08 -1.15 -16.78
C ASP A 374 6.18 0.09 -17.66
N ALA A 375 5.07 0.58 -18.20
CA ALA A 375 5.04 1.85 -18.88
C ALA A 375 4.93 3.05 -17.96
N GLY A 376 4.90 2.87 -16.63
CA GLY A 376 4.77 4.00 -15.69
C GLY A 376 3.34 4.33 -15.24
N VAL A 377 2.34 3.48 -15.57
CA VAL A 377 0.96 3.71 -15.17
C VAL A 377 0.79 3.34 -13.69
N ASP A 378 0.05 4.17 -12.95
CA ASP A 378 -0.05 4.02 -11.50
C ASP A 378 -1.36 3.41 -10.99
N GLY A 379 -2.38 3.30 -11.83
CA GLY A 379 -3.67 2.84 -11.40
C GLY A 379 -4.67 2.67 -12.50
N VAL A 380 -5.79 2.02 -12.19
CA VAL A 380 -6.85 1.80 -13.15
C VAL A 380 -8.21 2.27 -12.58
N LYS A 381 -9.05 2.82 -13.46
CA LYS A 381 -10.42 3.09 -13.17
C LYS A 381 -11.12 1.91 -13.88
N VAL A 382 -11.71 1.04 -13.07
CA VAL A 382 -12.26 -0.16 -13.57
C VAL A 382 -13.78 -0.03 -13.57
N ALA A 383 -14.34 0.08 -14.75
CA ALA A 383 -15.79 0.32 -14.99
C ALA A 383 -16.58 -0.92 -15.41
N VAL A 384 -17.88 -0.74 -15.65
CA VAL A 384 -18.79 -1.77 -16.11
C VAL A 384 -18.83 -2.94 -15.14
N GLN A 385 -18.66 -2.62 -13.85
CA GLN A 385 -18.45 -3.69 -12.84
C GLN A 385 -19.61 -4.63 -12.63
N CYS A 386 -20.83 -4.13 -12.59
CA CYS A 386 -21.95 -4.98 -12.20
C CYS A 386 -22.35 -6.01 -13.25
N VAL A 387 -21.84 -5.95 -14.50
CA VAL A 387 -22.31 -6.89 -15.53
C VAL A 387 -22.09 -8.28 -15.03
N LEU A 388 -21.06 -8.46 -14.24
CA LEU A 388 -20.73 -9.81 -13.82
C LEU A 388 -21.90 -10.54 -13.21
N GLU A 389 -22.77 -9.81 -12.50
CA GLU A 389 -23.91 -10.43 -11.89
C GLU A 389 -24.88 -11.06 -12.87
N THR A 390 -24.79 -10.67 -14.13
CA THR A 390 -25.67 -11.16 -15.18
C THR A 390 -25.13 -12.30 -16.02
N LEU A 391 -23.89 -12.69 -15.71
CA LEU A 391 -23.08 -13.59 -16.51
C LEU A 391 -22.65 -14.85 -15.75
N GLY A 392 -23.24 -15.13 -14.59
CA GLY A 392 -22.86 -16.27 -13.78
C GLY A 392 -23.50 -17.58 -14.14
N GLY A 393 -24.37 -17.55 -15.14
CA GLY A 393 -25.07 -18.71 -15.68
C GLY A 393 -24.27 -19.99 -15.77
N GLY A 394 -23.15 -20.04 -16.46
CA GLY A 394 -22.46 -21.38 -16.42
C GLY A 394 -21.66 -21.76 -15.15
N LEU A 395 -21.68 -20.86 -14.16
CA LEU A 395 -20.43 -20.51 -13.49
C LEU A 395 -20.56 -20.33 -12.01
N GLY A 396 -21.65 -20.84 -11.43
CA GLY A 396 -21.84 -20.74 -9.98
C GLY A 396 -22.67 -19.53 -9.49
N GLY A 397 -23.03 -18.63 -10.39
CA GLY A 397 -23.83 -17.46 -10.09
C GLY A 397 -23.13 -16.11 -9.90
N ARG A 398 -23.95 -15.15 -9.56
CA ARG A 398 -23.59 -13.77 -9.47
C ARG A 398 -22.57 -13.53 -8.38
N VAL A 399 -22.72 -14.17 -7.26
CA VAL A 399 -21.85 -13.92 -6.14
C VAL A 399 -20.49 -14.53 -6.44
N GLU A 400 -20.53 -15.75 -6.92
CA GLU A 400 -19.31 -16.50 -7.17
C GLU A 400 -18.41 -15.83 -8.21
N LEU A 401 -19.00 -15.47 -9.33
CA LEU A 401 -18.28 -14.91 -10.46
C LEU A 401 -17.75 -13.54 -10.13
N THR A 402 -18.58 -12.73 -9.53
CA THR A 402 -18.14 -11.45 -8.97
C THR A 402 -16.91 -11.61 -8.07
N ARG A 403 -16.99 -12.52 -7.09
CA ARG A 403 -15.89 -12.76 -6.15
C ARG A 403 -14.61 -13.22 -6.83
N GLN A 404 -14.73 -14.14 -7.77
CA GLN A 404 -13.58 -14.62 -8.48
C GLN A 404 -12.94 -13.50 -9.28
N PHE A 405 -13.72 -12.70 -10.03
CA PHE A 405 -13.11 -11.63 -10.78
C PHE A 405 -12.49 -10.56 -9.88
N HIS A 406 -13.07 -10.26 -8.75
CA HIS A 406 -12.45 -9.25 -7.84
C HIS A 406 -11.24 -9.75 -7.06
N GLN A 407 -11.21 -11.02 -6.71
CA GLN A 407 -10.02 -11.62 -6.10
C GLN A 407 -8.80 -11.44 -7.08
N ALA A 408 -9.01 -11.81 -8.32
CA ALA A 408 -7.99 -11.67 -9.34
C ALA A 408 -7.57 -10.24 -9.62
N LEU A 409 -8.56 -9.34 -9.77
CA LEU A 409 -8.29 -7.94 -10.00
C LEU A 409 -7.46 -7.41 -8.82
N ASP A 410 -7.84 -7.83 -7.62
CA ASP A 410 -7.19 -7.29 -6.43
C ASP A 410 -5.72 -7.78 -6.36
N SER A 411 -5.51 -9.04 -6.70
CA SER A 411 -4.13 -9.56 -6.78
C SER A 411 -3.29 -8.73 -7.77
N SER A 412 -3.86 -8.40 -8.89
CA SER A 412 -3.12 -7.69 -9.97
C SER A 412 -2.86 -6.26 -9.62
N VAL A 413 -3.82 -5.60 -9.02
CA VAL A 413 -3.64 -4.20 -8.57
C VAL A 413 -2.62 -4.15 -7.43
N ALA A 414 -2.66 -5.07 -6.49
CA ALA A 414 -1.69 -5.01 -5.38
C ALA A 414 -0.26 -5.33 -5.86
N LYS A 415 -0.14 -6.19 -6.88
CA LYS A 415 1.13 -6.38 -7.57
C LYS A 415 1.67 -5.15 -8.37
N ASN A 416 0.87 -4.60 -9.26
CA ASN A 416 1.33 -3.74 -10.30
C ASN A 416 1.06 -2.27 -10.00
N PHE A 417 0.06 -1.96 -9.17
CA PHE A 417 -0.29 -0.63 -8.76
C PHE A 417 -0.33 -0.54 -7.22
N PRO A 418 0.84 -0.62 -6.57
CA PRO A 418 0.84 -0.82 -5.13
C PRO A 418 0.62 0.40 -4.31
N ASP A 419 0.43 1.54 -4.92
CA ASP A 419 -0.23 2.63 -4.19
C ASP A 419 -1.75 2.38 -4.02
N ASN A 420 -2.22 1.21 -4.38
CA ASN A 420 -3.66 0.86 -4.41
C ASN A 420 -4.42 1.66 -5.45
N GLY A 421 -3.87 1.69 -6.66
CA GLY A 421 -4.40 2.48 -7.76
C GLY A 421 -5.56 1.80 -8.48
N CYS A 422 -6.75 1.93 -7.89
CA CYS A 422 -8.00 1.34 -8.39
C CYS A 422 -9.13 2.27 -8.01
N ILE A 423 -9.93 2.69 -8.98
CA ILE A 423 -11.17 3.42 -8.75
C ILE A 423 -12.28 2.55 -9.29
N ALA A 424 -13.17 2.17 -8.39
CA ALA A 424 -14.30 1.32 -8.76
C ALA A 424 -15.43 2.19 -9.41
N CYS A 425 -16.00 1.69 -10.51
CA CYS A 425 -16.96 2.45 -11.33
C CYS A 425 -18.05 1.55 -11.90
N MET A 426 -19.30 1.97 -11.78
CA MET A 426 -20.49 1.25 -12.22
C MET A 426 -20.59 0.00 -11.35
N SER A 427 -20.42 0.21 -10.05
CA SER A 427 -20.10 -0.89 -9.18
C SER A 427 -21.04 -1.01 -8.00
N HIS A 428 -22.19 -0.40 -8.07
CA HIS A 428 -23.08 -0.30 -6.89
C HIS A 428 -23.89 -1.57 -6.58
N ASN A 429 -23.37 -2.76 -6.81
CA ASN A 429 -24.07 -3.94 -6.33
C ASN A 429 -23.48 -4.45 -5.08
N THR A 430 -24.29 -5.12 -4.30
CA THR A 430 -23.83 -5.66 -3.03
C THR A 430 -22.90 -6.80 -3.28
N ASP A 431 -23.00 -7.45 -4.44
CA ASP A 431 -22.10 -8.55 -4.77
C ASP A 431 -20.66 -8.10 -4.66
N ALA A 432 -20.37 -6.91 -5.19
CA ALA A 432 -19.03 -6.30 -5.14
C ALA A 432 -18.77 -5.62 -3.79
N LEU A 433 -19.74 -4.98 -3.16
CA LEU A 433 -19.48 -4.23 -1.90
C LEU A 433 -19.03 -5.15 -0.81
N TYR A 434 -19.70 -6.29 -0.68
CA TYR A 434 -19.35 -7.26 0.38
C TYR A 434 -18.14 -8.11 0.04
N CYS A 435 -17.52 -7.92 -1.13
CA CYS A 435 -16.19 -8.49 -1.32
C CYS A 435 -15.12 -7.41 -1.47
N SER A 436 -15.41 -6.19 -0.99
CA SER A 436 -14.51 -5.06 -1.21
C SER A 436 -13.48 -5.04 -0.09
N LYS A 437 -12.45 -5.82 -0.27
CA LYS A 437 -11.44 -6.10 0.76
C LYS A 437 -10.18 -5.26 0.61
N GLN A 438 -10.06 -4.51 -0.48
CA GLN A 438 -8.84 -3.82 -0.80
C GLN A 438 -9.05 -2.46 -1.46
N ALA A 439 -9.84 -2.38 -2.51
CA ALA A 439 -9.95 -1.10 -3.25
C ALA A 439 -10.56 -0.06 -2.32
N ALA A 440 -10.20 1.19 -2.54
CA ALA A 440 -10.54 2.21 -1.58
C ALA A 440 -11.28 3.41 -2.11
N VAL A 441 -11.60 3.46 -3.39
CA VAL A 441 -12.30 4.62 -3.95
C VAL A 441 -13.42 4.14 -4.86
N ILE A 442 -14.61 4.68 -4.65
CA ILE A 442 -15.78 4.25 -5.40
C ILE A 442 -16.55 5.41 -5.94
N ARG A 443 -16.88 5.34 -7.24
CA ARG A 443 -17.73 6.33 -7.84
C ARG A 443 -19.08 6.12 -7.21
N ALA A 444 -19.65 7.24 -6.72
CA ALA A 444 -20.83 7.22 -5.88
C ALA A 444 -22.12 7.58 -6.56
N SER A 445 -22.10 7.91 -7.86
CA SER A 445 -23.29 8.13 -8.61
C SER A 445 -23.08 7.88 -10.07
N ASP A 446 -24.20 7.91 -10.80
CA ASP A 446 -24.20 8.02 -12.26
C ASP A 446 -23.32 9.16 -12.68
N ASP A 447 -22.91 9.08 -13.92
CA ASP A 447 -21.95 10.00 -14.52
C ASP A 447 -22.42 11.45 -14.50
N PHE A 448 -21.48 12.37 -14.33
CA PHE A 448 -21.70 13.75 -14.61
C PHE A 448 -22.10 13.91 -16.07
N TYR A 449 -23.18 14.64 -16.31
CA TYR A 449 -23.73 14.81 -17.68
C TYR A 449 -23.77 16.25 -18.15
N PRO A 450 -22.71 16.71 -18.83
CA PRO A 450 -22.66 18.13 -19.08
C PRO A 450 -23.84 18.71 -19.88
N ARG A 451 -24.41 17.88 -20.74
CA ARG A 451 -25.48 18.28 -21.67
C ARG A 451 -26.86 17.91 -21.23
N ASP A 452 -27.07 17.37 -20.04
CA ASP A 452 -28.40 16.96 -19.60
C ASP A 452 -28.84 17.82 -18.46
N PRO A 453 -29.68 18.81 -18.71
CA PRO A 453 -30.04 19.74 -17.62
C PRO A 453 -30.67 19.11 -16.39
N VAL A 454 -31.40 18.02 -16.56
CA VAL A 454 -32.05 17.32 -15.44
C VAL A 454 -31.02 16.68 -14.46
N SER A 455 -29.81 16.44 -14.91
CA SER A 455 -28.83 15.58 -14.17
C SER A 455 -28.17 16.25 -13.00
N HIS A 456 -28.19 17.58 -12.91
CA HIS A 456 -27.33 18.29 -11.92
C HIS A 456 -27.78 18.24 -10.47
N THR A 457 -29.03 18.59 -10.21
CA THR A 457 -29.61 18.49 -8.91
C THR A 457 -29.61 17.05 -8.47
N ILE A 458 -29.87 16.14 -9.40
CA ILE A 458 -29.99 14.72 -9.09
C ILE A 458 -28.62 14.16 -8.76
N HIS A 459 -27.61 14.56 -9.49
CA HIS A 459 -26.24 14.14 -9.18
C HIS A 459 -25.84 14.44 -7.72
N ILE A 460 -26.12 15.66 -7.28
CA ILE A 460 -25.83 16.11 -5.88
C ILE A 460 -26.61 15.30 -4.84
N ALA A 461 -27.91 15.13 -5.02
CA ALA A 461 -28.69 14.31 -4.10
C ALA A 461 -28.17 12.85 -4.07
N SER A 462 -27.92 12.26 -5.24
CA SER A 462 -27.50 10.89 -5.32
C SER A 462 -26.15 10.62 -4.63
N VAL A 463 -25.18 11.46 -4.94
CA VAL A 463 -23.85 11.31 -4.32
C VAL A 463 -23.96 11.42 -2.77
N ALA A 464 -24.75 12.37 -2.26
CA ALA A 464 -24.87 12.59 -0.81
C ALA A 464 -25.51 11.34 -0.13
N TYR A 465 -26.70 10.98 -0.56
CA TYR A 465 -27.38 9.83 -0.02
C TYR A 465 -26.69 8.48 -0.22
N ASN A 466 -26.19 8.19 -1.43
CA ASN A 466 -25.39 7.02 -1.64
C ASN A 466 -24.18 6.93 -0.71
N SER A 467 -23.52 8.07 -0.47
CA SER A 467 -22.33 8.09 0.37
C SER A 467 -22.62 7.63 1.81
N VAL A 468 -23.86 7.73 2.26
CA VAL A 468 -24.24 7.23 3.58
C VAL A 468 -23.86 5.75 3.74
N PHE A 469 -24.07 4.95 2.68
CA PHE A 469 -23.86 3.52 2.65
C PHE A 469 -22.57 3.17 1.95
N LEU A 470 -22.25 3.79 0.81
CA LEU A 470 -21.08 3.37 0.03
C LEU A 470 -19.85 3.81 0.82
N GLY A 471 -19.96 4.89 1.59
CA GLY A 471 -18.84 5.35 2.31
C GLY A 471 -18.42 4.48 3.47
N GLU A 472 -19.21 3.48 3.85
CA GLU A 472 -18.74 2.55 4.87
C GLU A 472 -17.69 1.57 4.33
N PHE A 473 -17.63 1.43 2.98
CA PHE A 473 -16.74 0.47 2.26
C PHE A 473 -15.50 1.07 1.63
N MET A 474 -15.67 2.28 1.04
CA MET A 474 -14.72 2.95 0.19
C MET A 474 -14.94 4.46 0.25
N GLN A 475 -13.95 5.23 -0.13
CA GLN A 475 -14.08 6.68 -0.11
C GLN A 475 -14.92 7.09 -1.30
N PRO A 476 -16.06 7.75 -1.11
CA PRO A 476 -16.78 8.20 -2.31
C PRO A 476 -16.07 9.09 -3.28
N ASP A 477 -16.30 8.82 -4.57
CA ASP A 477 -15.84 9.67 -5.69
C ASP A 477 -17.08 10.27 -6.35
N TRP A 478 -17.19 11.59 -6.28
CA TRP A 478 -18.37 12.32 -6.69
C TRP A 478 -18.22 12.82 -8.16
N ASP A 479 -17.21 12.26 -8.85
CA ASP A 479 -17.03 12.31 -10.31
C ASP A 479 -16.44 13.61 -10.81
N MET A 480 -16.11 13.60 -12.07
CA MET A 480 -15.62 14.78 -12.78
C MET A 480 -16.72 15.78 -12.88
N PHE A 481 -16.38 16.93 -13.42
CA PHE A 481 -17.30 17.98 -13.73
C PHE A 481 -16.58 19.00 -14.62
N HIS A 482 -17.29 19.98 -15.05
CA HIS A 482 -16.74 21.05 -15.90
C HIS A 482 -16.63 22.36 -15.15
N SER A 483 -15.50 23.06 -15.28
CA SER A 483 -15.32 24.37 -14.66
C SER A 483 -16.04 25.49 -15.41
N VAL A 484 -16.28 25.33 -16.71
CA VAL A 484 -17.12 26.30 -17.47
C VAL A 484 -18.40 25.56 -17.85
N HIS A 485 -19.50 25.94 -17.20
CA HIS A 485 -20.77 25.24 -17.22
C HIS A 485 -21.64 26.09 -16.31
N PRO A 486 -22.93 26.20 -16.60
CA PRO A 486 -23.83 26.90 -15.72
C PRO A 486 -23.97 26.38 -14.26
N ALA A 487 -23.72 25.09 -14.06
CA ALA A 487 -23.78 24.43 -12.78
C ALA A 487 -22.36 24.12 -12.29
N ALA A 488 -21.38 24.81 -12.82
CA ALA A 488 -20.03 24.64 -12.37
C ALA A 488 -19.82 24.78 -10.83
N GLU A 489 -20.40 25.82 -10.26
CA GLU A 489 -20.13 26.18 -8.89
C GLU A 489 -20.84 25.16 -8.03
N TYR A 490 -22.02 24.73 -8.48
CA TYR A 490 -22.83 23.78 -7.78
C TYR A 490 -22.07 22.46 -7.67
N HIS A 491 -21.49 22.01 -8.78
CA HIS A 491 -20.78 20.77 -8.77
C HIS A 491 -19.46 20.93 -7.98
N ALA A 492 -18.70 21.98 -8.33
CA ALA A 492 -17.39 22.22 -7.71
C ALA A 492 -17.47 22.22 -6.19
N SER A 493 -18.45 22.94 -5.64
CA SER A 493 -18.52 23.14 -4.23
C SER A 493 -18.84 21.81 -3.54
N ALA A 494 -19.62 20.97 -4.21
CA ALA A 494 -19.92 19.67 -3.72
C ALA A 494 -18.71 18.76 -3.73
N ARG A 495 -17.91 18.83 -4.78
CA ARG A 495 -16.73 18.04 -4.83
C ARG A 495 -15.76 18.46 -3.65
N ALA A 496 -15.76 19.77 -3.35
CA ALA A 496 -14.86 20.30 -2.33
C ALA A 496 -15.20 19.77 -0.96
N ILE A 497 -16.47 19.48 -0.72
CA ILE A 497 -16.90 18.93 0.53
C ILE A 497 -17.11 17.45 0.53
N SER A 498 -16.74 16.78 -0.57
CA SER A 498 -17.06 15.36 -0.73
C SER A 498 -16.24 14.42 0.10
N GLY A 499 -15.04 14.84 0.46
CA GLY A 499 -14.03 13.96 1.00
C GLY A 499 -13.23 13.16 0.00
N GLY A 500 -13.54 13.31 -1.29
CA GLY A 500 -13.08 12.39 -2.30
C GLY A 500 -12.19 13.11 -3.32
N PRO A 501 -11.84 12.41 -4.38
CA PRO A 501 -10.95 13.01 -5.37
C PRO A 501 -11.61 14.13 -6.10
N LEU A 502 -10.80 15.10 -6.49
CA LEU A 502 -11.29 16.34 -7.09
C LEU A 502 -10.65 16.42 -8.45
N TYR A 503 -11.50 16.37 -9.46
CA TYR A 503 -11.06 16.34 -10.83
C TYR A 503 -12.09 16.83 -11.82
N VAL A 504 -11.59 17.54 -12.84
CA VAL A 504 -12.45 18.04 -13.88
C VAL A 504 -12.26 17.21 -15.16
N SER A 505 -13.20 17.35 -16.09
CA SER A 505 -13.09 16.80 -17.42
C SER A 505 -13.21 17.86 -18.56
N ASP A 506 -12.80 19.08 -18.23
CA ASP A 506 -12.75 20.21 -19.16
C ASP A 506 -12.09 19.87 -20.51
N SER A 507 -12.63 20.39 -21.60
CA SER A 507 -11.86 20.36 -22.83
C SER A 507 -10.78 21.36 -22.64
N PRO A 508 -9.62 21.11 -23.26
CA PRO A 508 -8.49 22.02 -23.14
C PRO A 508 -8.82 23.44 -23.56
N GLY A 509 -8.35 24.41 -22.80
CA GLY A 509 -8.71 25.82 -23.04
C GLY A 509 -10.13 26.21 -22.61
N LYS A 510 -10.92 25.33 -22.01
CA LYS A 510 -12.25 25.70 -21.54
C LYS A 510 -12.32 25.61 -20.01
N HIS A 511 -11.66 26.56 -19.41
CA HIS A 511 -11.48 26.52 -17.97
C HIS A 511 -11.87 27.84 -17.33
N ASN A 512 -12.41 27.77 -16.13
CA ASN A 512 -12.63 28.97 -15.31
C ASN A 512 -11.67 28.84 -14.16
N PHE A 513 -10.56 29.56 -14.28
CA PHE A 513 -9.48 29.49 -13.30
C PHE A 513 -9.86 30.16 -11.97
N GLU A 514 -10.76 31.12 -12.00
CA GLU A 514 -11.26 31.76 -10.83
C GLU A 514 -12.00 30.72 -9.99
N LEU A 515 -12.84 29.92 -10.61
CA LEU A 515 -13.47 28.80 -9.90
C LEU A 515 -12.42 27.76 -9.37
N LEU A 516 -11.49 27.39 -10.22
CA LEU A 516 -10.56 26.34 -9.90
C LEU A 516 -9.61 26.77 -8.77
N ARG A 517 -9.23 28.06 -8.67
CA ARG A 517 -8.38 28.50 -7.54
C ARG A 517 -9.05 28.26 -6.19
N LYS A 518 -10.35 28.17 -6.17
CA LYS A 518 -11.09 27.88 -4.99
C LYS A 518 -11.01 26.43 -4.59
N LEU A 519 -10.45 25.57 -5.46
CA LEU A 519 -10.34 24.14 -5.23
C LEU A 519 -8.94 23.65 -5.19
N VAL A 520 -8.10 24.31 -5.97
CA VAL A 520 -6.78 23.86 -6.25
C VAL A 520 -5.71 24.89 -5.90
N LEU A 521 -4.72 24.51 -5.13
CA LEU A 521 -3.60 25.40 -4.78
C LEU A 521 -2.56 25.44 -5.95
N PRO A 522 -1.57 26.36 -5.94
CA PRO A 522 -0.61 26.44 -7.05
C PRO A 522 0.26 25.20 -7.28
N ASP A 523 0.42 24.33 -6.27
CA ASP A 523 1.19 23.11 -6.47
C ASP A 523 0.33 21.91 -6.90
N GLY A 524 -0.95 22.16 -7.20
CA GLY A 524 -1.86 21.09 -7.56
C GLY A 524 -2.47 20.33 -6.40
N SER A 525 -2.25 20.78 -5.18
CA SER A 525 -2.85 20.12 -4.01
C SER A 525 -4.22 20.75 -3.73
N ILE A 526 -5.05 20.01 -3.00
CA ILE A 526 -6.41 20.38 -2.68
C ILE A 526 -6.63 20.35 -1.15
N LEU A 527 -7.81 20.75 -0.68
CA LEU A 527 -8.09 20.80 0.72
C LEU A 527 -9.15 19.78 0.91
N ARG A 528 -8.71 18.55 0.99
CA ARG A 528 -9.64 17.44 1.16
C ARG A 528 -10.15 17.34 2.59
N ALA A 529 -11.45 17.31 2.77
CA ALA A 529 -12.08 16.93 4.04
C ALA A 529 -11.84 15.44 4.36
N ARG A 530 -12.09 15.03 5.61
CA ARG A 530 -11.62 13.75 6.17
C ARG A 530 -12.59 12.60 6.03
N LEU A 531 -13.87 12.88 5.88
CA LEU A 531 -14.94 11.85 5.86
C LEU A 531 -15.58 11.83 4.48
N PRO A 532 -16.49 10.87 4.22
CA PRO A 532 -17.38 10.98 3.09
C PRO A 532 -18.44 11.97 3.40
N GLY A 533 -18.70 12.87 2.45
CA GLY A 533 -19.69 13.90 2.66
C GLY A 533 -21.03 13.26 2.62
N ARG A 534 -21.90 13.72 3.52
CA ARG A 534 -23.22 13.08 3.71
C ARG A 534 -24.29 14.05 4.10
N PRO A 535 -25.57 13.62 4.01
CA PRO A 535 -26.64 14.46 4.49
C PRO A 535 -26.53 14.56 5.99
N THR A 536 -27.04 15.66 6.50
CA THR A 536 -27.16 15.85 7.94
C THR A 536 -28.30 14.98 8.48
N ARG A 537 -28.31 14.71 9.79
CA ARG A 537 -29.33 13.87 10.46
C ARG A 537 -30.75 14.32 10.03
N ASP A 538 -30.96 15.60 10.17
CA ASP A 538 -32.03 16.44 9.59
C ASP A 538 -32.58 16.17 8.19
N CYS A 539 -31.70 15.72 7.34
CA CYS A 539 -31.95 15.50 5.94
C CYS A 539 -32.09 14.02 5.59
N LEU A 540 -31.78 13.13 6.53
CA LEU A 540 -31.74 11.71 6.19
C LEU A 540 -33.06 11.15 5.71
N PHE A 541 -34.14 11.72 6.21
CA PHE A 541 -35.47 11.20 5.98
C PHE A 541 -36.39 12.14 5.22
N ALA A 542 -35.87 13.27 4.80
CA ALA A 542 -36.63 14.27 4.03
C ALA A 542 -35.94 14.33 2.68
N ASP A 543 -36.68 13.98 1.63
CA ASP A 543 -36.18 13.88 0.27
C ASP A 543 -36.10 15.23 -0.44
N PRO A 544 -34.87 15.80 -0.55
CA PRO A 544 -34.69 17.15 -1.04
C PRO A 544 -34.79 17.28 -2.53
N ALA A 545 -34.94 16.15 -3.22
CA ALA A 545 -35.26 16.18 -4.62
C ALA A 545 -36.78 16.12 -4.89
N ARG A 546 -37.54 15.50 -3.99
CA ARG A 546 -38.96 15.27 -4.15
C ARG A 546 -39.93 16.04 -3.22
N ASP A 547 -39.52 16.46 -2.01
CA ASP A 547 -40.54 16.90 -1.02
C ASP A 547 -41.11 18.30 -1.23
N GLY A 548 -40.54 19.10 -2.14
CA GLY A 548 -40.97 20.48 -2.32
C GLY A 548 -40.69 21.42 -1.15
N VAL A 549 -40.07 20.93 -0.07
CA VAL A 549 -40.00 21.63 1.21
C VAL A 549 -38.58 21.89 1.70
N SER A 550 -37.67 20.93 1.51
CA SER A 550 -36.38 20.98 2.22
C SER A 550 -35.16 21.30 1.37
N LEU A 551 -34.22 22.03 1.95
CA LEU A 551 -32.87 22.12 1.47
C LEU A 551 -32.03 20.92 1.91
N LEU A 552 -31.17 20.44 0.98
CA LEU A 552 -30.23 19.41 1.31
C LEU A 552 -29.02 20.07 1.96
N LYS A 553 -28.62 19.54 3.12
CA LYS A 553 -27.46 19.96 3.80
C LYS A 553 -26.50 18.78 3.87
N ILE A 554 -25.25 19.05 3.49
CA ILE A 554 -24.19 18.09 3.42
C ILE A 554 -23.11 18.51 4.40
N TRP A 555 -22.64 17.59 5.26
CA TRP A 555 -21.67 17.92 6.30
C TRP A 555 -20.45 17.12 6.08
N ASN A 556 -19.32 17.67 6.48
CA ASN A 556 -18.07 16.93 6.56
C ASN A 556 -17.22 17.56 7.66
N MET A 557 -16.01 17.03 7.83
CA MET A 557 -14.99 17.47 8.80
C MET A 557 -13.63 17.64 8.19
N ASN A 558 -12.96 18.66 8.69
CA ASN A 558 -11.53 18.77 8.65
C ASN A 558 -11.01 18.42 10.05
N LYS A 559 -9.75 18.69 10.29
CA LYS A 559 -9.15 18.41 11.61
C LYS A 559 -9.69 19.38 12.66
N TYR A 560 -9.84 20.67 12.32
CA TYR A 560 -10.22 21.71 13.30
C TYR A 560 -11.39 22.56 12.89
N THR A 561 -12.02 22.24 11.74
CA THR A 561 -13.35 22.76 11.47
C THR A 561 -14.22 21.67 10.97
N GLY A 562 -15.48 21.98 10.93
CA GLY A 562 -16.49 21.25 10.18
C GLY A 562 -16.77 22.07 8.93
N VAL A 563 -17.55 21.49 8.03
CA VAL A 563 -18.00 22.24 6.89
C VAL A 563 -19.39 21.79 6.55
N LEU A 564 -20.17 22.72 6.01
CA LEU A 564 -21.54 22.42 5.67
C LEU A 564 -21.87 23.04 4.32
N GLY A 565 -22.33 22.21 3.38
CA GLY A 565 -22.82 22.70 2.10
C GLY A 565 -24.32 22.57 2.06
N VAL A 566 -24.97 23.59 1.56
CA VAL A 566 -26.44 23.61 1.48
C VAL A 566 -26.83 23.84 0.01
N TYR A 567 -27.80 23.05 -0.46
CA TYR A 567 -28.10 22.86 -1.89
C TYR A 567 -29.61 22.79 -2.01
N ASN A 568 -30.16 23.58 -2.92
CA ASN A 568 -31.51 23.27 -3.38
C ASN A 568 -31.44 22.29 -4.56
N CYS A 569 -31.84 21.06 -4.35
CA CYS A 569 -31.90 20.11 -5.45
C CYS A 569 -33.31 19.58 -5.76
N GLN A 570 -34.29 20.46 -5.55
CA GLN A 570 -35.68 20.13 -5.83
C GLN A 570 -35.90 20.18 -7.33
N GLY A 571 -37.02 19.60 -7.76
CA GLY A 571 -37.50 19.72 -9.13
C GLY A 571 -37.11 18.64 -10.13
N ALA A 572 -36.29 17.65 -9.73
CA ALA A 572 -35.96 16.55 -10.62
C ALA A 572 -35.66 15.30 -9.82
N ALA A 573 -36.06 14.13 -10.31
CA ALA A 573 -35.71 12.85 -9.70
C ALA A 573 -36.08 11.71 -10.61
N TRP A 574 -35.63 10.54 -10.23
CA TRP A 574 -36.03 9.31 -10.89
C TRP A 574 -37.54 9.11 -10.65
N SER A 575 -38.26 8.93 -11.73
CA SER A 575 -39.72 8.71 -11.65
C SER A 575 -40.05 7.22 -11.56
N SER A 576 -40.86 6.83 -10.60
CA SER A 576 -41.29 5.46 -10.50
C SER A 576 -42.23 5.03 -11.64
N THR A 577 -42.80 6.00 -12.37
CA THR A 577 -43.72 5.67 -13.46
C THR A 577 -43.04 5.67 -14.79
N GLU A 578 -42.21 6.67 -15.05
CA GLU A 578 -41.46 6.70 -16.32
C GLU A 578 -40.18 5.88 -16.27
N ARG A 579 -39.77 5.42 -15.08
CA ARG A 579 -38.55 4.64 -14.91
C ARG A 579 -37.26 5.31 -15.52
N LYS A 580 -37.15 6.62 -15.42
CA LYS A 580 -35.96 7.42 -15.79
C LYS A 580 -35.95 8.74 -14.98
N ASN A 581 -34.88 9.49 -15.05
CA ASN A 581 -34.74 10.82 -14.41
C ASN A 581 -35.49 11.83 -15.28
N ILE A 582 -36.38 12.60 -14.69
CA ILE A 582 -37.12 13.66 -15.35
C ILE A 582 -37.24 14.86 -14.37
N PHE A 583 -37.52 16.00 -14.95
CA PHE A 583 -38.03 17.14 -14.25
C PHE A 583 -39.45 16.86 -13.70
N HIS A 584 -39.83 17.57 -12.64
CA HIS A 584 -41.16 17.46 -12.14
C HIS A 584 -41.52 18.78 -11.48
N GLN A 585 -42.78 18.93 -11.17
CA GLN A 585 -43.30 20.22 -10.76
C GLN A 585 -42.83 20.60 -9.34
N THR A 586 -42.43 21.85 -9.14
CA THR A 586 -42.17 22.40 -7.79
C THR A 586 -43.08 23.58 -7.41
N LYS A 587 -43.50 23.66 -6.16
CA LYS A 587 -44.43 24.73 -5.74
C LYS A 587 -43.87 26.18 -5.86
N THR A 588 -42.64 26.40 -5.38
CA THR A 588 -41.96 27.70 -5.54
C THR A 588 -40.61 27.51 -6.19
N ASP A 589 -40.09 28.62 -6.69
CA ASP A 589 -38.71 28.68 -7.08
C ASP A 589 -37.82 28.51 -5.80
N SER A 590 -38.07 29.33 -4.76
CA SER A 590 -37.15 29.49 -3.61
C SER A 590 -37.61 28.78 -2.36
N LEU A 591 -36.64 28.22 -1.62
CA LEU A 591 -36.91 27.58 -0.31
C LEU A 591 -36.02 28.08 0.82
N THR A 592 -36.59 28.12 2.00
CA THR A 592 -35.92 28.57 3.22
C THR A 592 -35.85 27.41 4.22
N GLY A 593 -34.64 27.07 4.64
CA GLY A 593 -34.39 26.12 5.72
C GLY A 593 -33.42 26.86 6.63
N SER A 594 -32.60 26.13 7.37
CA SER A 594 -31.72 26.75 8.33
C SER A 594 -30.60 25.82 8.76
N ILE A 595 -29.65 26.44 9.43
CA ILE A 595 -28.31 25.89 9.69
C ILE A 595 -28.09 25.97 11.18
N ARG A 596 -27.42 24.99 11.74
CA ARG A 596 -26.95 24.98 13.13
C ARG A 596 -25.59 24.36 13.16
N GLY A 597 -24.70 24.88 14.03
CA GLY A 597 -23.38 24.27 14.28
C GLY A 597 -23.50 22.76 14.36
N ARG A 598 -24.45 22.26 15.13
CA ARG A 598 -24.52 20.84 15.36
C ARG A 598 -25.10 20.01 14.16
N ASP A 599 -25.52 20.67 13.08
CA ASP A 599 -25.72 19.99 11.75
C ASP A 599 -24.50 19.23 11.22
N VAL A 600 -23.34 19.75 11.55
CA VAL A 600 -22.09 19.03 11.33
C VAL A 600 -22.01 18.04 12.48
N HIS A 601 -22.47 16.83 12.23
CA HIS A 601 -22.71 15.83 13.24
C HIS A 601 -21.54 15.61 14.20
N SER A 602 -20.32 15.54 13.68
CA SER A 602 -19.12 15.27 14.49
C SER A 602 -18.33 16.53 14.91
N ILE A 603 -18.92 17.71 14.81
CA ILE A 603 -18.21 19.00 15.11
C ILE A 603 -17.37 19.04 16.38
N SER A 604 -17.83 18.39 17.43
CA SER A 604 -17.00 18.12 18.66
C SER A 604 -15.59 17.75 18.44
N GLU A 605 -15.42 16.88 17.46
CA GLU A 605 -14.10 16.35 17.21
C GLU A 605 -13.14 17.40 16.68
N ALA A 606 -13.65 18.55 16.19
CA ALA A 606 -12.78 19.67 15.80
C ALA A 606 -12.43 20.58 17.00
N SER A 607 -13.12 20.43 18.14
CA SER A 607 -12.82 21.25 19.30
C SER A 607 -11.53 20.75 19.95
N THR A 608 -10.65 21.69 20.31
CA THR A 608 -9.41 21.38 21.04
C THR A 608 -9.64 20.97 22.47
N ASP A 609 -10.86 21.19 23.00
CA ASP A 609 -11.19 20.89 24.37
C ASP A 609 -12.65 20.54 24.44
N PRO A 610 -13.04 19.40 23.87
CA PRO A 610 -14.45 19.03 23.82
C PRO A 610 -15.13 18.72 25.14
N THR A 611 -14.43 18.61 26.27
CA THR A 611 -15.17 18.47 27.55
C THR A 611 -15.55 19.83 28.15
N THR A 612 -14.86 20.89 27.82
CA THR A 612 -15.32 22.20 28.30
C THR A 612 -16.18 22.98 27.26
N TRP A 613 -16.15 22.60 25.97
CA TRP A 613 -16.81 23.38 24.91
C TRP A 613 -18.35 23.55 25.07
N ASN A 614 -18.86 24.80 24.98
CA ASN A 614 -20.34 25.04 25.13
C ASN A 614 -21.12 24.83 23.83
N GLY A 615 -20.44 24.44 22.75
CA GLY A 615 -21.13 24.16 21.48
C GLY A 615 -21.27 25.39 20.57
N ASP A 616 -20.66 26.53 20.93
CA ASP A 616 -20.73 27.75 20.09
C ASP A 616 -19.73 27.63 18.98
N CYS A 617 -20.12 28.10 17.79
CA CYS A 617 -19.29 28.02 16.59
C CYS A 617 -19.15 29.36 15.90
N ALA A 618 -17.99 29.59 15.31
CA ALA A 618 -17.90 30.62 14.30
C ALA A 618 -18.25 30.02 12.91
N VAL A 619 -19.13 30.73 12.18
CA VAL A 619 -19.69 30.24 10.93
C VAL A 619 -19.42 31.24 9.82
N TYR A 620 -18.65 30.81 8.82
CA TYR A 620 -18.21 31.64 7.74
C TYR A 620 -18.85 31.18 6.41
N SER A 621 -19.61 32.10 5.76
CA SER A 621 -20.20 31.89 4.47
C SER A 621 -19.19 32.20 3.41
N GLN A 622 -18.80 31.20 2.63
CA GLN A 622 -17.69 31.40 1.70
C GLN A 622 -18.15 32.28 0.51
N SER A 623 -19.37 32.12 -0.02
CA SER A 623 -19.85 33.02 -1.09
C SER A 623 -20.14 34.45 -0.60
N ARG A 624 -20.91 34.61 0.49
CA ARG A 624 -21.19 35.98 1.05
C ARG A 624 -20.00 36.65 1.72
N GLY A 625 -18.93 35.90 2.02
CA GLY A 625 -17.81 36.41 2.80
C GLY A 625 -18.17 36.99 4.18
N GLU A 626 -19.17 36.38 4.81
CA GLU A 626 -19.73 36.81 6.08
C GLU A 626 -19.42 35.82 7.22
N LEU A 627 -18.97 36.37 8.36
CA LEU A 627 -18.71 35.61 9.59
C LEU A 627 -19.72 35.97 10.62
N ILE A 628 -20.28 34.95 11.23
CA ILE A 628 -21.31 35.03 12.20
C ILE A 628 -20.91 34.09 13.33
N VAL A 629 -21.20 34.50 14.56
CA VAL A 629 -21.02 33.64 15.73
C VAL A 629 -22.37 33.03 15.93
N MET A 630 -22.43 31.73 16.16
CA MET A 630 -23.70 31.03 16.40
C MET A 630 -23.59 30.24 17.65
N PRO A 631 -24.30 30.70 18.69
CA PRO A 631 -24.36 29.88 19.89
C PRO A 631 -25.02 28.55 19.63
N TYR A 632 -24.74 27.62 20.52
CA TYR A 632 -25.28 26.30 20.47
C TYR A 632 -26.80 26.32 20.26
N ASN A 633 -27.27 25.54 19.29
CA ASN A 633 -28.69 25.44 18.95
C ASN A 633 -29.31 26.61 18.19
N VAL A 634 -28.77 27.83 18.28
CA VAL A 634 -29.30 28.93 17.46
C VAL A 634 -29.29 28.54 15.96
N SER A 635 -30.42 28.73 15.31
CA SER A 635 -30.63 28.56 13.87
C SER A 635 -30.35 29.82 13.08
N LEU A 636 -29.68 29.67 11.93
CA LEU A 636 -29.51 30.75 10.92
C LEU A 636 -30.30 30.34 9.67
N PRO A 637 -31.25 31.22 9.20
CA PRO A 637 -31.99 31.04 7.95
C PRO A 637 -31.09 30.96 6.70
N VAL A 638 -31.46 30.08 5.77
CA VAL A 638 -30.81 30.06 4.49
C VAL A 638 -31.90 29.82 3.49
N SER A 639 -31.80 30.59 2.41
CA SER A 639 -32.79 30.67 1.40
C SER A 639 -32.03 30.40 0.11
N LEU A 640 -32.49 29.40 -0.67
CA LEU A 640 -31.86 29.04 -1.93
C LEU A 640 -32.91 28.70 -3.00
N LYS A 641 -32.72 29.26 -4.21
CA LYS A 641 -33.49 28.85 -5.38
C LYS A 641 -32.90 27.57 -5.91
N ILE A 642 -33.61 26.96 -6.84
CA ILE A 642 -33.23 25.68 -7.41
C ILE A 642 -31.89 25.80 -8.08
N ARG A 643 -31.03 24.83 -7.82
CA ARG A 643 -29.66 24.87 -8.35
C ARG A 643 -28.78 25.98 -7.75
N GLU A 644 -29.14 26.55 -6.61
CA GLU A 644 -28.22 27.39 -5.84
C GLU A 644 -27.68 26.57 -4.68
N HIS A 645 -26.57 27.06 -4.14
CA HIS A 645 -25.86 26.42 -3.08
C HIS A 645 -25.24 27.49 -2.22
N GLU A 646 -24.90 27.10 -1.00
CA GLU A 646 -24.01 27.90 -0.18
C GLU A 646 -23.09 27.02 0.71
N ILE A 647 -21.81 27.39 0.80
CA ILE A 647 -20.87 26.68 1.64
C ILE A 647 -20.53 27.47 2.92
N PHE A 648 -20.60 26.78 4.08
CA PHE A 648 -20.21 27.32 5.40
C PHE A 648 -19.06 26.56 6.06
N THR A 649 -18.01 27.27 6.46
CA THR A 649 -17.03 26.68 7.35
C THR A 649 -17.55 26.88 8.83
N VAL A 650 -17.53 25.82 9.63
CA VAL A 650 -18.13 25.82 10.98
C VAL A 650 -17.01 25.49 11.94
N SER A 651 -16.56 26.50 12.73
CA SER A 651 -15.43 26.28 13.61
C SER A 651 -15.78 26.47 15.09
N PRO A 652 -15.49 25.44 15.92
CA PRO A 652 -15.74 25.53 17.39
C PRO A 652 -14.95 26.70 17.97
N ILE A 653 -15.60 27.53 18.73
CA ILE A 653 -14.97 28.66 19.40
C ILE A 653 -14.30 28.16 20.64
N SER A 654 -13.03 28.53 20.81
CA SER A 654 -12.33 28.39 22.09
C SER A 654 -12.42 29.69 22.92
N HIS A 655 -12.71 29.55 24.23
CA HIS A 655 -12.81 30.65 25.23
C HIS A 655 -11.56 30.63 26.05
N LEU A 656 -10.69 31.59 25.80
CA LEU A 656 -9.38 31.58 26.45
C LEU A 656 -9.57 32.12 27.90
N VAL A 657 -10.16 33.28 27.99
CA VAL A 657 -10.60 33.91 29.26
C VAL A 657 -11.82 34.71 28.90
N ASP A 658 -12.49 35.26 29.89
CA ASP A 658 -13.68 36.06 29.65
C ASP A 658 -13.39 37.13 28.65
N GLY A 659 -14.22 37.24 27.62
CA GLY A 659 -14.06 38.29 26.57
C GLY A 659 -13.06 37.96 25.47
N VAL A 660 -12.27 36.90 25.64
CA VAL A 660 -11.27 36.50 24.66
C VAL A 660 -11.57 35.07 24.16
N SER A 661 -12.11 35.07 22.94
CA SER A 661 -12.60 33.90 22.21
C SER A 661 -12.02 33.88 20.78
N PHE A 662 -11.88 32.69 20.20
CA PHE A 662 -11.21 32.56 18.92
C PHE A 662 -11.67 31.30 18.20
N ALA A 663 -11.60 31.33 16.90
CA ALA A 663 -11.74 30.08 16.12
C ALA A 663 -11.13 30.28 14.75
N PRO A 664 -10.28 29.36 14.33
CA PRO A 664 -9.74 29.46 13.01
C PRO A 664 -10.79 29.14 11.92
N ILE A 665 -10.72 29.79 10.76
CA ILE A 665 -11.57 29.49 9.58
C ILE A 665 -10.73 28.81 8.48
N GLY A 666 -9.63 29.45 8.10
CA GLY A 666 -8.69 28.94 7.14
C GLY A 666 -8.61 29.80 5.89
N LEU A 667 -8.49 29.15 4.74
CA LEU A 667 -8.31 29.82 3.46
C LEU A 667 -9.66 30.20 2.92
N VAL A 668 -10.07 31.42 3.22
CA VAL A 668 -11.44 31.84 2.95
C VAL A 668 -11.89 31.93 1.48
N ASN A 669 -10.94 32.11 0.55
CA ASN A 669 -11.26 32.10 -0.87
C ASN A 669 -11.26 30.69 -1.46
N MET A 670 -11.05 29.65 -0.63
CA MET A 670 -11.26 28.30 -1.11
C MET A 670 -12.57 27.73 -0.52
N TYR A 671 -13.24 26.82 -1.24
CA TYR A 671 -14.48 26.30 -0.80
C TYR A 671 -14.37 25.62 0.60
N ASN A 672 -13.44 24.69 0.75
CA ASN A 672 -13.18 23.99 2.02
C ASN A 672 -12.11 24.70 2.88
N SER A 673 -12.44 25.89 3.33
CA SER A 673 -11.45 26.79 3.97
C SER A 673 -10.71 26.14 5.12
N GLY A 674 -11.46 25.48 5.97
CA GLY A 674 -10.93 24.79 7.14
C GLY A 674 -10.00 23.67 6.84
N GLY A 675 -10.03 23.13 5.62
CA GLY A 675 -9.08 22.05 5.27
C GLY A 675 -7.63 22.48 5.33
N ALA A 676 -7.35 23.79 5.30
CA ALA A 676 -5.94 24.26 5.37
C ALA A 676 -5.31 24.15 6.77
N ILE A 677 -6.09 23.99 7.82
CA ILE A 677 -5.55 24.03 9.18
C ILE A 677 -5.08 22.66 9.59
N GLU A 678 -3.76 22.52 9.70
CA GLU A 678 -3.11 21.27 10.12
C GLU A 678 -2.78 21.13 11.61
N GLY A 679 -2.65 22.27 12.30
CA GLY A 679 -2.32 22.27 13.72
C GLY A 679 -2.87 23.49 14.40
N LEU A 680 -3.30 23.33 15.63
CA LEU A 680 -3.93 24.40 16.35
C LEU A 680 -3.66 24.13 17.86
N ARG A 681 -3.12 25.12 18.55
CA ARG A 681 -2.86 25.06 20.00
C ARG A 681 -3.26 26.41 20.52
N TYR A 682 -4.11 26.44 21.53
CA TYR A 682 -4.39 27.64 22.33
C TYR A 682 -3.50 27.73 23.56
N GLU A 683 -2.93 28.91 23.78
CA GLU A 683 -2.11 29.11 24.99
C GLU A 683 -2.73 30.22 25.80
N ALA A 684 -3.69 29.86 26.63
CA ALA A 684 -4.51 30.86 27.32
C ALA A 684 -3.71 31.73 28.34
N GLU A 685 -2.67 31.15 28.92
CA GLU A 685 -1.76 31.85 29.87
C GLU A 685 -0.93 32.92 29.15
N LYS A 686 -0.80 32.84 27.82
CA LYS A 686 -0.12 33.89 27.02
C LYS A 686 -1.04 34.70 26.07
N MET A 687 -2.35 34.46 26.17
CA MET A 687 -3.38 35.01 25.29
C MET A 687 -2.96 34.81 23.83
N LYS A 688 -2.53 33.58 23.53
CA LYS A 688 -1.94 33.25 22.25
C LYS A 688 -2.55 32.00 21.52
N VAL A 689 -2.60 32.09 20.18
CA VAL A 689 -2.94 30.93 19.26
C VAL A 689 -1.81 30.57 18.33
N VAL A 690 -1.54 29.27 18.22
CA VAL A 690 -0.46 28.79 17.37
C VAL A 690 -1.06 27.78 16.41
N MET A 691 -0.87 28.02 15.14
CA MET A 691 -1.46 27.24 14.05
C MET A 691 -0.38 26.84 13.05
N GLU A 692 -0.64 25.72 12.40
CA GLU A 692 0.06 25.36 11.19
C GLU A 692 -0.96 25.25 10.07
N VAL A 693 -0.70 25.97 8.97
CA VAL A 693 -1.62 26.18 7.88
C VAL A 693 -0.96 25.83 6.54
N LYS A 694 -1.55 24.91 5.77
CA LYS A 694 -1.03 24.63 4.42
C LYS A 694 -1.60 25.62 3.44
N GLY A 695 -0.96 25.76 2.28
CA GLY A 695 -1.47 26.51 1.16
C GLY A 695 -1.00 27.94 1.13
N CYS A 696 -1.81 28.81 0.55
CA CYS A 696 -1.48 30.22 0.40
C CYS A 696 -2.76 30.89 0.03
N GLY A 697 -2.75 32.22 0.02
CA GLY A 697 -3.94 33.00 -0.21
C GLY A 697 -4.33 33.61 1.13
N LYS A 698 -5.54 34.12 1.22
CA LYS A 698 -6.01 34.88 2.34
C LYS A 698 -6.53 33.95 3.45
N PHE A 699 -6.04 34.16 4.66
CA PHE A 699 -6.35 33.32 5.82
C PHE A 699 -7.23 34.09 6.74
N GLY A 700 -8.20 33.39 7.33
CA GLY A 700 -9.26 34.02 8.08
C GLY A 700 -9.41 33.35 9.42
N SER A 701 -9.75 34.12 10.44
CA SER A 701 -10.10 33.56 11.74
C SER A 701 -11.10 34.42 12.44
N TYR A 702 -11.82 33.81 13.41
CA TYR A 702 -12.72 34.55 14.31
C TYR A 702 -11.92 34.95 15.60
N SER A 703 -11.99 36.22 15.99
CA SER A 703 -11.44 36.70 17.28
C SER A 703 -12.37 37.72 17.91
N SER A 704 -12.79 37.50 19.14
CA SER A 704 -13.56 38.50 19.90
C SER A 704 -12.83 39.81 20.13
N VAL A 705 -11.51 39.83 20.04
CA VAL A 705 -10.74 41.05 20.20
C VAL A 705 -9.77 41.23 19.06
N LYS A 706 -9.47 42.50 18.77
CA LYS A 706 -8.49 42.81 17.75
C LYS A 706 -7.19 42.25 18.23
N PRO A 707 -6.48 41.47 17.40
CA PRO A 707 -5.19 40.97 17.83
C PRO A 707 -4.21 42.10 18.03
N LYS A 708 -3.15 41.82 18.78
CA LYS A 708 -2.06 42.74 19.01
C LYS A 708 -0.97 42.55 17.94
N ARG A 709 -0.75 41.28 17.53
CA ARG A 709 0.25 40.88 16.52
C ARG A 709 -0.22 39.54 15.83
N CYS A 710 -0.10 39.48 14.50
CA CYS A 710 -0.16 38.26 13.73
C CYS A 710 1.21 38.01 13.13
N VAL A 711 1.78 36.86 13.43
CA VAL A 711 3.14 36.52 13.15
C VAL A 711 3.20 35.22 12.27
N VAL A 712 3.82 35.32 11.09
CA VAL A 712 3.91 34.22 10.18
C VAL A 712 5.35 33.95 9.98
N GLU A 713 5.77 32.77 10.40
CA GLU A 713 7.10 32.28 10.10
C GLU A 713 8.11 33.14 10.85
N SER A 714 7.72 33.54 12.07
CA SER A 714 8.55 34.34 12.98
C SER A 714 8.71 35.83 12.61
N ASN A 715 7.87 36.33 11.70
CA ASN A 715 7.82 37.76 11.36
C ASN A 715 6.40 38.32 11.43
N GLU A 716 6.29 39.53 11.93
CA GLU A 716 5.03 40.19 12.13
C GLU A 716 4.51 40.59 10.72
N ILE A 717 3.21 40.47 10.47
CA ILE A 717 2.65 40.88 9.19
C ILE A 717 1.44 41.73 9.42
N ALA A 718 0.96 42.39 8.38
CA ALA A 718 -0.19 43.24 8.46
C ALA A 718 -1.43 42.40 8.45
N PHE A 719 -2.48 42.90 9.07
CA PHE A 719 -3.71 42.18 9.09
C PHE A 719 -4.84 43.17 9.15
N GLU A 720 -6.02 42.73 8.77
CA GLU A 720 -7.24 43.46 8.95
C GLU A 720 -8.09 42.76 10.01
N TYR A 721 -8.95 43.55 10.64
CA TYR A 721 -9.87 43.15 11.64
C TYR A 721 -11.15 43.93 11.48
N ASP A 722 -12.25 43.22 11.28
CA ASP A 722 -13.56 43.81 11.29
C ASP A 722 -14.09 43.62 12.72
N SER A 723 -14.29 44.73 13.41
CA SER A 723 -14.56 44.69 14.84
C SER A 723 -15.99 44.36 15.15
N SER A 724 -16.86 44.39 14.14
CA SER A 724 -18.26 44.03 14.32
C SER A 724 -18.46 42.52 14.16
N SER A 725 -17.73 41.87 13.27
CA SER A 725 -17.93 40.44 13.08
C SER A 725 -16.91 39.64 13.88
N GLY A 726 -15.77 40.27 14.17
CA GLY A 726 -14.59 39.62 14.69
C GLY A 726 -13.69 38.95 13.68
N LEU A 727 -13.84 39.29 12.38
CA LEU A 727 -13.14 38.53 11.31
C LEU A 727 -11.75 39.08 11.19
N VAL A 728 -10.76 38.22 11.46
CA VAL A 728 -9.38 38.57 11.29
C VAL A 728 -8.86 38.05 9.92
N THR A 729 -8.00 38.80 9.24
CA THR A 729 -7.61 38.50 7.87
C THR A 729 -6.18 38.93 7.58
N PHE A 730 -5.37 38.00 7.05
CA PHE A 730 -4.04 38.31 6.55
C PHE A 730 -3.65 37.37 5.45
N GLU A 731 -2.63 37.74 4.68
CA GLU A 731 -2.17 37.01 3.50
C GLU A 731 -1.07 36.04 3.83
N LEU A 732 -1.21 34.82 3.32
CA LEU A 732 -0.17 33.81 3.34
C LEU A 732 0.30 33.81 1.89
N ASP A 733 1.54 34.19 1.70
CA ASP A 733 1.89 34.86 0.46
C ASP A 733 2.13 33.90 -0.65
N LYS A 734 2.91 32.88 -0.29
CA LYS A 734 3.52 31.93 -1.18
C LYS A 734 3.24 30.66 -0.49
N MET A 735 3.37 29.57 -1.24
CA MET A 735 3.33 28.22 -0.69
C MET A 735 4.56 28.13 0.20
N PRO A 736 4.53 27.25 1.20
CA PRO A 736 5.62 27.24 2.16
C PRO A 736 6.96 27.02 1.47
N ILE A 737 7.94 27.90 1.72
CA ILE A 737 9.34 27.74 1.21
C ILE A 737 9.86 26.34 1.68
N GLU A 738 10.71 25.70 0.85
CA GLU A 738 11.00 24.24 0.89
C GLU A 738 9.78 23.53 0.22
N ASN A 739 9.11 22.45 0.70
CA ASN A 739 9.53 21.30 1.57
C ASN A 739 9.09 21.35 3.06
N LYS A 740 8.90 22.54 3.65
CA LYS A 740 8.70 22.71 5.13
C LYS A 740 7.18 22.82 5.40
N ARG A 741 6.45 21.88 4.83
CA ARG A 741 5.07 22.02 4.31
C ARG A 741 3.98 22.91 4.94
N PHE A 742 4.23 23.59 6.05
CA PHE A 742 3.18 24.35 6.74
C PHE A 742 3.68 25.75 7.02
N HIS A 743 2.80 26.71 6.99
CA HIS A 743 3.13 28.00 7.53
C HIS A 743 2.90 27.92 9.06
N LEU A 744 3.85 28.41 9.87
CA LEU A 744 3.67 28.58 11.35
C LEU A 744 3.15 29.97 11.65
N ILE A 745 1.99 30.03 12.25
CA ILE A 745 1.29 31.26 12.50
C ILE A 745 1.08 31.39 14.01
N GLN A 746 1.31 32.59 14.53
CA GLN A 746 1.01 32.90 15.91
C GLN A 746 0.10 34.09 15.89
N VAL A 747 -1.05 34.03 16.56
CA VAL A 747 -1.91 35.21 16.71
C VAL A 747 -1.89 35.57 18.23
N GLU A 748 -1.52 36.82 18.51
CA GLU A 748 -1.28 37.30 19.90
C GLU A 748 -2.43 38.13 20.24
N LEU A 749 -3.24 37.61 21.13
CA LEU A 749 -4.38 38.36 21.57
C LEU A 749 -3.97 39.05 22.93
N PRO B 5 27.35 -9.74 -31.18
CA PRO B 5 26.10 -10.15 -30.54
C PRO B 5 26.17 -10.61 -29.03
N ALA B 6 27.15 -10.08 -28.25
CA ALA B 6 27.17 -10.04 -26.75
C ALA B 6 27.38 -11.41 -26.01
N VAL B 7 26.34 -12.24 -25.98
CA VAL B 7 26.48 -13.62 -25.52
C VAL B 7 25.98 -14.57 -26.59
N ARG B 8 26.78 -15.57 -26.93
CA ARG B 8 26.34 -16.52 -27.94
C ARG B 8 26.99 -17.88 -27.83
N ILE B 9 26.37 -18.79 -28.57
CA ILE B 9 26.74 -20.17 -28.65
C ILE B 9 27.10 -20.41 -30.13
N SER B 10 28.40 -20.66 -30.36
CA SER B 10 29.00 -20.89 -31.69
C SER B 10 30.00 -22.07 -31.66
N ASP B 11 29.78 -23.02 -32.58
CA ASP B 11 30.34 -24.38 -32.52
C ASP B 11 30.05 -25.00 -31.14
N GLY B 12 31.04 -25.41 -30.35
CA GLY B 12 30.71 -26.00 -29.03
C GLY B 12 30.87 -25.08 -27.83
N ASN B 13 30.90 -23.76 -28.04
CA ASN B 13 31.39 -22.82 -27.00
C ASN B 13 30.40 -21.72 -26.60
N LEU B 14 30.40 -21.36 -25.32
CA LEU B 14 29.64 -20.20 -24.87
C LEU B 14 30.58 -19.04 -24.87
N ILE B 15 30.22 -18.02 -25.65
CA ILE B 15 31.11 -16.88 -25.95
C ILE B 15 30.58 -15.53 -25.40
N ILE B 16 31.39 -14.90 -24.55
CA ILE B 16 31.10 -13.63 -23.89
C ILE B 16 32.14 -12.56 -24.34
N LYS B 17 31.71 -11.66 -25.23
CA LYS B 17 32.60 -10.66 -25.89
C LYS B 17 33.88 -11.28 -26.48
N ASN B 18 33.65 -12.30 -27.31
CA ASN B 18 34.70 -13.09 -27.98
C ASN B 18 35.83 -13.59 -27.06
N ARG B 19 35.45 -14.00 -25.85
CA ARG B 19 36.23 -14.93 -25.05
C ARG B 19 35.30 -16.13 -24.81
N THR B 20 35.87 -17.32 -24.87
CA THR B 20 35.15 -18.55 -24.64
C THR B 20 35.12 -18.72 -23.13
N ILE B 21 33.93 -18.85 -22.55
CA ILE B 21 33.80 -19.04 -21.09
C ILE B 21 33.48 -20.49 -20.74
N LEU B 22 32.57 -21.07 -21.52
CA LEU B 22 32.25 -22.48 -21.44
C LEU B 22 32.62 -23.22 -22.73
N THR B 23 33.32 -24.33 -22.58
CA THR B 23 33.64 -25.19 -23.68
C THR B 23 32.73 -26.38 -23.62
N GLY B 24 32.51 -26.99 -24.78
CA GLY B 24 31.78 -28.27 -24.89
C GLY B 24 30.35 -28.16 -24.40
N VAL B 25 29.58 -27.34 -25.11
CA VAL B 25 28.20 -27.09 -24.80
C VAL B 25 27.47 -28.11 -25.65
N PRO B 26 26.75 -29.07 -25.02
CA PRO B 26 26.10 -30.15 -25.78
C PRO B 26 25.17 -29.70 -26.87
N ASP B 27 24.78 -30.65 -27.71
CA ASP B 27 23.93 -30.37 -28.87
C ASP B 27 22.44 -30.37 -28.49
N ASN B 28 22.10 -31.05 -27.41
CA ASN B 28 20.72 -31.04 -26.90
C ASN B 28 20.35 -29.75 -26.10
N VAL B 29 21.33 -28.91 -25.76
CA VAL B 29 21.07 -27.57 -25.19
C VAL B 29 20.55 -26.62 -26.31
N ILE B 30 19.37 -26.02 -26.10
CA ILE B 30 18.84 -25.02 -27.01
C ILE B 30 18.82 -23.61 -26.40
N THR B 31 18.72 -22.62 -27.27
CA THR B 31 18.78 -21.22 -26.89
C THR B 31 17.91 -20.31 -27.77
N THR B 32 17.49 -19.22 -27.15
CA THR B 32 16.81 -18.13 -27.82
C THR B 32 17.08 -16.78 -27.09
N SER B 33 16.98 -15.73 -27.86
CA SER B 33 16.98 -14.37 -27.41
C SER B 33 15.72 -13.70 -27.89
N ALA B 34 14.73 -14.49 -28.31
CA ALA B 34 13.53 -13.93 -28.85
C ALA B 34 12.65 -13.61 -27.66
N SER B 35 11.83 -12.59 -27.82
CA SER B 35 10.87 -12.23 -26.79
C SER B 35 9.76 -11.38 -27.35
N GLU B 36 8.64 -11.48 -26.66
CA GLU B 36 7.77 -10.37 -26.32
C GLU B 36 8.26 -8.99 -26.91
N ALA B 37 9.40 -8.47 -26.44
CA ALA B 37 9.86 -7.07 -26.65
C ALA B 37 10.68 -6.60 -27.91
N GLY B 38 11.22 -7.41 -28.80
CA GLY B 38 11.77 -8.72 -28.55
C GLY B 38 13.29 -8.76 -28.33
N PRO B 39 14.08 -9.02 -29.40
CA PRO B 39 15.51 -9.42 -29.26
C PRO B 39 16.14 -8.88 -27.98
N VAL B 40 16.37 -9.79 -27.05
CA VAL B 40 16.86 -9.50 -25.70
C VAL B 40 18.40 -9.58 -25.69
N GLU B 41 19.12 -8.79 -24.87
CA GLU B 41 20.60 -8.75 -24.89
C GLU B 41 21.33 -9.86 -24.08
N GLY B 42 20.78 -11.06 -24.06
CA GLY B 42 21.43 -12.19 -23.42
C GLY B 42 20.70 -13.34 -24.02
N VAL B 43 20.64 -14.47 -23.31
CA VAL B 43 20.06 -15.68 -23.91
C VAL B 43 19.38 -16.55 -22.87
N PHE B 44 18.17 -16.97 -23.20
CA PHE B 44 17.44 -17.93 -22.46
C PHE B 44 17.92 -19.29 -22.92
N VAL B 45 18.16 -20.20 -21.99
CA VAL B 45 18.74 -21.50 -22.27
C VAL B 45 17.85 -22.60 -21.76
N GLY B 46 17.66 -23.63 -22.59
CA GLY B 46 17.00 -24.87 -22.20
C GLY B 46 17.61 -26.10 -22.87
N ALA B 47 16.91 -27.21 -22.86
CA ALA B 47 17.39 -28.44 -23.42
C ALA B 47 16.22 -29.36 -23.80
N VAL B 48 16.43 -30.26 -24.78
CA VAL B 48 15.49 -31.40 -25.02
C VAL B 48 16.07 -32.70 -24.47
N PHE B 49 15.19 -33.54 -23.96
CA PHE B 49 15.56 -34.84 -23.43
C PHE B 49 14.76 -35.91 -24.18
N ASN B 50 15.18 -37.17 -24.06
CA ASN B 50 14.47 -38.30 -24.68
C ASN B 50 13.28 -38.68 -23.83
N LYS B 51 13.50 -38.81 -22.52
CA LYS B 51 12.47 -39.26 -21.59
C LYS B 51 11.71 -38.06 -21.00
N GLU B 52 10.39 -38.18 -20.89
CA GLU B 52 9.64 -37.37 -19.94
C GLU B 52 10.00 -37.80 -18.49
N GLU B 53 10.52 -36.85 -17.71
CA GLU B 53 10.92 -37.08 -16.33
C GLU B 53 10.53 -35.92 -15.42
N SER B 54 10.43 -36.23 -14.12
CA SER B 54 10.23 -35.29 -13.05
C SER B 54 11.54 -34.63 -12.60
N LYS B 55 12.66 -35.18 -13.04
CA LYS B 55 13.98 -34.60 -12.76
C LYS B 55 14.86 -34.80 -13.98
N HIS B 56 15.65 -33.77 -14.31
CA HIS B 56 16.62 -33.83 -15.39
C HIS B 56 17.87 -33.11 -14.97
N ILE B 57 19.03 -33.61 -15.43
CA ILE B 57 20.29 -32.83 -15.33
C ILE B 57 21.03 -32.83 -16.68
N VAL B 58 21.39 -31.62 -17.14
CA VAL B 58 22.07 -31.42 -18.40
C VAL B 58 23.22 -30.49 -18.12
N PRO B 59 24.41 -30.79 -18.67
CA PRO B 59 25.54 -29.88 -18.51
C PRO B 59 25.37 -28.75 -19.49
N ILE B 60 25.76 -27.56 -19.08
CA ILE B 60 25.68 -26.41 -19.96
C ILE B 60 27.01 -26.21 -20.67
N GLY B 61 28.09 -26.71 -20.10
CA GLY B 61 29.44 -26.52 -20.62
C GLY B 61 30.45 -26.56 -19.49
N THR B 62 31.73 -26.46 -19.85
CA THR B 62 32.83 -26.69 -18.94
C THR B 62 33.42 -25.33 -18.58
N LEU B 63 33.67 -25.10 -17.29
CA LEU B 63 34.22 -23.83 -16.80
C LEU B 63 35.59 -24.03 -16.18
N ARG B 64 36.64 -23.43 -16.75
CA ARG B 64 37.98 -23.53 -16.17
C ARG B 64 38.64 -22.18 -16.23
N ASN B 65 39.37 -21.86 -15.18
CA ASN B 65 40.11 -20.59 -15.04
C ASN B 65 39.32 -19.29 -15.25
N SER B 66 38.08 -19.19 -14.74
CA SER B 66 37.32 -17.91 -14.74
C SER B 66 36.73 -17.71 -13.37
N ARG B 67 37.17 -16.67 -12.64
CA ARG B 67 36.70 -16.39 -11.30
C ARG B 67 35.15 -16.36 -11.30
N PHE B 68 34.53 -16.97 -10.29
CA PHE B 68 33.07 -16.88 -10.09
C PHE B 68 32.72 -16.57 -8.66
N MET B 69 31.49 -16.07 -8.47
CA MET B 69 30.85 -15.89 -7.15
C MET B 69 29.48 -16.55 -7.22
N SER B 70 29.16 -17.40 -6.26
CA SER B 70 27.90 -18.08 -6.31
C SER B 70 27.16 -17.90 -5.01
N CYS B 71 25.83 -17.94 -5.07
CA CYS B 71 25.03 -18.09 -3.85
C CYS B 71 24.27 -19.43 -3.90
N PHE B 72 24.43 -20.22 -2.85
CA PHE B 72 23.99 -21.61 -2.88
C PHE B 72 23.27 -21.95 -1.58
N ARG B 73 22.32 -22.84 -1.67
CA ARG B 73 21.65 -23.29 -0.46
C ARG B 73 22.42 -24.31 0.34
N PHE B 74 23.06 -23.90 1.45
CA PHE B 74 23.61 -24.82 2.41
C PHE B 74 22.60 -25.54 3.25
N LYS B 75 21.42 -24.93 3.38
CA LYS B 75 20.24 -25.54 4.00
C LYS B 75 19.07 -25.18 3.11
N LEU B 76 17.97 -25.88 3.34
CA LEU B 76 16.76 -25.68 2.56
C LEU B 76 16.29 -24.17 2.49
N TRP B 77 16.49 -23.46 3.60
CA TRP B 77 15.98 -22.18 3.90
C TRP B 77 16.88 -21.01 3.43
N TRP B 78 18.18 -21.28 3.34
CA TRP B 78 19.17 -20.26 3.48
C TRP B 78 20.36 -20.47 2.52
N MET B 79 20.85 -19.33 2.00
CA MET B 79 21.95 -19.27 1.09
C MET B 79 23.16 -18.78 1.83
N ALA B 80 24.29 -19.12 1.23
CA ALA B 80 25.59 -18.51 1.58
C ALA B 80 26.43 -18.47 0.32
N GLN B 81 27.59 -17.85 0.42
CA GLN B 81 28.44 -17.57 -0.72
C GLN B 81 29.56 -18.60 -0.88
N ARG B 82 29.91 -18.85 -2.14
CA ARG B 82 31.09 -19.64 -2.54
C ARG B 82 31.73 -19.13 -3.83
N MET B 83 33.05 -18.85 -3.78
CA MET B 83 33.82 -18.40 -4.94
C MET B 83 34.74 -19.51 -5.44
N GLY B 84 35.34 -19.29 -6.61
CA GLY B 84 36.31 -20.22 -7.14
C GLY B 84 36.59 -19.87 -8.60
N GLU B 85 37.28 -20.78 -9.29
CA GLU B 85 37.64 -20.60 -10.72
C GLU B 85 37.35 -21.81 -11.63
N MET B 86 36.83 -22.90 -11.08
CA MET B 86 36.64 -24.12 -11.81
C MET B 86 35.20 -24.62 -11.60
N GLY B 87 34.64 -25.25 -12.63
CA GLY B 87 33.29 -25.79 -12.60
C GLY B 87 33.06 -26.69 -11.42
N ARG B 88 34.06 -27.49 -11.05
CA ARG B 88 33.98 -28.44 -9.90
C ARG B 88 33.65 -27.79 -8.57
N ASP B 89 34.04 -26.52 -8.41
CA ASP B 89 33.83 -25.82 -7.15
C ASP B 89 32.41 -25.17 -7.02
N ILE B 90 31.61 -25.21 -8.09
CA ILE B 90 30.24 -24.68 -8.05
C ILE B 90 29.36 -25.59 -7.16
N PRO B 91 28.94 -25.08 -5.96
CA PRO B 91 28.21 -25.97 -5.04
C PRO B 91 26.89 -26.51 -5.55
N TYR B 92 26.42 -27.57 -4.90
CA TYR B 92 25.06 -28.02 -5.11
C TYR B 92 24.09 -26.87 -4.71
N GLU B 93 22.92 -26.84 -5.34
CA GLU B 93 21.85 -25.88 -5.04
C GLU B 93 22.25 -24.41 -5.24
N THR B 94 22.94 -24.16 -6.35
CA THR B 94 23.50 -22.84 -6.70
C THR B 94 22.38 -22.10 -7.40
N GLN B 95 21.97 -20.99 -6.82
CA GLN B 95 20.78 -20.29 -7.35
C GLN B 95 21.09 -19.03 -8.12
N PHE B 96 22.29 -18.52 -7.97
CA PHE B 96 22.77 -17.35 -8.66
C PHE B 96 24.30 -17.59 -8.83
N LEU B 97 24.81 -17.31 -10.02
CA LEU B 97 26.22 -17.48 -10.40
C LEU B 97 26.64 -16.26 -11.16
N LEU B 98 27.69 -15.59 -10.69
CA LEU B 98 28.25 -14.49 -11.41
C LEU B 98 29.72 -14.84 -11.78
N VAL B 99 30.07 -14.58 -13.04
CA VAL B 99 31.33 -15.02 -13.62
C VAL B 99 32.07 -13.79 -14.16
N GLU B 100 33.34 -13.69 -13.83
CA GLU B 100 34.25 -12.65 -14.29
C GLU B 100 35.12 -13.18 -15.44
N SER B 101 35.31 -12.35 -16.46
CA SER B 101 36.20 -12.67 -17.62
C SER B 101 36.84 -11.35 -18.16
N ASN B 102 37.68 -11.39 -19.23
CA ASN B 102 38.46 -10.16 -19.66
C ASN B 102 37.83 -9.29 -20.78
N LYS B 120 37.45 -5.86 -17.67
CA LYS B 120 36.49 -6.78 -16.99
C LYS B 120 35.07 -6.85 -17.58
N VAL B 121 34.60 -8.07 -17.88
CA VAL B 121 33.19 -8.36 -18.25
C VAL B 121 32.59 -9.29 -17.20
N TYR B 122 31.29 -9.10 -16.89
CA TYR B 122 30.58 -9.91 -15.87
C TYR B 122 29.42 -10.60 -16.52
N THR B 123 29.22 -11.88 -16.25
CA THR B 123 28.17 -12.65 -16.91
C THR B 123 27.34 -13.17 -15.76
N VAL B 124 26.02 -12.92 -15.76
CA VAL B 124 25.13 -13.51 -14.71
C VAL B 124 24.53 -14.77 -15.23
N PHE B 125 24.43 -15.79 -14.38
CA PHE B 125 23.62 -16.94 -14.67
C PHE B 125 22.44 -17.08 -13.70
N LEU B 126 21.20 -17.04 -14.21
CA LEU B 126 20.03 -17.08 -13.34
C LEU B 126 19.23 -18.29 -13.68
N PRO B 127 19.40 -19.40 -12.96
CA PRO B 127 18.47 -20.49 -13.17
C PRO B 127 17.03 -20.12 -12.69
N LEU B 128 16.05 -20.46 -13.55
CA LEU B 128 14.66 -20.06 -13.46
C LEU B 128 13.66 -21.18 -13.14
N ILE B 129 12.45 -20.73 -12.78
CA ILE B 129 11.25 -21.53 -12.80
C ILE B 129 10.65 -21.41 -14.21
N GLU B 130 10.29 -22.56 -14.76
CA GLU B 130 9.63 -22.62 -16.07
C GLU B 130 8.47 -23.62 -15.92
N GLY B 131 7.24 -23.20 -16.19
CA GLY B 131 6.03 -24.04 -15.97
C GLY B 131 6.06 -24.63 -14.58
N SER B 132 5.91 -25.96 -14.49
CA SER B 132 5.98 -26.63 -13.20
C SER B 132 7.41 -27.00 -12.72
N PHE B 133 8.45 -26.53 -13.40
CA PHE B 133 9.87 -26.84 -13.02
C PHE B 133 10.66 -25.67 -12.37
N ARG B 134 11.47 -26.00 -11.36
CA ARG B 134 12.42 -25.07 -10.79
C ARG B 134 13.87 -25.58 -11.09
N SER B 135 14.76 -24.68 -11.51
CA SER B 135 16.13 -25.05 -11.85
C SER B 135 17.13 -24.46 -10.93
N CYS B 136 18.24 -25.16 -10.72
CA CYS B 136 19.43 -24.59 -10.07
C CYS B 136 20.67 -25.11 -10.77
N LEU B 137 21.81 -24.55 -10.41
CA LEU B 137 23.08 -24.91 -11.00
C LEU B 137 23.83 -25.76 -9.97
N GLN B 138 24.65 -26.68 -10.50
CA GLN B 138 25.63 -27.44 -9.71
C GLN B 138 26.92 -27.72 -10.52
N GLY B 139 28.04 -27.78 -9.81
CA GLY B 139 29.29 -28.28 -10.40
C GLY B 139 29.33 -29.79 -10.53
N ASN B 140 30.20 -30.29 -11.39
CA ASN B 140 30.70 -31.65 -11.26
C ASN B 140 32.23 -31.72 -11.39
N VAL B 141 32.77 -32.87 -10.99
CA VAL B 141 34.24 -33.13 -10.91
C VAL B 141 34.99 -32.93 -12.25
N ASN B 142 34.27 -33.03 -13.38
CA ASN B 142 34.76 -32.65 -14.72
C ASN B 142 34.68 -31.13 -15.14
N ASP B 143 34.42 -30.27 -14.14
CA ASP B 143 34.30 -28.82 -14.31
C ASP B 143 33.11 -28.35 -15.18
N GLU B 144 32.12 -29.21 -15.38
CA GLU B 144 30.96 -28.90 -16.17
C GLU B 144 29.99 -28.14 -15.26
N VAL B 145 29.29 -27.15 -15.81
CA VAL B 145 28.22 -26.47 -15.06
C VAL B 145 26.95 -27.15 -15.44
N GLU B 146 26.30 -27.75 -14.43
CA GLU B 146 25.07 -28.51 -14.62
C GLU B 146 23.81 -27.72 -14.22
N LEU B 147 22.79 -27.86 -15.05
CA LEU B 147 21.49 -27.28 -14.83
C LEU B 147 20.65 -28.44 -14.32
N CYS B 148 20.13 -28.28 -13.10
CA CYS B 148 19.32 -29.30 -12.44
C CYS B 148 17.86 -28.83 -12.51
N LEU B 149 17.00 -29.57 -13.20
CA LEU B 149 15.58 -29.22 -13.42
C LEU B 149 14.72 -30.14 -12.55
N GLU B 150 13.88 -29.59 -11.63
CA GLU B 150 13.07 -30.45 -10.72
C GLU B 150 11.60 -30.02 -10.67
N SER B 151 10.66 -30.98 -10.75
CA SER B 151 9.23 -30.68 -10.53
C SER B 151 8.80 -30.76 -9.06
N GLY B 152 9.52 -31.50 -8.22
CA GLY B 152 9.06 -31.79 -6.86
C GLY B 152 7.93 -32.82 -6.82
N ASP B 153 7.59 -33.42 -7.94
CA ASP B 153 6.42 -34.32 -7.97
C ASP B 153 6.59 -35.42 -9.02
N VAL B 154 6.51 -36.68 -8.57
CA VAL B 154 6.61 -37.86 -9.46
C VAL B 154 5.69 -37.80 -10.65
N ASP B 155 4.47 -37.30 -10.45
CA ASP B 155 3.46 -37.24 -11.51
C ASP B 155 3.59 -36.06 -12.50
N THR B 156 4.44 -35.08 -12.19
CA THR B 156 4.63 -33.91 -13.05
C THR B 156 5.95 -34.06 -13.83
N LYS B 157 5.83 -34.41 -15.12
CA LYS B 157 6.99 -34.79 -15.93
C LYS B 157 7.11 -33.86 -17.15
N ARG B 158 8.31 -33.70 -17.68
CA ARG B 158 8.48 -32.95 -18.92
C ARG B 158 9.73 -33.38 -19.67
N SER B 159 9.73 -33.11 -20.98
CA SER B 159 10.87 -33.49 -21.86
C SER B 159 11.58 -32.31 -22.56
N SER B 160 10.89 -31.20 -22.80
CA SER B 160 11.56 -30.00 -23.32
C SER B 160 11.31 -28.77 -22.46
N PHE B 161 12.22 -27.82 -22.66
CA PHE B 161 12.40 -26.62 -21.85
C PHE B 161 13.10 -25.59 -22.72
N THR B 162 12.57 -24.37 -22.78
CA THR B 162 13.16 -23.29 -23.56
C THR B 162 13.76 -22.12 -22.68
N HIS B 163 13.34 -22.02 -21.43
CA HIS B 163 13.56 -20.81 -20.62
C HIS B 163 13.91 -21.14 -19.20
N SER B 164 14.85 -22.08 -18.98
CA SER B 164 15.17 -22.53 -17.63
C SER B 164 16.41 -21.88 -17.05
N LEU B 165 17.04 -21.04 -17.85
CA LEU B 165 18.22 -20.34 -17.44
C LEU B 165 18.34 -19.09 -18.31
N TYR B 166 18.78 -17.99 -17.69
CA TYR B 166 19.03 -16.80 -18.45
C TYR B 166 20.44 -16.40 -18.15
N ILE B 167 21.14 -15.98 -19.20
CA ILE B 167 22.55 -15.58 -19.11
C ILE B 167 22.69 -14.24 -19.76
N HIS B 168 23.39 -13.32 -19.09
CA HIS B 168 23.55 -11.98 -19.65
C HIS B 168 24.84 -11.34 -19.18
N ALA B 169 25.43 -10.50 -20.02
CA ALA B 169 26.76 -9.94 -19.75
C ALA B 169 26.78 -8.45 -19.87
N GLY B 170 27.72 -7.83 -19.20
CA GLY B 170 27.84 -6.38 -19.14
C GLY B 170 29.09 -6.05 -18.37
N THR B 171 29.45 -4.75 -18.32
CA THR B 171 30.72 -4.28 -17.76
C THR B 171 30.62 -3.71 -16.38
N ASP B 172 29.39 -3.50 -15.91
CA ASP B 172 29.10 -3.12 -14.53
C ASP B 172 28.41 -4.34 -13.90
N PRO B 173 29.05 -4.97 -12.91
CA PRO B 173 28.41 -6.21 -12.38
C PRO B 173 26.98 -6.04 -11.74
N PHE B 174 26.77 -4.95 -11.00
CA PHE B 174 25.47 -4.65 -10.37
C PHE B 174 24.36 -4.38 -11.39
N GLN B 175 24.66 -3.51 -12.37
CA GLN B 175 23.77 -3.25 -13.47
C GLN B 175 23.49 -4.52 -14.29
N THR B 176 24.51 -5.37 -14.48
CA THR B 176 24.31 -6.65 -15.20
C THR B 176 23.29 -7.58 -14.51
N ILE B 177 23.40 -7.70 -13.18
CA ILE B 177 22.46 -8.50 -12.40
C ILE B 177 21.05 -7.86 -12.51
N THR B 178 20.96 -6.55 -12.31
CA THR B 178 19.67 -5.87 -12.39
C THR B 178 19.03 -5.99 -13.75
N ASP B 179 19.76 -5.74 -14.83
CA ASP B 179 19.20 -5.83 -16.19
C ASP B 179 18.74 -7.25 -16.50
N ALA B 180 19.47 -8.24 -16.02
CA ALA B 180 19.08 -9.63 -16.24
C ALA B 180 17.76 -9.97 -15.51
N ILE B 181 17.63 -9.51 -14.28
CA ILE B 181 16.42 -9.79 -13.45
C ILE B 181 15.21 -9.17 -14.14
N ARG B 182 15.43 -8.00 -14.73
CA ARG B 182 14.38 -7.28 -15.44
C ARG B 182 13.88 -8.04 -16.65
N THR B 183 14.83 -8.56 -17.42
CA THR B 183 14.51 -9.33 -18.60
C THR B 183 13.71 -10.57 -18.19
N VAL B 184 14.13 -11.22 -17.11
CA VAL B 184 13.44 -12.41 -16.58
C VAL B 184 11.99 -12.07 -16.11
N LYS B 185 11.85 -10.93 -15.45
CA LYS B 185 10.53 -10.36 -15.08
C LYS B 185 9.63 -10.23 -16.27
N LEU B 186 10.13 -9.62 -17.34
CA LEU B 186 9.36 -9.42 -18.57
C LEU B 186 8.84 -10.73 -19.16
N HIS B 187 9.62 -11.79 -19.02
CA HIS B 187 9.22 -13.09 -19.53
C HIS B 187 8.18 -13.77 -18.60
N LEU B 188 8.45 -13.76 -17.30
CA LEU B 188 7.57 -14.49 -16.33
C LEU B 188 6.31 -13.75 -15.90
N ASN B 189 6.42 -12.42 -15.74
CA ASN B 189 5.36 -11.51 -15.19
C ASN B 189 4.86 -11.88 -13.81
N SER B 190 5.62 -12.71 -13.09
CA SER B 190 5.17 -13.27 -11.81
C SER B 190 5.84 -12.67 -10.57
N PHE B 191 6.73 -11.70 -10.74
CA PHE B 191 7.32 -10.98 -9.61
C PHE B 191 7.53 -9.52 -9.96
N ARG B 192 7.87 -8.74 -8.95
CA ARG B 192 8.26 -7.34 -9.20
C ARG B 192 9.61 -7.13 -8.56
N GLN B 193 10.40 -6.26 -9.17
CA GLN B 193 11.71 -5.96 -8.67
C GLN B 193 11.54 -5.15 -7.40
N ARG B 194 12.53 -5.23 -6.54
CA ARG B 194 12.55 -4.47 -5.30
C ARG B 194 12.01 -3.05 -5.45
N HIS B 195 12.45 -2.31 -6.45
CA HIS B 195 12.18 -0.84 -6.48
C HIS B 195 10.72 -0.54 -6.83
N GLU B 196 10.04 -1.50 -7.45
CA GLU B 196 8.60 -1.41 -7.82
C GLU B 196 7.57 -1.74 -6.68
N LYS B 197 8.07 -2.08 -5.49
CA LYS B 197 7.26 -2.53 -4.37
C LYS B 197 7.23 -1.49 -3.28
N LYS B 198 6.23 -1.60 -2.41
CA LYS B 198 6.02 -0.63 -1.35
C LYS B 198 6.63 -1.22 -0.07
N LEU B 199 7.63 -0.55 0.47
CA LEU B 199 8.17 -0.89 1.79
C LEU B 199 7.18 -0.65 2.89
N PRO B 200 7.10 -1.56 3.90
CA PRO B 200 6.27 -1.21 5.03
C PRO B 200 6.98 -0.15 5.86
N GLY B 201 6.22 0.66 6.62
CA GLY B 201 6.77 1.74 7.44
C GLY B 201 7.70 1.31 8.60
N ILE B 202 7.67 0.03 8.97
CA ILE B 202 8.52 -0.44 10.02
C ILE B 202 10.02 -0.21 9.70
N VAL B 203 10.38 -0.23 8.41
CA VAL B 203 11.79 -0.06 8.04
C VAL B 203 12.41 1.31 8.46
N ASP B 204 11.63 2.34 8.76
CA ASP B 204 12.19 3.64 9.18
C ASP B 204 12.26 3.83 10.67
N TYR B 205 12.02 2.77 11.45
CA TYR B 205 11.96 2.94 12.89
C TYR B 205 12.64 1.80 13.56
N PHE B 206 13.13 2.08 14.74
CA PHE B 206 13.75 1.07 15.56
C PHE B 206 12.70 0.03 15.91
N GLY B 207 13.06 -1.25 15.89
CA GLY B 207 12.14 -2.31 16.43
C GLY B 207 12.78 -3.14 17.50
N TRP B 208 11.96 -4.01 18.11
CA TRP B 208 12.39 -5.06 19.03
C TRP B 208 11.63 -6.36 18.71
N CYS B 209 12.36 -7.48 18.75
CA CYS B 209 11.81 -8.83 18.49
C CYS B 209 12.01 -9.65 19.75
N THR B 210 11.02 -10.45 20.13
CA THR B 210 11.03 -11.19 21.37
C THR B 210 11.90 -12.45 21.27
N TRP B 211 12.30 -12.85 20.08
CA TRP B 211 12.83 -14.22 19.89
C TRP B 211 14.02 -14.64 20.79
N ASP B 212 15.10 -13.87 20.80
CA ASP B 212 16.28 -14.21 21.65
C ASP B 212 16.10 -13.81 23.11
N ALA B 213 15.09 -12.99 23.43
CA ALA B 213 14.83 -12.64 24.83
C ALA B 213 14.08 -13.75 25.60
N PHE B 214 13.10 -14.37 24.95
CA PHE B 214 12.31 -15.41 25.61
C PHE B 214 12.12 -16.70 24.84
N TYR B 215 12.46 -16.72 23.54
CA TYR B 215 12.14 -17.86 22.64
C TYR B 215 10.62 -18.18 22.73
N GLN B 216 10.19 -19.46 22.72
CA GLN B 216 8.77 -19.79 22.74
C GLN B 216 8.07 -19.53 24.08
N GLU B 217 8.80 -19.29 25.16
CA GLU B 217 8.22 -18.95 26.49
C GLU B 217 7.72 -17.52 26.57
N VAL B 218 7.76 -16.75 25.45
CA VAL B 218 7.30 -15.34 25.49
C VAL B 218 5.88 -15.23 26.04
N THR B 219 5.66 -14.17 26.81
CA THR B 219 4.38 -13.81 27.37
C THR B 219 4.10 -12.35 27.09
N GLN B 220 2.85 -11.99 27.32
CA GLN B 220 2.44 -10.61 27.13
C GLN B 220 3.20 -9.71 28.09
N GLU B 221 3.52 -10.20 29.29
CA GLU B 221 4.16 -9.36 30.32
C GLU B 221 5.58 -9.09 29.92
N GLY B 222 6.22 -10.13 29.40
CA GLY B 222 7.54 -10.02 28.82
C GLY B 222 7.57 -9.04 27.63
N VAL B 223 6.60 -9.15 26.72
CA VAL B 223 6.48 -8.14 25.62
C VAL B 223 6.46 -6.77 26.18
N GLU B 224 5.66 -6.51 27.20
CA GLU B 224 5.55 -5.17 27.76
C GLU B 224 6.85 -4.68 28.42
N ALA B 225 7.47 -5.55 29.22
CA ALA B 225 8.72 -5.28 29.92
C ALA B 225 9.86 -4.83 28.96
N GLY B 226 9.96 -5.48 27.81
CA GLY B 226 11.02 -5.18 26.85
C GLY B 226 10.85 -3.86 26.13
N LEU B 227 9.60 -3.47 25.86
CA LEU B 227 9.31 -2.16 25.29
C LEU B 227 9.57 -1.05 26.30
N LYS B 228 9.15 -1.30 27.55
CA LYS B 228 9.34 -0.34 28.61
C LYS B 228 10.83 -0.07 28.83
N SER B 229 11.64 -1.12 28.91
CA SER B 229 13.08 -0.93 29.19
C SER B 229 13.84 -0.17 28.08
N LEU B 230 13.67 -0.59 26.82
CA LEU B 230 14.26 0.17 25.70
C LEU B 230 13.88 1.64 25.73
N ALA B 231 12.59 1.91 25.90
CA ALA B 231 12.09 3.28 25.89
C ALA B 231 12.74 4.12 27.00
N ALA B 232 12.97 3.49 28.15
CA ALA B 232 13.44 4.17 29.37
C ALA B 232 14.85 4.76 29.25
N GLY B 233 15.74 4.06 28.54
CA GLY B 233 17.05 4.58 28.22
C GLY B 233 17.16 5.50 27.02
N GLY B 234 16.02 5.92 26.44
CA GLY B 234 15.99 6.94 25.38
C GLY B 234 16.03 6.45 23.95
N THR B 235 15.90 5.13 23.74
CA THR B 235 15.80 4.58 22.38
C THR B 235 14.53 3.74 22.20
N PRO B 236 13.37 4.40 22.05
CA PRO B 236 12.06 3.69 21.99
C PRO B 236 11.87 3.01 20.67
N PRO B 237 11.67 1.69 20.70
CA PRO B 237 11.28 1.01 19.47
C PRO B 237 9.85 1.46 19.08
N LYS B 238 9.60 1.59 17.80
CA LYS B 238 8.27 1.92 17.34
C LYS B 238 7.63 0.75 16.61
N PHE B 239 8.36 -0.35 16.40
CA PHE B 239 7.66 -1.58 16.09
C PHE B 239 8.12 -2.69 17.00
N VAL B 240 7.30 -3.71 17.08
CA VAL B 240 7.64 -4.90 17.82
C VAL B 240 7.24 -6.09 16.95
N ILE B 241 8.10 -7.10 16.94
CA ILE B 241 7.76 -8.42 16.42
C ILE B 241 7.59 -9.37 17.63
N ILE B 242 6.37 -9.85 17.81
CA ILE B 242 6.05 -10.90 18.75
C ILE B 242 6.33 -12.17 17.96
N ASP B 243 7.41 -12.82 18.37
CA ASP B 243 7.94 -13.90 17.59
C ASP B 243 7.33 -15.23 18.02
N ASP B 244 7.88 -16.32 17.54
CA ASP B 244 7.38 -17.65 17.84
C ASP B 244 7.11 -17.87 19.35
N GLY B 245 5.92 -18.41 19.65
CA GLY B 245 5.47 -18.68 21.03
C GLY B 245 4.14 -18.05 21.48
N TRP B 246 3.48 -17.25 20.62
CA TRP B 246 2.22 -16.63 20.94
C TRP B 246 1.04 -17.50 20.47
N GLN B 247 1.24 -18.46 19.55
CA GLN B 247 0.12 -19.23 19.00
C GLN B 247 -0.35 -20.48 19.83
N SER B 248 -1.52 -21.00 19.45
CA SER B 248 -2.20 -22.10 20.11
C SER B 248 -1.77 -23.30 19.35
N VAL B 249 -0.98 -24.13 20.04
CA VAL B 249 -0.38 -25.35 19.46
C VAL B 249 -0.49 -26.60 20.41
N GLU B 250 -0.21 -27.77 19.86
CA GLU B 250 -0.23 -29.06 20.59
C GLU B 250 0.81 -30.05 20.10
N ARG B 251 1.47 -30.79 21.00
CA ARG B 251 2.26 -32.02 20.63
C ARG B 251 1.49 -33.05 19.79
N ASP B 252 2.19 -33.94 19.08
CA ASP B 252 1.57 -34.74 17.98
C ASP B 252 0.20 -35.46 18.30
N ALA B 253 -0.84 -35.17 17.50
CA ALA B 253 -2.23 -35.66 17.74
C ALA B 253 -2.39 -37.21 17.70
N SER B 264 10.98 -37.47 20.38
CA SER B 264 10.97 -36.18 19.68
C SER B 264 9.53 -35.66 19.41
N PRO B 265 9.17 -34.48 19.97
CA PRO B 265 7.87 -33.86 19.64
C PRO B 265 7.89 -32.91 18.42
N ILE B 266 6.74 -32.77 17.74
CA ILE B 266 6.51 -31.65 16.79
C ILE B 266 5.14 -31.05 17.09
N PHE B 267 5.11 -29.71 17.11
CA PHE B 267 3.93 -28.93 17.44
C PHE B 267 3.19 -28.57 16.17
N ARG B 268 1.86 -28.53 16.29
CA ARG B 268 0.96 -28.20 15.21
C ARG B 268 -0.06 -27.21 15.75
N LEU B 269 -0.57 -26.34 14.87
CA LEU B 269 -1.46 -25.24 15.24
C LEU B 269 -2.86 -25.83 15.49
N THR B 270 -3.49 -25.42 16.61
CA THR B 270 -4.84 -25.90 16.94
C THR B 270 -6.05 -24.95 16.65
N GLY B 271 -5.75 -23.68 16.54
CA GLY B 271 -6.69 -22.67 16.13
C GLY B 271 -5.82 -21.46 15.77
N ILE B 272 -6.45 -20.41 15.31
CA ILE B 272 -5.75 -19.26 14.76
C ILE B 272 -5.53 -18.18 15.80
N LYS B 273 -6.12 -18.33 16.99
CA LYS B 273 -5.99 -17.27 18.00
C LYS B 273 -4.84 -17.53 18.95
N GLU B 274 -4.48 -16.50 19.70
CA GLU B 274 -3.44 -16.62 20.68
C GLU B 274 -3.71 -17.68 21.80
N ASN B 275 -2.62 -18.20 22.37
CA ASN B 275 -2.63 -18.98 23.59
C ASN B 275 -2.82 -18.08 24.85
N GLU B 276 -2.76 -18.73 26.02
CA GLU B 276 -3.16 -18.17 27.32
C GLU B 276 -2.20 -17.19 27.82
N LYS B 277 -1.01 -17.17 27.26
CA LYS B 277 -0.03 -16.18 27.65
C LYS B 277 -0.34 -14.77 27.11
N PHE B 278 -1.29 -14.71 26.17
CA PHE B 278 -1.68 -13.44 25.47
C PHE B 278 -3.17 -13.10 25.60
N LYS B 279 -3.80 -13.55 26.70
CA LYS B 279 -5.21 -13.20 27.06
C LYS B 279 -5.19 -12.31 28.28
N LYS B 280 -5.95 -11.22 28.30
CA LYS B 280 -5.82 -10.29 29.45
C LYS B 280 -6.20 -10.94 30.80
N LYS B 281 -5.70 -10.33 31.89
CA LYS B 281 -5.53 -10.96 33.22
C LYS B 281 -6.82 -11.22 34.01
N ASP B 282 -7.86 -11.63 33.30
CA ASP B 282 -9.21 -11.70 33.82
C ASP B 282 -10.16 -12.02 32.69
N ASP B 283 -10.05 -11.30 31.57
CA ASP B 283 -10.98 -11.45 30.45
C ASP B 283 -10.39 -12.18 29.20
N PRO B 284 -10.53 -13.54 29.12
CA PRO B 284 -10.18 -14.30 27.89
C PRO B 284 -10.98 -14.06 26.59
N ASN B 285 -11.89 -13.06 26.55
CA ASN B 285 -12.52 -12.61 25.28
C ASN B 285 -11.72 -11.50 24.60
N VAL B 286 -10.77 -10.94 25.33
CA VAL B 286 -9.83 -9.96 24.83
C VAL B 286 -8.48 -10.69 24.83
N GLY B 287 -8.06 -11.07 23.63
CA GLY B 287 -6.83 -11.83 23.40
C GLY B 287 -5.69 -10.91 23.03
N ILE B 288 -5.03 -11.22 21.91
CA ILE B 288 -3.81 -10.57 21.49
C ILE B 288 -4.00 -9.08 21.40
N LYS B 289 -5.25 -8.65 21.15
CA LYS B 289 -5.65 -7.24 21.20
C LYS B 289 -5.16 -6.53 22.47
N ASN B 290 -5.09 -7.25 23.58
CA ASN B 290 -4.62 -6.70 24.84
C ASN B 290 -3.18 -6.19 24.80
N ILE B 291 -2.24 -7.03 24.35
CA ILE B 291 -0.84 -6.62 24.16
C ILE B 291 -0.67 -5.57 23.03
N VAL B 292 -1.51 -5.64 21.99
CA VAL B 292 -1.45 -4.62 20.92
C VAL B 292 -1.77 -3.25 21.48
N LYS B 293 -2.92 -3.14 22.13
CA LYS B 293 -3.38 -1.92 22.83
C LYS B 293 -2.34 -1.41 23.83
N ILE B 294 -1.76 -2.30 24.62
CA ILE B 294 -0.72 -1.89 25.57
C ILE B 294 0.54 -1.36 24.87
N ALA B 295 1.05 -2.07 23.87
CA ALA B 295 2.16 -1.54 23.07
C ALA B 295 1.85 -0.15 22.48
N LYS B 296 0.68 0.02 21.87
CA LYS B 296 0.38 1.26 21.08
C LYS B 296 -0.12 2.38 21.92
N GLU B 297 -1.08 2.11 22.82
CA GLU B 297 -1.70 3.18 23.64
C GLU B 297 -0.91 3.52 24.90
N LYS B 298 -0.34 2.51 25.57
CA LYS B 298 0.50 2.73 26.74
C LYS B 298 1.96 3.04 26.38
N HIS B 299 2.53 2.41 25.35
CA HIS B 299 3.99 2.58 25.10
C HIS B 299 4.36 3.34 23.80
N GLY B 300 3.37 3.93 23.12
CA GLY B 300 3.61 4.65 21.84
C GLY B 300 4.09 3.87 20.59
N LEU B 301 4.04 2.54 20.56
CA LEU B 301 4.41 1.78 19.32
C LEU B 301 3.50 2.20 18.14
N ARG B 302 4.04 2.20 16.94
CA ARG B 302 3.24 2.41 15.71
C ARG B 302 2.79 1.13 15.09
N TYR B 303 3.59 0.07 15.22
CA TYR B 303 3.34 -1.20 14.52
C TYR B 303 3.57 -2.40 15.42
N VAL B 304 2.66 -3.37 15.36
CA VAL B 304 2.86 -4.67 16.04
C VAL B 304 2.85 -5.74 14.95
N TYR B 305 3.93 -6.50 14.79
CA TYR B 305 3.93 -7.69 13.90
C TYR B 305 3.92 -8.94 14.74
N VAL B 306 3.49 -10.04 14.16
CA VAL B 306 3.59 -11.31 14.80
C VAL B 306 4.08 -12.34 13.85
N TRP B 307 4.62 -13.40 14.43
CA TRP B 307 5.30 -14.48 13.72
C TRP B 307 4.29 -15.57 13.38
N HIS B 308 4.37 -16.13 12.20
CA HIS B 308 3.77 -17.42 11.94
C HIS B 308 4.47 -18.12 10.78
N ALA B 309 4.29 -19.43 10.72
CA ALA B 309 4.82 -20.22 9.62
C ALA B 309 3.89 -20.12 8.45
N ILE B 310 4.43 -20.34 7.25
CA ILE B 310 3.64 -20.33 6.08
C ILE B 310 2.61 -21.47 6.11
N THR B 311 2.87 -22.48 6.94
CA THR B 311 1.99 -23.63 7.18
C THR B 311 1.25 -23.49 8.51
N GLY B 312 1.38 -22.30 9.13
CA GLY B 312 0.76 -21.93 10.41
C GLY B 312 1.73 -22.06 11.55
N TYR B 313 2.14 -23.30 11.81
CA TYR B 313 3.25 -23.56 12.74
C TYR B 313 4.17 -24.60 12.13
N TRP B 314 5.26 -24.88 12.86
CA TRP B 314 6.32 -25.83 12.41
C TRP B 314 5.80 -27.20 11.90
N GLY B 315 4.83 -27.75 12.61
CA GLY B 315 4.21 -29.01 12.17
C GLY B 315 2.92 -28.79 11.43
N GLY B 316 2.72 -27.52 11.01
CA GLY B 316 1.58 -27.14 10.18
C GLY B 316 0.37 -27.00 11.09
N VAL B 317 -0.75 -27.55 10.64
CA VAL B 317 -2.05 -27.41 11.32
C VAL B 317 -2.65 -28.83 11.59
N ARG B 318 -3.09 -29.06 12.82
CA ARG B 318 -3.79 -30.32 13.17
C ARG B 318 -4.73 -30.73 12.06
N PRO B 319 -4.61 -31.97 11.55
CA PRO B 319 -5.56 -32.36 10.50
C PRO B 319 -7.03 -32.24 10.91
N GLY B 320 -7.87 -32.06 9.87
CA GLY B 320 -9.27 -31.71 10.05
C GLY B 320 -9.84 -31.09 8.80
N GLU B 321 -11.16 -31.08 8.74
CA GLU B 321 -11.91 -30.55 7.59
C GLU B 321 -11.84 -29.00 7.50
N GLU B 322 -11.69 -28.29 8.63
CA GLU B 322 -11.86 -26.84 8.65
C GLU B 322 -11.04 -26.14 7.52
N TYR B 323 -9.72 -26.42 7.50
CA TYR B 323 -8.80 -25.93 6.48
C TYR B 323 -8.26 -27.03 5.57
N GLY B 324 -8.93 -28.19 5.53
CA GLY B 324 -8.57 -29.33 4.68
C GLY B 324 -7.15 -29.86 4.93
N SER B 325 -6.68 -29.67 6.16
CA SER B 325 -5.34 -30.06 6.55
C SER B 325 -5.18 -31.59 6.60
N VAL B 326 -4.19 -32.04 5.84
CA VAL B 326 -3.80 -33.44 5.73
C VAL B 326 -2.29 -33.57 5.98
N MET B 327 -1.91 -34.67 6.65
CA MET B 327 -0.53 -34.98 6.96
C MET B 327 0.29 -35.22 5.69
N LYS B 328 1.41 -34.50 5.57
CA LYS B 328 2.28 -34.65 4.42
C LYS B 328 3.71 -34.69 4.92
N TYR B 329 4.52 -35.49 4.24
CA TYR B 329 5.88 -35.80 4.65
C TYR B 329 6.80 -35.21 3.60
N PRO B 330 7.69 -34.30 4.04
CA PRO B 330 8.67 -33.71 3.13
C PRO B 330 9.43 -34.70 2.25
N ASN B 331 9.33 -34.49 0.96
CA ASN B 331 10.17 -35.15 -0.04
C ASN B 331 11.63 -34.60 0.04
N MET B 332 12.60 -35.52 0.00
CA MET B 332 14.03 -35.19 -0.01
C MET B 332 14.47 -34.91 -1.45
N SER B 333 15.17 -33.81 -1.69
CA SER B 333 15.76 -33.54 -3.01
C SER B 333 17.28 -33.68 -2.84
N LYS B 334 17.92 -34.15 -3.91
CA LYS B 334 19.34 -34.55 -3.88
C LYS B 334 20.28 -33.42 -3.42
N GLY B 335 20.19 -32.28 -4.12
CA GLY B 335 21.06 -31.15 -3.84
C GLY B 335 20.94 -30.57 -2.44
N VAL B 336 19.73 -30.54 -1.89
CA VAL B 336 19.54 -30.04 -0.53
C VAL B 336 20.12 -31.03 0.48
N VAL B 337 19.75 -32.29 0.36
CA VAL B 337 20.30 -33.39 1.23
C VAL B 337 21.86 -33.54 1.22
N GLU B 338 22.48 -33.25 0.10
CA GLU B 338 23.93 -33.35 -0.02
C GLU B 338 24.58 -32.25 0.81
N ASN B 339 24.06 -31.03 0.72
CA ASN B 339 24.59 -29.91 1.47
C ASN B 339 24.16 -29.95 2.89
N ASP B 340 22.93 -30.41 3.14
CA ASP B 340 22.44 -30.56 4.51
C ASP B 340 21.85 -31.95 4.77
N PRO B 341 22.69 -32.94 5.03
CA PRO B 341 22.16 -34.28 5.31
C PRO B 341 21.25 -34.40 6.59
N THR B 342 21.36 -33.49 7.57
CA THR B 342 20.47 -33.51 8.77
C THR B 342 18.98 -33.24 8.46
N TRP B 343 18.71 -32.74 7.27
CA TRP B 343 17.34 -32.57 6.81
C TRP B 343 16.65 -33.95 6.69
N LYS B 344 17.41 -34.97 6.31
CA LYS B 344 16.89 -36.35 6.13
C LYS B 344 16.22 -36.87 7.39
N THR B 345 16.68 -36.37 8.53
CA THR B 345 16.19 -36.74 9.86
C THR B 345 15.68 -35.55 10.69
N ASP B 346 15.29 -34.44 10.06
CA ASP B 346 14.72 -33.29 10.82
C ASP B 346 13.35 -33.73 11.34
N VAL B 347 12.93 -33.17 12.47
CA VAL B 347 11.61 -33.54 13.00
C VAL B 347 10.42 -33.25 12.02
N MET B 348 10.60 -32.31 11.10
CA MET B 348 9.61 -31.99 10.08
C MET B 348 9.56 -33.05 9.01
N THR B 349 10.71 -33.63 8.72
CA THR B 349 10.82 -34.64 7.68
C THR B 349 10.20 -35.97 8.18
N LEU B 350 10.39 -36.25 9.47
CA LEU B 350 10.07 -37.59 10.03
C LEU B 350 8.64 -37.64 10.54
N GLN B 351 8.22 -36.61 11.28
CA GLN B 351 6.84 -36.49 11.76
C GLN B 351 5.87 -35.74 10.86
N GLY B 352 6.35 -35.12 9.78
CA GLY B 352 5.48 -34.52 8.77
C GLY B 352 4.76 -33.25 9.24
N LEU B 353 4.00 -32.66 8.33
CA LEU B 353 3.22 -31.45 8.62
C LEU B 353 1.78 -31.70 8.22
N GLY B 354 0.85 -31.24 9.03
CA GLY B 354 -0.54 -31.07 8.58
C GLY B 354 -0.68 -29.81 7.70
N LEU B 355 -0.74 -30.05 6.40
CA LEU B 355 -0.74 -29.09 5.36
C LEU B 355 -2.17 -28.73 4.99
N VAL B 356 -2.47 -27.47 5.18
CA VAL B 356 -3.70 -26.85 4.67
C VAL B 356 -3.89 -27.15 3.17
N SER B 357 -5.09 -27.47 2.71
CA SER B 357 -5.25 -27.72 1.28
C SER B 357 -5.13 -26.41 0.47
N PRO B 358 -4.68 -26.51 -0.78
CA PRO B 358 -4.68 -25.34 -1.65
C PRO B 358 -6.08 -24.74 -1.81
N LYS B 359 -7.12 -25.55 -1.59
CA LYS B 359 -8.49 -25.11 -1.67
C LYS B 359 -8.87 -24.13 -0.56
N LYS B 360 -8.29 -24.30 0.60
CA LYS B 360 -8.70 -23.56 1.78
C LYS B 360 -7.58 -22.64 2.32
N VAL B 361 -6.48 -22.53 1.60
CA VAL B 361 -5.35 -21.79 2.13
C VAL B 361 -5.66 -20.31 2.25
N TYR B 362 -6.39 -19.73 1.28
CA TYR B 362 -6.80 -18.32 1.42
C TYR B 362 -7.68 -18.15 2.67
N LYS B 363 -8.65 -19.06 2.79
CA LYS B 363 -9.54 -19.06 3.94
C LYS B 363 -8.74 -19.10 5.20
N PHE B 364 -7.76 -20.00 5.25
CA PHE B 364 -6.87 -20.08 6.42
C PHE B 364 -6.17 -18.75 6.71
N TYR B 365 -5.49 -18.21 5.69
CA TYR B 365 -4.72 -17.00 5.89
C TYR B 365 -5.64 -15.86 6.26
N ASN B 366 -6.76 -15.76 5.56
CA ASN B 366 -7.67 -14.62 5.79
C ASN B 366 -8.31 -14.68 7.17
N GLU B 367 -8.73 -15.86 7.60
CA GLU B 367 -9.27 -15.97 8.97
C GLU B 367 -8.22 -15.61 9.97
N LEU B 368 -6.99 -16.09 9.77
CA LEU B 368 -5.89 -15.74 10.73
C LEU B 368 -5.59 -14.25 10.75
N HIS B 369 -5.39 -13.70 9.57
CA HIS B 369 -5.02 -12.27 9.46
C HIS B 369 -6.17 -11.29 9.73
N SER B 370 -7.41 -11.71 9.45
CA SER B 370 -8.55 -10.93 9.85
C SER B 370 -8.68 -10.72 11.36
N TYR B 371 -8.47 -11.80 12.12
CA TYR B 371 -8.51 -11.78 13.58
C TYR B 371 -7.39 -10.89 14.04
N LEU B 372 -6.18 -11.11 13.52
CA LEU B 372 -5.05 -10.26 13.94
C LEU B 372 -5.24 -8.80 13.58
N ALA B 373 -5.66 -8.51 12.34
CA ALA B 373 -5.81 -7.08 11.93
C ALA B 373 -6.90 -6.44 12.75
N ASP B 374 -8.01 -7.15 12.98
CA ASP B 374 -9.08 -6.61 13.84
C ASP B 374 -8.61 -6.35 15.28
N ALA B 375 -7.62 -7.13 15.74
CA ALA B 375 -7.01 -6.86 17.01
C ALA B 375 -5.95 -5.75 17.00
N GLY B 376 -5.65 -5.16 15.84
CA GLY B 376 -4.69 -4.01 15.70
C GLY B 376 -3.25 -4.35 15.24
N VAL B 377 -3.04 -5.61 14.84
CA VAL B 377 -1.75 -6.10 14.36
C VAL B 377 -1.54 -5.60 12.92
N ASP B 378 -0.31 -5.14 12.62
CA ASP B 378 0.02 -4.43 11.38
C ASP B 378 0.74 -5.24 10.31
N GLY B 379 1.21 -6.44 10.68
CA GLY B 379 1.89 -7.29 9.75
C GLY B 379 2.33 -8.59 10.37
N VAL B 380 2.88 -9.44 9.51
CA VAL B 380 3.37 -10.77 9.91
C VAL B 380 4.80 -11.07 9.42
N LYS B 381 5.55 -11.79 10.29
CA LYS B 381 6.81 -12.43 9.95
C LYS B 381 6.47 -13.89 9.64
N VAL B 382 6.50 -14.22 8.35
CA VAL B 382 6.07 -15.50 7.83
C VAL B 382 7.31 -16.37 7.55
N ALA B 383 7.48 -17.39 8.40
CA ALA B 383 8.68 -18.16 8.43
C ALA B 383 8.44 -19.53 7.87
N VAL B 384 9.49 -20.34 7.82
CA VAL B 384 9.45 -21.73 7.37
C VAL B 384 9.06 -21.84 5.92
N GLN B 385 9.34 -20.84 5.10
CA GLN B 385 8.68 -20.76 3.80
C GLN B 385 9.00 -21.87 2.78
N CYS B 386 10.28 -22.27 2.75
CA CYS B 386 10.74 -23.24 1.79
C CYS B 386 10.22 -24.66 1.98
N VAL B 387 9.54 -25.01 3.10
CA VAL B 387 9.01 -26.39 3.19
C VAL B 387 8.12 -26.71 2.04
N LEU B 388 7.33 -25.75 1.60
CA LEU B 388 6.42 -25.98 0.48
C LEU B 388 7.07 -26.75 -0.67
N GLU B 389 8.29 -26.39 -1.04
CA GLU B 389 8.94 -27.13 -2.14
C GLU B 389 9.01 -28.64 -1.90
N THR B 390 8.93 -29.08 -0.66
CA THR B 390 9.03 -30.52 -0.34
C THR B 390 7.69 -31.22 -0.15
N LEU B 391 6.58 -30.51 -0.37
CA LEU B 391 5.25 -31.02 -0.05
C LEU B 391 4.37 -31.01 -1.23
N GLY B 392 4.97 -30.89 -2.41
CA GLY B 392 4.24 -30.79 -3.65
C GLY B 392 3.82 -32.06 -4.31
N GLY B 393 4.14 -33.26 -3.74
CA GLY B 393 3.74 -34.57 -4.34
C GLY B 393 2.24 -34.79 -4.65
N GLY B 394 1.34 -34.49 -3.77
CA GLY B 394 -0.08 -34.56 -4.22
C GLY B 394 -0.54 -33.61 -5.38
N LEU B 395 0.21 -32.53 -5.58
CA LEU B 395 -0.40 -31.22 -5.82
C LEU B 395 0.21 -30.40 -6.95
N GLY B 396 0.83 -31.06 -7.92
CA GLY B 396 1.39 -30.43 -9.14
C GLY B 396 2.86 -29.94 -9.04
N GLY B 397 3.50 -30.19 -7.90
CA GLY B 397 4.89 -29.84 -7.70
C GLY B 397 5.24 -28.66 -6.80
N ARG B 398 6.54 -28.44 -6.68
CA ARG B 398 7.06 -27.41 -5.81
C ARG B 398 6.72 -25.99 -6.24
N VAL B 399 6.68 -25.77 -7.54
CA VAL B 399 6.50 -24.44 -8.08
C VAL B 399 5.04 -24.04 -7.85
N GLU B 400 4.16 -24.94 -8.28
CA GLU B 400 2.70 -24.81 -8.19
C GLU B 400 2.20 -24.59 -6.79
N LEU B 401 2.63 -25.44 -5.85
CA LEU B 401 2.23 -25.34 -4.46
C LEU B 401 2.79 -24.07 -3.85
N THR B 402 4.06 -23.77 -4.08
CA THR B 402 4.62 -22.49 -3.68
C THR B 402 3.73 -21.32 -4.26
N ARG B 403 3.41 -21.37 -5.54
CA ARG B 403 2.69 -20.28 -6.18
C ARG B 403 1.33 -20.07 -5.49
N GLN B 404 0.60 -21.17 -5.33
CA GLN B 404 -0.73 -21.11 -4.69
C GLN B 404 -0.73 -20.52 -3.33
N PHE B 405 0.19 -20.95 -2.47
CA PHE B 405 0.21 -20.47 -1.11
C PHE B 405 0.56 -18.98 -1.08
N HIS B 406 1.49 -18.57 -1.92
CA HIS B 406 1.96 -17.18 -2.02
C HIS B 406 0.87 -16.26 -2.59
N GLN B 407 0.11 -16.77 -3.54
CA GLN B 407 -1.03 -16.02 -4.08
C GLN B 407 -2.05 -15.74 -2.96
N ALA B 408 -2.41 -16.79 -2.22
CA ALA B 408 -3.30 -16.64 -1.08
C ALA B 408 -2.74 -15.71 0.03
N LEU B 409 -1.45 -15.90 0.33
CA LEU B 409 -0.77 -15.09 1.32
C LEU B 409 -0.80 -13.63 0.94
N ASP B 410 -0.40 -13.37 -0.29
CA ASP B 410 -0.43 -11.98 -0.79
C ASP B 410 -1.82 -11.42 -0.74
N SER B 411 -2.83 -12.20 -1.18
CA SER B 411 -4.20 -11.67 -1.14
C SER B 411 -4.65 -11.24 0.29
N SER B 412 -4.35 -12.08 1.30
CA SER B 412 -4.67 -11.80 2.69
C SER B 412 -3.83 -10.69 3.31
N VAL B 413 -2.54 -10.59 2.97
CA VAL B 413 -1.73 -9.50 3.51
C VAL B 413 -2.23 -8.15 2.95
N ALA B 414 -2.53 -8.15 1.66
CA ALA B 414 -2.94 -6.89 0.96
C ALA B 414 -4.26 -6.43 1.59
N LYS B 415 -5.09 -7.41 1.99
CA LYS B 415 -6.39 -7.13 2.63
C LYS B 415 -6.29 -6.64 4.10
N ASN B 416 -5.63 -7.44 4.91
CA ASN B 416 -5.63 -7.26 6.34
C ASN B 416 -4.50 -6.39 6.85
N PHE B 417 -3.38 -6.32 6.12
CA PHE B 417 -2.19 -5.59 6.52
C PHE B 417 -1.77 -4.68 5.33
N PRO B 418 -2.60 -3.69 4.98
CA PRO B 418 -2.40 -2.89 3.75
C PRO B 418 -1.18 -1.96 3.74
N ASP B 419 -0.41 -1.88 4.83
CA ASP B 419 0.89 -1.23 4.79
C ASP B 419 1.95 -2.19 4.18
N ASN B 420 1.54 -3.25 3.49
CA ASN B 420 2.43 -4.35 3.10
C ASN B 420 3.29 -5.02 4.23
N GLY B 421 2.59 -5.39 5.30
CA GLY B 421 3.20 -5.90 6.52
C GLY B 421 3.48 -7.36 6.39
N CYS B 422 4.58 -7.68 5.72
CA CYS B 422 5.00 -9.06 5.51
C CYS B 422 6.53 -9.07 5.48
N ILE B 423 7.13 -9.85 6.38
CA ILE B 423 8.60 -10.12 6.33
C ILE B 423 8.79 -11.57 5.97
N ALA B 424 9.43 -11.82 4.84
CA ALA B 424 9.61 -13.16 4.39
C ALA B 424 10.82 -13.73 5.11
N CYS B 425 10.74 -15.00 5.50
CA CYS B 425 11.72 -15.60 6.44
C CYS B 425 11.88 -17.09 6.15
N MET B 426 13.15 -17.56 6.12
CA MET B 426 13.49 -18.94 5.72
C MET B 426 12.93 -19.20 4.34
N SER B 427 13.29 -18.33 3.40
CA SER B 427 12.62 -18.28 2.11
C SER B 427 13.52 -18.14 0.90
N HIS B 428 14.77 -18.63 1.00
CA HIS B 428 15.77 -18.37 -0.04
C HIS B 428 15.68 -19.43 -1.09
N ASN B 429 14.48 -19.78 -1.53
CA ASN B 429 14.31 -20.52 -2.77
C ASN B 429 13.77 -19.69 -3.93
N THR B 430 14.09 -20.17 -5.12
CA THR B 430 13.79 -19.49 -6.35
C THR B 430 12.34 -19.63 -6.75
N ASP B 431 11.71 -20.71 -6.28
CA ASP B 431 10.25 -20.87 -6.27
C ASP B 431 9.52 -19.65 -5.67
N ALA B 432 9.96 -19.22 -4.48
CA ALA B 432 9.37 -18.06 -3.79
C ALA B 432 9.84 -16.76 -4.47
N LEU B 433 11.13 -16.69 -4.83
CA LEU B 433 11.70 -15.44 -5.33
C LEU B 433 11.04 -14.96 -6.63
N TYR B 434 10.87 -15.87 -7.57
CA TYR B 434 10.31 -15.63 -8.87
C TYR B 434 8.77 -15.57 -8.87
N CYS B 435 8.11 -15.82 -7.74
CA CYS B 435 6.72 -15.35 -7.53
C CYS B 435 6.60 -14.21 -6.49
N SER B 436 7.71 -13.53 -6.12
CA SER B 436 7.68 -12.35 -5.20
C SER B 436 7.16 -11.04 -5.88
N LYS B 437 5.84 -10.98 -6.00
CA LYS B 437 5.08 -9.91 -6.65
C LYS B 437 4.60 -8.75 -5.78
N GLN B 438 4.68 -8.93 -4.46
CA GLN B 438 4.15 -7.97 -3.51
C GLN B 438 4.98 -7.68 -2.27
N ALA B 439 5.40 -8.72 -1.57
CA ALA B 439 6.14 -8.59 -0.31
C ALA B 439 7.47 -7.92 -0.55
N ALA B 440 7.86 -7.06 0.38
CA ALA B 440 8.94 -6.17 0.10
C ALA B 440 10.19 -6.32 1.00
N VAL B 441 10.15 -7.21 2.01
CA VAL B 441 11.30 -7.41 2.93
C VAL B 441 11.63 -8.89 3.09
N ILE B 442 12.93 -9.19 3.07
CA ILE B 442 13.34 -10.59 3.14
C ILE B 442 14.52 -10.73 4.05
N ARG B 443 14.41 -11.72 4.94
CA ARG B 443 15.49 -12.09 5.81
C ARG B 443 16.60 -12.62 4.93
N ALA B 444 17.75 -11.96 5.01
CA ALA B 444 18.83 -12.18 4.05
C ALA B 444 19.83 -13.29 4.38
N SER B 445 19.69 -13.91 5.57
CA SER B 445 20.57 -14.99 6.04
C SER B 445 19.97 -15.84 7.11
N ASP B 446 20.66 -16.92 7.45
CA ASP B 446 20.54 -17.66 8.69
C ASP B 446 20.43 -16.73 9.88
N ASP B 447 19.79 -17.24 10.93
CA ASP B 447 19.56 -16.48 12.18
C ASP B 447 20.83 -15.97 12.83
N PHE B 448 20.74 -14.75 13.28
CA PHE B 448 21.58 -14.31 14.36
C PHE B 448 21.54 -15.35 15.49
N TYR B 449 22.70 -15.89 15.87
CA TYR B 449 22.81 -16.85 17.01
C TYR B 449 23.67 -16.27 18.14
N PRO B 450 23.09 -15.69 19.19
CA PRO B 450 23.98 -15.00 20.16
C PRO B 450 24.91 -15.88 21.07
N ARG B 451 24.68 -17.18 21.17
CA ARG B 451 25.54 -18.08 22.01
C ARG B 451 26.42 -18.97 21.11
N ASP B 452 26.62 -18.54 19.87
CA ASP B 452 27.30 -19.33 18.86
C ASP B 452 28.40 -18.47 18.23
N PRO B 453 29.65 -18.58 18.74
CA PRO B 453 30.69 -17.64 18.28
C PRO B 453 31.13 -17.79 16.81
N VAL B 454 31.09 -19.00 16.27
CA VAL B 454 31.31 -19.19 14.84
C VAL B 454 30.37 -18.33 13.91
N SER B 455 29.13 -18.05 14.37
CA SER B 455 28.09 -17.48 13.50
C SER B 455 28.31 -16.03 13.05
N HIS B 456 29.00 -15.22 13.84
CA HIS B 456 28.98 -13.76 13.72
C HIS B 456 29.71 -13.21 12.50
N THR B 457 30.90 -13.73 12.21
CA THR B 457 31.60 -13.38 10.99
C THR B 457 30.86 -13.98 9.78
N ILE B 458 30.33 -15.21 9.94
CA ILE B 458 29.58 -15.85 8.86
C ILE B 458 28.35 -15.02 8.50
N HIS B 459 27.70 -14.44 9.52
CA HIS B 459 26.41 -13.79 9.35
C HIS B 459 26.59 -12.57 8.44
N ILE B 460 27.64 -11.79 8.69
CA ILE B 460 27.93 -10.55 7.96
C ILE B 460 28.30 -10.87 6.51
N ALA B 461 29.06 -11.95 6.32
CA ALA B 461 29.46 -12.37 5.00
C ALA B 461 28.23 -12.80 4.24
N SER B 462 27.41 -13.66 4.86
CA SER B 462 26.23 -14.22 4.17
C SER B 462 25.16 -13.18 3.77
N VAL B 463 24.94 -12.24 4.66
CA VAL B 463 24.03 -11.11 4.46
C VAL B 463 24.52 -10.25 3.28
N ALA B 464 25.81 -9.90 3.29
CA ALA B 464 26.34 -9.02 2.22
C ALA B 464 26.29 -9.66 0.85
N TYR B 465 26.76 -10.90 0.73
CA TYR B 465 26.75 -11.57 -0.58
C TYR B 465 25.31 -11.96 -1.04
N ASN B 466 24.48 -12.50 -0.15
CA ASN B 466 23.10 -12.89 -0.52
C ASN B 466 22.34 -11.67 -1.00
N SER B 467 22.59 -10.53 -0.37
CA SER B 467 21.92 -9.29 -0.76
C SER B 467 22.17 -8.89 -2.23
N VAL B 468 23.33 -9.20 -2.75
CA VAL B 468 23.62 -8.97 -4.13
C VAL B 468 22.46 -9.49 -4.96
N PHE B 469 21.94 -10.66 -4.60
CA PHE B 469 20.84 -11.29 -5.38
C PHE B 469 19.45 -11.06 -4.79
N LEU B 470 19.30 -11.22 -3.47
CA LEU B 470 17.99 -11.06 -2.82
C LEU B 470 17.49 -9.62 -2.95
N GLY B 471 18.41 -8.66 -2.93
CA GLY B 471 18.09 -7.24 -3.02
C GLY B 471 17.51 -6.85 -4.35
N GLU B 472 17.54 -7.74 -5.36
CA GLU B 472 16.87 -7.49 -6.61
C GLU B 472 15.36 -7.72 -6.53
N PHE B 473 14.93 -8.49 -5.53
CA PHE B 473 13.54 -8.83 -5.32
C PHE B 473 12.94 -8.05 -4.17
N MET B 474 13.60 -8.03 -3.00
CA MET B 474 13.05 -7.40 -1.80
C MET B 474 14.16 -6.67 -1.05
N GLN B 475 13.79 -5.78 -0.13
CA GLN B 475 14.76 -5.15 0.77
C GLN B 475 15.29 -6.18 1.79
N PRO B 476 16.61 -6.37 1.84
CA PRO B 476 17.11 -7.33 2.84
C PRO B 476 17.03 -6.86 4.26
N ASP B 477 16.77 -7.83 5.12
CA ASP B 477 16.69 -7.68 6.53
C ASP B 477 17.86 -8.53 7.07
N TRP B 478 18.76 -7.86 7.77
CA TRP B 478 20.02 -8.47 8.24
C TRP B 478 19.86 -8.97 9.67
N ASP B 479 18.62 -8.87 10.19
CA ASP B 479 18.11 -9.67 11.31
C ASP B 479 18.36 -8.96 12.60
N MET B 480 17.67 -9.42 13.62
CA MET B 480 17.86 -8.88 14.96
C MET B 480 19.30 -9.11 15.42
N PHE B 481 19.71 -8.36 16.45
CA PHE B 481 21.01 -8.55 17.09
C PHE B 481 20.87 -8.19 18.57
N HIS B 482 21.91 -8.45 19.38
CA HIS B 482 21.97 -7.99 20.79
C HIS B 482 22.84 -6.75 20.90
N SER B 483 22.38 -5.75 21.63
CA SER B 483 23.24 -4.57 21.91
C SER B 483 24.35 -4.82 22.98
N VAL B 484 24.16 -5.82 23.84
CA VAL B 484 25.16 -6.22 24.82
C VAL B 484 25.67 -7.59 24.42
N HIS B 485 26.90 -7.64 23.93
CA HIS B 485 27.43 -8.83 23.28
C HIS B 485 28.90 -8.57 22.88
N PRO B 486 29.78 -9.61 22.92
CA PRO B 486 31.18 -9.39 22.43
C PRO B 486 31.22 -8.77 21.03
N ALA B 487 30.39 -9.29 20.12
CA ALA B 487 30.27 -8.80 18.74
C ALA B 487 29.13 -7.77 18.46
N ALA B 488 28.81 -6.93 19.43
CA ALA B 488 27.65 -6.03 19.34
C ALA B 488 27.84 -4.91 18.32
N GLU B 489 29.01 -4.28 18.40
CA GLU B 489 29.33 -3.14 17.51
C GLU B 489 29.42 -3.67 16.06
N TYR B 490 29.94 -4.88 15.89
CA TYR B 490 30.13 -5.49 14.59
C TYR B 490 28.75 -5.70 13.98
N HIS B 491 27.83 -6.33 14.70
CA HIS B 491 26.48 -6.52 14.19
C HIS B 491 25.74 -5.22 13.95
N ALA B 492 25.81 -4.33 14.94
CA ALA B 492 25.10 -3.10 14.91
C ALA B 492 25.48 -2.24 13.72
N SER B 493 26.77 -2.14 13.47
CA SER B 493 27.24 -1.30 12.42
C SER B 493 26.73 -1.90 11.12
N ALA B 494 26.77 -3.24 10.98
CA ALA B 494 26.32 -3.86 9.74
C ALA B 494 24.86 -3.56 9.51
N ARG B 495 24.05 -3.56 10.56
CA ARG B 495 22.61 -3.26 10.41
C ARG B 495 22.37 -1.81 9.98
N ALA B 496 23.25 -0.93 10.44
CA ALA B 496 23.11 0.49 10.14
C ALA B 496 23.41 0.81 8.67
N ILE B 497 24.17 -0.04 7.99
CA ILE B 497 24.45 0.14 6.56
C ILE B 497 23.74 -0.92 5.72
N SER B 498 22.85 -1.72 6.31
CA SER B 498 22.14 -2.73 5.57
C SER B 498 21.11 -2.21 4.57
N GLY B 499 20.61 -1.00 4.79
CA GLY B 499 19.40 -0.50 4.09
C GLY B 499 18.09 -1.09 4.60
N GLY B 500 18.15 -1.97 5.61
CA GLY B 500 17.02 -2.80 5.99
C GLY B 500 16.53 -2.38 7.35
N PRO B 501 15.53 -3.07 7.86
CA PRO B 501 15.01 -2.80 9.21
C PRO B 501 16.06 -3.07 10.29
N LEU B 502 16.07 -2.21 11.30
CA LEU B 502 17.03 -2.20 12.38
C LEU B 502 16.28 -2.56 13.66
N TYR B 503 16.63 -3.68 14.27
CA TYR B 503 15.95 -4.11 15.47
C TYR B 503 16.77 -5.07 16.29
N VAL B 504 16.76 -4.89 17.61
CA VAL B 504 17.42 -5.78 18.55
C VAL B 504 16.49 -6.90 19.03
N SER B 505 17.08 -7.93 19.62
CA SER B 505 16.33 -8.89 20.44
C SER B 505 16.79 -8.94 21.86
N ASP B 506 17.03 -7.79 22.46
CA ASP B 506 17.59 -7.75 23.81
C ASP B 506 16.65 -8.32 24.84
N SER B 507 17.25 -8.86 25.91
CA SER B 507 16.49 -9.21 27.12
C SER B 507 16.14 -7.89 27.80
N PRO B 508 14.98 -7.81 28.43
CA PRO B 508 14.71 -6.53 29.08
C PRO B 508 15.66 -6.26 30.23
N GLY B 509 16.09 -5.01 30.36
CA GLY B 509 17.16 -4.65 31.29
C GLY B 509 18.58 -4.69 30.72
N LYS B 510 18.87 -5.67 29.84
CA LYS B 510 20.22 -5.87 29.26
C LYS B 510 20.40 -5.14 27.93
N HIS B 511 20.65 -3.84 28.03
CA HIS B 511 20.93 -2.96 26.87
C HIS B 511 22.21 -2.13 27.00
N ASN B 512 22.77 -1.72 25.85
CA ASN B 512 23.83 -0.72 25.78
C ASN B 512 23.33 0.47 24.97
N PHE B 513 22.87 1.49 25.70
CA PHE B 513 22.27 2.68 25.13
C PHE B 513 23.27 3.56 24.41
N GLU B 514 24.55 3.55 24.86
CA GLU B 514 25.59 4.26 24.10
C GLU B 514 25.70 3.68 22.66
N LEU B 515 25.67 2.35 22.55
CA LEU B 515 25.67 1.69 21.25
C LEU B 515 24.38 2.01 20.56
N LEU B 516 23.27 2.01 21.29
CA LEU B 516 21.97 2.16 20.62
C LEU B 516 21.73 3.57 20.08
N ARG B 517 22.29 4.59 20.72
CA ARG B 517 22.14 6.02 20.28
C ARG B 517 22.86 6.30 18.97
N LYS B 518 23.78 5.43 18.62
CA LYS B 518 24.41 5.46 17.31
C LYS B 518 23.50 4.91 16.17
N LEU B 519 22.37 4.25 16.51
CA LEU B 519 21.42 3.68 15.54
C LEU B 519 20.04 4.32 15.54
N VAL B 520 19.64 4.89 16.68
CA VAL B 520 18.26 5.26 16.95
C VAL B 520 18.22 6.59 17.63
N LEU B 521 17.51 7.52 17.01
CA LEU B 521 17.26 8.84 17.58
C LEU B 521 16.19 8.77 18.71
N PRO B 522 16.02 9.86 19.50
CA PRO B 522 15.05 9.86 20.62
C PRO B 522 13.57 9.61 20.27
N ASP B 523 13.18 9.89 19.04
CA ASP B 523 11.85 9.54 18.57
C ASP B 523 11.72 8.10 18.02
N GLY B 524 12.77 7.28 18.05
CA GLY B 524 12.66 5.88 17.55
C GLY B 524 12.94 5.72 16.07
N SER B 525 13.19 6.83 15.35
CA SER B 525 13.56 6.74 13.95
C SER B 525 15.02 6.36 13.83
N ILE B 526 15.35 5.77 12.68
CA ILE B 526 16.71 5.42 12.35
C ILE B 526 17.22 6.23 11.12
N LEU B 527 18.49 6.00 10.79
CA LEU B 527 19.08 6.53 9.56
C LEU B 527 19.25 5.39 8.54
N ARG B 528 18.18 5.08 7.83
CA ARG B 528 18.23 3.96 6.89
C ARG B 528 18.84 4.45 5.59
N ALA B 529 19.88 3.73 5.14
CA ALA B 529 20.38 3.85 3.76
C ALA B 529 19.31 3.41 2.75
N ARG B 530 19.42 3.89 1.53
CA ARG B 530 18.46 3.72 0.44
C ARG B 530 18.53 2.36 -0.30
N LEU B 531 19.60 1.62 -0.19
CA LEU B 531 19.79 0.45 -1.08
C LEU B 531 20.01 -0.82 -0.27
N PRO B 532 20.00 -1.98 -0.89
CA PRO B 532 20.54 -3.13 -0.13
C PRO B 532 22.08 -3.04 0.03
N GLY B 533 22.55 -3.11 1.25
CA GLY B 533 23.97 -3.26 1.55
C GLY B 533 24.60 -4.41 0.77
N ARG B 534 25.70 -4.15 0.07
CA ARG B 534 26.32 -5.14 -0.76
C ARG B 534 27.85 -5.01 -0.77
N PRO B 535 28.55 -6.09 -1.17
CA PRO B 535 30.00 -5.97 -1.29
C PRO B 535 30.34 -5.05 -2.45
N THR B 536 31.44 -4.32 -2.30
CA THR B 536 32.01 -3.48 -3.40
C THR B 536 32.45 -4.39 -4.53
N ARG B 537 32.64 -3.81 -5.70
CA ARG B 537 33.03 -4.50 -6.92
C ARG B 537 34.22 -5.39 -6.64
N ASP B 538 35.26 -4.83 -6.02
CA ASP B 538 36.49 -5.59 -5.73
C ASP B 538 36.38 -6.70 -4.66
N CYS B 539 35.22 -6.82 -3.97
CA CYS B 539 35.00 -7.93 -3.03
C CYS B 539 34.11 -9.00 -3.63
N LEU B 540 33.57 -8.79 -4.84
CA LEU B 540 32.60 -9.72 -5.36
C LEU B 540 33.19 -11.11 -5.58
N PHE B 541 34.45 -11.17 -5.98
CA PHE B 541 35.02 -12.45 -6.40
C PHE B 541 36.08 -12.98 -5.44
N ALA B 542 36.28 -12.29 -4.31
CA ALA B 542 37.24 -12.69 -3.31
C ALA B 542 36.53 -12.94 -1.98
N ASP B 543 36.42 -14.21 -1.64
CA ASP B 543 35.74 -14.63 -0.43
C ASP B 543 36.40 -14.12 0.87
N PRO B 544 35.79 -13.14 1.55
CA PRO B 544 36.42 -12.59 2.77
C PRO B 544 36.29 -13.49 4.00
N ALA B 545 35.64 -14.64 3.88
CA ALA B 545 35.54 -15.58 5.00
C ALA B 545 36.55 -16.72 4.94
N ARG B 546 37.17 -16.94 3.77
CA ARG B 546 37.98 -18.13 3.45
C ARG B 546 39.41 -17.83 2.90
N ASP B 547 39.59 -16.71 2.19
CA ASP B 547 40.74 -16.56 1.33
C ASP B 547 42.03 -16.09 2.07
N GLY B 548 41.92 -15.82 3.38
CA GLY B 548 43.03 -15.40 4.19
C GLY B 548 43.57 -14.02 3.94
N VAL B 549 43.16 -13.43 2.86
CA VAL B 549 43.85 -12.29 2.23
C VAL B 549 43.00 -11.01 2.25
N SER B 550 41.68 -11.14 2.07
CA SER B 550 40.82 -9.99 1.82
C SER B 550 39.84 -9.59 2.96
N LEU B 551 39.66 -8.29 3.11
CA LEU B 551 38.72 -7.69 4.02
C LEU B 551 37.39 -7.56 3.28
N LEU B 552 36.26 -7.63 3.99
CA LEU B 552 34.94 -7.36 3.34
C LEU B 552 34.64 -5.87 3.40
N LYS B 553 34.42 -5.27 2.21
CA LYS B 553 33.91 -3.88 2.10
C LYS B 553 32.44 -3.90 1.63
N ILE B 554 31.58 -3.34 2.47
CA ILE B 554 30.13 -3.20 2.19
C ILE B 554 29.81 -1.73 1.93
N TRP B 555 29.13 -1.48 0.82
CA TRP B 555 28.72 -0.10 0.46
C TRP B 555 27.20 0.07 0.44
N ASN B 556 26.77 1.30 0.73
CA ASN B 556 25.39 1.75 0.54
C ASN B 556 25.38 3.23 0.13
N MET B 557 24.19 3.73 -0.12
CA MET B 557 23.96 5.15 -0.44
C MET B 557 22.96 5.79 0.50
N ASN B 558 23.22 7.03 0.87
CA ASN B 558 22.20 7.90 1.43
C ASN B 558 21.77 8.82 0.28
N LYS B 559 21.12 9.94 0.53
CA LYS B 559 20.73 10.83 -0.56
C LYS B 559 21.91 11.72 -1.02
N TYR B 560 22.72 12.20 -0.08
CA TYR B 560 23.86 13.08 -0.39
C TYR B 560 25.22 12.55 0.11
N THR B 561 25.24 11.36 0.70
CA THR B 561 26.47 10.65 0.91
C THR B 561 26.37 9.20 0.51
N GLY B 562 27.50 8.58 0.30
CA GLY B 562 27.62 7.15 0.38
C GLY B 562 28.10 6.72 1.77
N VAL B 563 28.22 5.42 1.96
CA VAL B 563 28.67 4.92 3.26
C VAL B 563 29.43 3.66 2.95
N LEU B 564 30.49 3.41 3.71
CA LEU B 564 31.29 2.22 3.46
C LEU B 564 31.67 1.57 4.79
N GLY B 565 31.38 0.30 4.92
CA GLY B 565 31.75 -0.45 6.11
C GLY B 565 32.82 -1.46 5.67
N VAL B 566 33.84 -1.66 6.51
CA VAL B 566 34.94 -2.61 6.29
C VAL B 566 34.95 -3.58 7.45
N TYR B 567 35.09 -4.86 7.15
CA TYR B 567 34.85 -5.95 8.12
C TYR B 567 35.91 -6.98 7.83
N ASN B 568 36.46 -7.56 8.89
CA ASN B 568 37.24 -8.77 8.73
C ASN B 568 36.34 -9.87 9.17
N CYS B 569 35.91 -10.68 8.23
CA CYS B 569 35.18 -11.85 8.58
C CYS B 569 35.92 -13.07 8.14
N GLN B 570 37.28 -13.05 8.26
CA GLN B 570 38.06 -14.28 8.06
C GLN B 570 37.86 -15.26 9.23
N GLY B 571 38.07 -16.53 8.95
CA GLY B 571 38.27 -17.51 10.01
C GLY B 571 37.14 -18.46 10.28
N ALA B 572 36.02 -18.28 9.57
CA ALA B 572 34.88 -19.14 9.75
C ALA B 572 34.07 -19.23 8.46
N ALA B 573 33.56 -20.42 8.14
CA ALA B 573 32.66 -20.60 7.01
C ALA B 573 32.00 -21.96 7.05
N TRP B 574 30.98 -22.11 6.20
CA TRP B 574 30.45 -23.42 5.87
C TRP B 574 31.55 -24.31 5.19
N SER B 575 31.84 -25.48 5.81
CA SER B 575 32.73 -26.51 5.23
C SER B 575 32.06 -27.40 4.19
N SER B 576 32.62 -27.46 2.99
CA SER B 576 32.26 -28.48 2.00
C SER B 576 32.34 -29.98 2.42
N THR B 577 33.14 -30.32 3.45
CA THR B 577 33.34 -31.73 3.87
C THR B 577 32.46 -32.07 5.09
N GLU B 578 32.58 -31.29 6.15
CA GLU B 578 31.74 -31.47 7.33
C GLU B 578 30.24 -31.08 7.13
N ARG B 579 29.90 -30.33 6.07
CA ARG B 579 28.52 -29.90 5.71
C ARG B 579 27.89 -29.03 6.78
N LYS B 580 28.64 -28.10 7.36
CA LYS B 580 28.13 -27.22 8.43
C LYS B 580 29.11 -26.09 8.67
N ASN B 581 28.66 -25.07 9.37
CA ASN B 581 29.47 -23.93 9.75
C ASN B 581 30.51 -24.31 10.85
N ILE B 582 31.80 -24.01 10.57
CA ILE B 582 32.95 -24.25 11.49
C ILE B 582 34.02 -23.17 11.33
N PHE B 583 34.73 -22.93 12.44
CA PHE B 583 36.04 -22.25 12.38
C PHE B 583 37.00 -22.99 11.42
N HIS B 584 37.92 -22.23 10.83
CA HIS B 584 39.08 -22.83 10.12
C HIS B 584 40.37 -22.01 10.42
N GLN B 585 41.50 -22.45 9.90
CA GLN B 585 42.80 -21.77 10.16
C GLN B 585 42.99 -20.48 9.36
N THR B 586 43.44 -19.43 10.04
CA THR B 586 43.83 -18.22 9.34
C THR B 586 45.04 -17.58 9.97
N LYS B 587 46.07 -17.44 9.12
CA LYS B 587 47.30 -16.66 9.35
C LYS B 587 47.18 -15.52 10.36
N THR B 588 47.29 -14.25 9.95
CA THR B 588 47.51 -13.19 10.92
C THR B 588 46.27 -13.01 11.78
N ASP B 589 46.45 -12.10 12.70
CA ASP B 589 45.35 -11.38 13.23
C ASP B 589 45.08 -10.32 12.14
N SER B 590 46.05 -9.44 11.86
CA SER B 590 45.75 -8.18 11.17
C SER B 590 45.74 -8.31 9.66
N LEU B 591 44.67 -7.83 9.02
CA LEU B 591 44.56 -7.91 7.55
C LEU B 591 44.48 -6.49 7.06
N THR B 592 45.26 -6.18 6.03
CA THR B 592 45.37 -4.82 5.49
C THR B 592 44.57 -4.79 4.21
N GLY B 593 44.12 -3.60 3.84
CA GLY B 593 43.45 -3.41 2.55
C GLY B 593 43.30 -1.95 2.34
N SER B 594 42.37 -1.56 1.49
CA SER B 594 42.18 -0.14 1.27
C SER B 594 40.81 0.27 0.76
N ILE B 595 40.58 1.57 0.89
CA ILE B 595 39.29 2.21 0.65
C ILE B 595 39.53 3.27 -0.43
N ARG B 596 38.62 3.40 -1.37
CA ARG B 596 38.56 4.56 -2.28
C ARG B 596 37.14 5.09 -2.33
N GLY B 597 37.03 6.36 -2.74
CA GLY B 597 35.71 6.97 -3.04
C GLY B 597 34.83 6.06 -3.87
N ARG B 598 35.42 5.47 -4.90
CA ARG B 598 34.67 4.76 -5.90
C ARG B 598 34.29 3.34 -5.53
N ASP B 599 34.80 2.80 -4.44
CA ASP B 599 34.28 1.53 -3.91
C ASP B 599 32.76 1.66 -3.65
N VAL B 600 32.33 2.81 -3.12
CA VAL B 600 30.89 3.18 -3.13
C VAL B 600 30.47 3.34 -4.59
N HIS B 601 30.05 2.22 -5.18
CA HIS B 601 29.74 2.17 -6.60
C HIS B 601 28.81 3.29 -7.16
N SER B 602 27.75 3.66 -6.44
CA SER B 602 26.80 4.67 -6.99
C SER B 602 27.05 6.10 -6.47
N ILE B 603 28.21 6.34 -5.87
CA ILE B 603 28.54 7.60 -5.25
C ILE B 603 28.23 8.88 -6.06
N SER B 604 28.47 8.86 -7.38
CA SER B 604 27.96 9.92 -8.30
C SER B 604 26.62 10.46 -7.93
N GLU B 605 25.70 9.53 -7.61
CA GLU B 605 24.31 9.89 -7.36
C GLU B 605 24.14 10.74 -6.14
N ALA B 606 25.13 10.76 -5.26
CA ALA B 606 25.15 11.65 -4.11
C ALA B 606 25.64 13.06 -4.42
N SER B 607 26.27 13.26 -5.58
CA SER B 607 26.69 14.61 -6.04
C SER B 607 25.47 15.43 -6.47
N THR B 608 25.45 16.69 -6.04
CA THR B 608 24.50 17.70 -6.57
C THR B 608 24.77 18.06 -8.03
N ASP B 609 26.01 17.89 -8.48
CA ASP B 609 26.35 18.15 -9.88
C ASP B 609 27.22 17.03 -10.40
N PRO B 610 26.58 15.88 -10.76
CA PRO B 610 27.36 14.72 -11.27
C PRO B 610 28.25 15.03 -12.48
N THR B 611 27.72 15.72 -13.49
CA THR B 611 28.44 15.99 -14.75
C THR B 611 29.68 16.92 -14.65
N THR B 612 29.81 17.71 -13.58
CA THR B 612 31.05 18.52 -13.32
C THR B 612 31.86 18.10 -12.10
N TRP B 613 31.49 17.00 -11.47
CA TRP B 613 32.16 16.60 -10.24
C TRP B 613 33.47 15.88 -10.60
N ASN B 614 34.58 16.34 -10.03
CA ASN B 614 35.93 15.75 -10.28
C ASN B 614 36.20 14.36 -9.61
N GLY B 615 35.37 13.98 -8.64
CA GLY B 615 35.39 12.62 -8.10
C GLY B 615 36.04 12.54 -6.73
N ASP B 616 36.32 13.70 -6.14
CA ASP B 616 36.92 13.79 -4.80
C ASP B 616 35.84 13.67 -3.72
N CYS B 617 36.19 12.99 -2.65
CA CYS B 617 35.29 12.71 -1.57
C CYS B 617 35.89 13.16 -0.27
N ALA B 618 35.08 13.71 0.61
CA ALA B 618 35.48 13.76 2.01
C ALA B 618 35.11 12.40 2.61
N VAL B 619 36.04 11.81 3.35
CA VAL B 619 35.86 10.48 3.93
C VAL B 619 36.04 10.63 5.43
N TYR B 620 34.98 10.29 6.18
CA TYR B 620 34.95 10.42 7.62
C TYR B 620 34.84 9.07 8.31
N SER B 621 35.77 8.80 9.22
CA SER B 621 35.77 7.56 9.98
C SER B 621 34.96 7.71 11.23
N GLN B 622 33.90 6.90 11.35
CA GLN B 622 33.04 6.89 12.55
C GLN B 622 33.83 6.72 13.84
N SER B 623 34.61 5.66 13.94
CA SER B 623 35.25 5.27 15.22
C SER B 623 36.34 6.25 15.68
N ARG B 624 37.26 6.61 14.79
CA ARG B 624 38.33 7.60 15.04
C ARG B 624 37.85 9.06 15.03
N GLY B 625 36.81 9.38 14.25
CA GLY B 625 36.40 10.79 14.11
C GLY B 625 37.36 11.70 13.34
N GLU B 626 38.14 11.09 12.46
CA GLU B 626 39.04 11.82 11.61
C GLU B 626 38.39 11.97 10.26
N LEU B 627 38.54 13.16 9.70
CA LEU B 627 38.13 13.51 8.38
C LEU B 627 39.35 13.57 7.48
N ILE B 628 39.28 12.97 6.32
CA ILE B 628 40.37 12.90 5.38
C ILE B 628 39.79 13.18 4.02
N VAL B 629 40.40 14.11 3.29
CA VAL B 629 40.03 14.39 1.90
C VAL B 629 40.77 13.40 1.01
N MET B 630 40.09 12.88 -0.01
CA MET B 630 40.68 11.86 -0.87
C MET B 630 40.33 12.04 -2.32
N PRO B 631 41.35 12.39 -3.13
CA PRO B 631 41.11 12.56 -4.55
C PRO B 631 40.57 11.30 -5.19
N TYR B 632 40.03 11.48 -6.39
CA TYR B 632 39.47 10.41 -7.20
C TYR B 632 40.53 9.33 -7.43
N ASN B 633 40.13 8.06 -7.30
CA ASN B 633 41.03 6.94 -7.61
C ASN B 633 42.24 6.80 -6.65
N VAL B 634 42.30 7.62 -5.60
CA VAL B 634 43.37 7.57 -4.63
C VAL B 634 42.88 6.70 -3.48
N SER B 635 43.71 5.81 -2.95
CA SER B 635 43.24 4.86 -1.93
C SER B 635 43.76 5.24 -0.58
N LEU B 636 43.08 4.73 0.44
CA LEU B 636 43.43 4.97 1.81
C LEU B 636 43.54 3.59 2.48
N PRO B 637 44.63 3.36 3.21
CA PRO B 637 44.86 2.06 3.82
C PRO B 637 44.01 1.80 5.07
N VAL B 638 43.56 0.56 5.20
CA VAL B 638 42.86 0.14 6.41
C VAL B 638 43.41 -1.20 6.82
N SER B 639 43.20 -1.53 8.09
CA SER B 639 43.74 -2.75 8.63
C SER B 639 42.88 -3.17 9.78
N LEU B 640 42.55 -4.45 9.86
CA LEU B 640 41.58 -4.90 10.85
C LEU B 640 41.86 -6.30 11.26
N LYS B 641 41.76 -6.57 12.57
CA LYS B 641 41.81 -7.95 13.08
C LYS B 641 40.48 -8.68 12.83
N ILE B 642 40.47 -10.00 13.07
CA ILE B 642 39.23 -10.81 12.92
C ILE B 642 38.10 -10.24 13.80
N ARG B 643 36.93 -10.05 13.18
CA ARG B 643 35.75 -9.49 13.84
C ARG B 643 35.89 -8.03 14.34
N GLU B 644 36.80 -7.28 13.74
CA GLU B 644 36.86 -5.83 13.89
C GLU B 644 36.22 -5.19 12.67
N HIS B 645 35.89 -3.92 12.81
CA HIS B 645 35.21 -3.21 11.71
C HIS B 645 35.51 -1.75 11.77
N GLU B 646 35.18 -1.06 10.69
CA GLU B 646 35.21 0.40 10.67
C GLU B 646 34.18 0.87 9.67
N ILE B 647 33.51 1.97 9.98
CA ILE B 647 32.53 2.61 9.15
C ILE B 647 33.07 3.96 8.63
N PHE B 648 32.96 4.18 7.34
CA PHE B 648 33.30 5.44 6.70
C PHE B 648 32.06 6.00 5.99
N THR B 649 31.72 7.26 6.29
CA THR B 649 30.82 8.04 5.44
C THR B 649 31.71 8.68 4.36
N VAL B 650 31.24 8.64 3.11
CA VAL B 650 31.94 9.09 1.93
C VAL B 650 31.05 10.15 1.23
N SER B 651 31.37 11.44 1.41
CA SER B 651 30.57 12.55 0.84
C SER B 651 31.22 13.21 -0.37
N PRO B 652 30.55 13.27 -1.51
CA PRO B 652 31.12 13.97 -2.69
C PRO B 652 31.49 15.40 -2.38
N ILE B 653 32.72 15.81 -2.69
CA ILE B 653 33.14 17.19 -2.51
C ILE B 653 32.62 18.04 -3.65
N SER B 654 32.08 19.22 -3.32
CA SER B 654 31.60 20.22 -4.31
C SER B 654 32.48 21.47 -4.26
N HIS B 655 32.93 21.92 -5.43
CA HIS B 655 33.75 23.15 -5.57
C HIS B 655 32.80 24.34 -5.85
N LEU B 656 32.62 25.21 -4.85
CA LEU B 656 31.76 26.41 -4.99
C LEU B 656 32.43 27.48 -5.89
N VAL B 657 33.49 28.11 -5.38
CA VAL B 657 34.50 28.75 -6.23
C VAL B 657 35.86 28.33 -5.72
N ASP B 658 36.88 28.52 -6.56
CA ASP B 658 38.23 28.00 -6.29
C ASP B 658 38.72 28.52 -4.93
N GLY B 659 39.37 27.65 -4.15
CA GLY B 659 39.63 27.93 -2.74
C GLY B 659 38.54 27.38 -1.80
N VAL B 660 37.29 27.35 -2.27
CA VAL B 660 36.13 26.98 -1.44
C VAL B 660 35.46 25.67 -1.88
N SER B 661 35.61 24.64 -1.06
CA SER B 661 35.13 23.29 -1.36
C SER B 661 34.39 22.80 -0.15
N PHE B 662 33.37 21.97 -0.36
CA PHE B 662 32.49 21.58 0.74
C PHE B 662 31.85 20.23 0.53
N ALA B 663 31.62 19.54 1.65
CA ALA B 663 30.83 18.30 1.64
C ALA B 663 30.14 18.09 3.00
N PRO B 664 28.88 17.66 2.98
CA PRO B 664 28.20 17.32 4.22
C PRO B 664 28.63 15.93 4.75
N ILE B 665 28.78 15.74 6.05
CA ILE B 665 28.99 14.38 6.61
C ILE B 665 27.71 13.88 7.24
N GLY B 666 27.13 14.71 8.10
CA GLY B 666 25.92 14.33 8.86
C GLY B 666 26.13 14.12 10.33
N LEU B 667 25.36 13.20 10.93
CA LEU B 667 25.36 12.99 12.37
C LEU B 667 26.55 12.07 12.74
N VAL B 668 27.67 12.70 13.04
CA VAL B 668 28.96 12.01 13.15
C VAL B 668 29.07 11.00 14.27
N ASN B 669 28.23 11.11 15.29
CA ASN B 669 28.12 10.11 16.33
C ASN B 669 27.10 9.02 16.06
N MET B 670 26.57 8.94 14.84
CA MET B 670 25.74 7.81 14.42
C MET B 670 26.45 7.11 13.28
N TYR B 671 26.24 5.79 13.22
CA TYR B 671 26.92 4.93 12.27
C TYR B 671 26.72 5.44 10.87
N ASN B 672 25.46 5.58 10.45
CA ASN B 672 25.19 6.01 9.07
C ASN B 672 24.99 7.52 9.01
N SER B 673 26.08 8.25 9.22
CA SER B 673 26.02 9.65 9.54
C SER B 673 25.27 10.41 8.49
N GLY B 674 25.54 10.08 7.24
CA GLY B 674 24.92 10.70 6.08
C GLY B 674 23.45 10.46 5.79
N GLY B 675 22.86 9.44 6.40
CA GLY B 675 21.42 9.29 6.31
C GLY B 675 20.63 10.47 6.90
N ALA B 676 21.24 11.33 7.73
CA ALA B 676 20.54 12.47 8.35
C ALA B 676 20.30 13.68 7.40
N ILE B 677 21.00 13.70 6.26
CA ILE B 677 20.94 14.86 5.36
C ILE B 677 19.83 14.59 4.37
N GLU B 678 18.73 15.34 4.49
CA GLU B 678 17.60 15.14 3.60
C GLU B 678 17.60 16.15 2.46
N GLY B 679 18.33 17.25 2.60
CA GLY B 679 18.31 18.34 1.59
C GLY B 679 19.63 19.07 1.56
N LEU B 680 20.13 19.34 0.37
CA LEU B 680 21.43 20.00 0.20
C LEU B 680 21.38 20.86 -1.04
N ARG B 681 21.77 22.11 -0.90
CA ARG B 681 21.80 23.04 -2.03
C ARG B 681 23.03 23.94 -1.87
N TYR B 682 23.78 24.06 -2.96
CA TYR B 682 24.95 24.91 -2.97
C TYR B 682 24.52 26.24 -3.63
N GLU B 683 24.74 27.34 -2.91
CA GLU B 683 24.54 28.69 -3.46
C GLU B 683 25.92 29.32 -3.64
N ALA B 684 26.47 29.16 -4.84
CA ALA B 684 27.88 29.51 -5.16
C ALA B 684 28.12 31.02 -5.24
N GLU B 685 27.15 31.72 -5.85
CA GLU B 685 27.12 33.19 -5.97
C GLU B 685 26.96 33.94 -4.63
N LYS B 686 26.49 33.25 -3.60
CA LYS B 686 26.31 33.87 -2.29
C LYS B 686 27.23 33.18 -1.25
N MET B 687 28.17 32.36 -1.74
CA MET B 687 29.07 31.50 -0.95
C MET B 687 28.43 30.80 0.30
N LYS B 688 27.26 30.17 0.06
CA LYS B 688 26.46 29.50 1.11
C LYS B 688 26.06 28.03 0.81
N VAL B 689 26.01 27.22 1.85
CA VAL B 689 25.48 25.86 1.77
C VAL B 689 24.20 25.75 2.61
N VAL B 690 23.11 25.28 2.01
CA VAL B 690 21.82 25.13 2.71
C VAL B 690 21.39 23.64 2.74
N MET B 691 21.15 23.17 3.95
CA MET B 691 20.88 21.76 4.22
C MET B 691 19.69 21.61 5.13
N GLU B 692 18.96 20.50 4.89
CA GLU B 692 17.88 20.03 5.76
C GLU B 692 18.34 18.73 6.45
N VAL B 693 18.39 18.77 7.78
CA VAL B 693 18.98 17.68 8.58
C VAL B 693 18.03 17.11 9.59
N LYS B 694 17.78 15.81 9.50
CA LYS B 694 16.93 15.18 10.45
C LYS B 694 17.68 14.82 11.71
N GLY B 695 16.92 14.54 12.75
CA GLY B 695 17.48 14.16 14.03
C GLY B 695 18.10 15.25 14.86
N CYS B 696 19.07 14.82 15.69
CA CYS B 696 19.77 15.69 16.64
C CYS B 696 21.11 15.07 17.04
N GLY B 697 21.89 15.85 17.80
CA GLY B 697 23.27 15.47 18.26
C GLY B 697 24.31 16.17 17.38
N LYS B 698 25.52 15.66 17.36
CA LYS B 698 26.59 16.40 16.66
C LYS B 698 26.58 16.23 15.15
N PHE B 699 26.62 17.37 14.44
CA PHE B 699 26.58 17.41 12.97
C PHE B 699 27.94 17.84 12.43
N GLY B 700 28.40 17.15 11.42
CA GLY B 700 29.71 17.35 10.81
C GLY B 700 29.65 17.65 9.34
N SER B 701 30.66 18.38 8.88
CA SER B 701 30.86 18.72 7.48
C SER B 701 32.36 18.92 7.17
N TYR B 702 32.71 18.82 5.89
CA TYR B 702 34.02 19.23 5.38
C TYR B 702 33.89 20.59 4.74
N SER B 703 34.70 21.55 5.17
CA SER B 703 34.83 22.81 4.42
C SER B 703 36.32 23.09 4.28
N SER B 704 36.75 23.46 3.08
CA SER B 704 38.18 23.84 2.88
C SER B 704 38.56 25.13 3.66
N VAL B 705 37.59 26.01 3.88
CA VAL B 705 37.79 27.26 4.61
C VAL B 705 37.03 27.22 5.95
N LYS B 706 37.48 28.00 6.92
CA LYS B 706 36.70 28.20 8.15
C LYS B 706 35.50 29.01 7.74
N PRO B 707 34.28 28.48 8.01
CA PRO B 707 33.05 29.24 7.76
C PRO B 707 32.98 30.57 8.51
N LYS B 708 32.22 31.53 7.98
CA LYS B 708 31.98 32.77 8.71
C LYS B 708 30.97 32.47 9.83
N ARG B 709 29.78 32.00 9.42
CA ARG B 709 28.67 31.70 10.32
C ARG B 709 28.14 30.31 9.97
N CYS B 710 27.72 29.60 11.02
CA CYS B 710 26.81 28.45 10.93
C CYS B 710 25.45 28.84 11.52
N VAL B 711 24.37 28.60 10.75
CA VAL B 711 22.99 29.01 11.12
C VAL B 711 21.98 27.84 11.14
N VAL B 712 21.25 27.72 12.24
CA VAL B 712 20.22 26.69 12.42
C VAL B 712 18.92 27.42 12.85
N GLU B 713 17.83 27.20 12.09
CA GLU B 713 16.53 27.87 12.29
C GLU B 713 16.72 29.39 12.38
N SER B 714 17.45 29.92 11.41
CA SER B 714 17.75 31.36 11.27
C SER B 714 18.56 32.01 12.40
N ASN B 715 19.02 31.21 13.38
CA ASN B 715 19.88 31.67 14.48
C ASN B 715 21.36 31.25 14.31
N GLU B 716 22.27 32.19 14.54
CA GLU B 716 23.71 31.88 14.67
C GLU B 716 23.96 30.88 15.84
N ILE B 717 24.95 29.99 15.67
CA ILE B 717 25.35 29.03 16.76
C ILE B 717 26.86 28.79 16.82
N ALA B 718 27.31 28.39 18.00
CA ALA B 718 28.73 28.08 18.21
C ALA B 718 29.09 26.92 17.26
N PHE B 719 30.30 27.00 16.68
CA PHE B 719 30.81 25.91 15.86
C PHE B 719 32.33 25.74 16.08
N GLU B 720 32.81 24.51 15.94
CA GLU B 720 34.23 24.18 15.94
C GLU B 720 34.74 23.92 14.51
N TYR B 721 36.02 24.25 14.28
CA TYR B 721 36.70 24.08 12.98
C TYR B 721 38.18 23.77 13.10
N ASP B 722 38.56 22.60 12.55
CA ASP B 722 39.94 22.11 12.51
C ASP B 722 40.44 22.53 11.12
N SER B 723 41.38 23.47 11.09
CA SER B 723 41.93 24.00 9.81
C SER B 723 42.74 22.94 9.06
N SER B 724 43.30 21.98 9.81
CA SER B 724 44.06 20.88 9.24
C SER B 724 43.22 19.93 8.36
N SER B 725 42.25 19.23 8.95
CA SER B 725 41.33 18.31 8.21
C SER B 725 40.22 19.00 7.39
N GLY B 726 39.72 20.14 7.87
CA GLY B 726 38.53 20.83 7.30
C GLY B 726 37.19 20.49 7.98
N LEU B 727 37.25 19.97 9.20
CA LEU B 727 36.08 19.44 9.90
C LEU B 727 35.28 20.56 10.58
N VAL B 728 34.10 20.88 10.04
CA VAL B 728 33.13 21.76 10.70
C VAL B 728 32.21 20.90 11.57
N THR B 729 32.04 21.30 12.81
CA THR B 729 31.23 20.57 13.75
C THR B 729 30.33 21.57 14.55
N PHE B 730 29.07 21.22 14.77
CA PHE B 730 28.19 21.97 15.70
C PHE B 730 27.02 21.12 16.13
N GLU B 731 26.56 21.36 17.36
CA GLU B 731 25.51 20.55 17.96
C GLU B 731 24.14 20.97 17.42
N LEU B 732 23.28 19.98 17.25
CA LEU B 732 21.87 20.17 17.09
C LEU B 732 21.32 19.57 18.36
N ASP B 733 20.97 20.45 19.30
CA ASP B 733 20.68 20.09 20.70
C ASP B 733 19.43 19.25 20.85
N LYS B 734 18.38 19.60 20.10
CA LYS B 734 17.04 19.01 20.26
C LYS B 734 16.50 18.47 18.93
N MET B 735 15.60 17.48 18.99
CA MET B 735 14.88 17.06 17.79
C MET B 735 14.13 18.29 17.22
N PRO B 736 13.73 18.24 15.95
CA PRO B 736 12.96 19.38 15.42
C PRO B 736 11.60 19.52 16.16
N ILE B 737 11.31 20.71 16.72
CA ILE B 737 10.06 21.00 17.49
C ILE B 737 8.89 21.19 16.51
N GLU B 738 7.71 20.69 16.89
CA GLU B 738 6.61 20.26 15.97
C GLU B 738 6.99 18.81 15.48
N ASN B 739 6.38 18.12 14.51
CA ASN B 739 5.56 18.54 13.34
C ASN B 739 6.29 19.36 12.26
N LYS B 740 7.58 19.69 12.49
CA LYS B 740 8.39 20.46 11.54
C LYS B 740 9.64 19.71 11.04
N ARG B 741 9.73 18.42 11.38
CA ARG B 741 10.46 17.38 10.61
C ARG B 741 12.01 17.50 10.47
N PHE B 742 12.55 18.63 9.98
CA PHE B 742 13.97 18.75 9.60
C PHE B 742 14.53 20.05 10.19
N HIS B 743 15.75 20.03 10.72
CA HIS B 743 16.50 21.27 11.03
C HIS B 743 16.94 21.96 9.73
N LEU B 744 16.75 23.27 9.61
CA LEU B 744 17.20 24.03 8.45
C LEU B 744 18.57 24.64 8.80
N ILE B 745 19.61 24.29 8.04
CA ILE B 745 21.00 24.72 8.31
C ILE B 745 21.55 25.49 7.10
N GLN B 746 22.15 26.66 7.36
CA GLN B 746 22.87 27.46 6.36
C GLN B 746 24.29 27.58 6.84
N VAL B 747 25.25 27.24 5.97
CA VAL B 747 26.64 27.50 6.29
C VAL B 747 27.14 28.56 5.33
N GLU B 748 27.52 29.70 5.91
CA GLU B 748 28.02 30.83 5.14
C GLU B 748 29.55 30.70 5.05
N LEU B 749 30.05 30.55 3.84
CA LEU B 749 31.49 30.37 3.62
C LEU B 749 32.10 31.65 3.06
#